data_6L0B
#
_entry.id   6L0B
#
_cell.length_a   85.474
_cell.length_b   88.430
_cell.length_c   103.165
_cell.angle_alpha   90.000
_cell.angle_beta   95.410
_cell.angle_gamma   90.000
#
_symmetry.space_group_name_H-M   'P 1 21 1'
#
loop_
_entity.id
_entity.type
_entity.pdbx_description
1 polymer Dihydroorotase
2 non-polymer 'ZINC ION'
3 non-polymer 5-FLUOROURACIL
4 water water
#
_entity_poly.entity_id   1
_entity_poly.type   'polypeptide(L)'
_entity_poly.pdbx_seq_one_letter_code
;MVQEIDLGLTCDMHVHVREGAMCELVTPKIRDGGVSIAYIMPNLQPPITTLDRVIEYKKTLQKLAPKTTFLMSFYLSKDL
TPDLIHEAAQQHAIRGV(KCX)CYPAGVTTNSAAGVDPNDFSAFYPIFKAMQEENLVLNLHGEKPSVHDGDKEPIHVLNA
EEAFLPALKKLHNDFPNLKIILEHCTSESAIKTIEDINKNVKKATDVKVAATLTAHHLFLTIDDWAGNPVNFCKPVAKLP
NDKKALVKAAVSGKPYFFFGSDSAPHPVQNKANYEGVCAGVYSQSFAIPYIAQVFEEQNALENLKGFVSDFGISFYEVKD
SEVASSDKAILFKKEQVIPQVISDGKDISIIPFKAGDKLSWSVRWEPRLEHHHHHH
;
_entity_poly.pdbx_strand_id   A,C,B,D
#
# COMPACT_ATOMS: atom_id res chain seq x y z
N VAL A 2 -1.19 14.81 38.31
CA VAL A 2 -1.72 15.53 39.47
C VAL A 2 -1.63 17.04 39.16
N GLN A 3 -1.31 17.84 40.19
CA GLN A 3 -1.11 19.28 40.17
C GLN A 3 0.33 19.66 39.83
N GLU A 4 1.30 18.96 40.40
CA GLU A 4 2.70 19.22 40.11
C GLU A 4 3.40 17.91 39.78
N ILE A 5 4.37 17.97 38.88
CA ILE A 5 5.20 16.81 38.57
C ILE A 5 6.66 17.26 38.58
N ASP A 6 7.46 16.66 39.46
CA ASP A 6 8.90 16.92 39.50
C ASP A 6 9.58 16.07 38.44
N LEU A 7 10.13 16.73 37.43
CA LEU A 7 10.74 16.01 36.32
C LEU A 7 12.25 15.96 36.44
N GLY A 8 12.81 16.56 37.47
CA GLY A 8 14.24 16.44 37.66
C GLY A 8 14.98 17.26 36.65
N LEU A 9 16.05 16.67 36.12
CA LEU A 9 16.91 17.32 35.13
C LEU A 9 16.42 16.91 33.75
N THR A 10 15.57 17.75 33.19
CA THR A 10 15.05 17.51 31.86
C THR A 10 16.15 17.69 30.82
N CYS A 11 16.07 16.90 29.76
CA CYS A 11 17.04 16.94 28.68
C CYS A 11 16.30 16.98 27.34
N ASP A 12 16.74 17.89 26.47
CA ASP A 12 16.28 18.01 25.09
C ASP A 12 17.47 17.72 24.19
N MET A 13 17.50 16.52 23.61
CA MET A 13 18.69 16.02 22.93
C MET A 13 18.68 16.33 21.43
N HIS A 14 18.09 17.46 21.03
CA HIS A 14 18.09 17.90 19.64
C HIS A 14 17.72 19.38 19.63
N VAL A 15 18.71 20.25 19.71
CA VAL A 15 18.49 21.67 19.85
C VAL A 15 19.27 22.40 18.77
N HIS A 16 18.65 23.41 18.16
CA HIS A 16 19.34 24.38 17.32
C HIS A 16 19.17 25.78 17.90
N VAL A 17 20.27 26.54 18.03
CA VAL A 17 20.23 27.88 18.62
C VAL A 17 20.88 28.93 17.74
N ARG A 18 21.43 28.56 16.59
CA ARG A 18 21.97 29.51 15.60
C ARG A 18 23.10 30.31 16.24
N GLU A 19 23.31 31.51 15.70
CA GLU A 19 24.34 32.44 16.16
C GLU A 19 23.75 33.83 16.30
N GLY A 20 24.60 34.83 16.58
CA GLY A 20 24.21 36.23 16.46
C GLY A 20 22.99 36.57 17.28
N ALA A 21 22.19 37.49 16.73
CA ALA A 21 21.01 37.98 17.47
C ALA A 21 20.00 36.86 17.71
N MET A 22 19.89 35.90 16.78
CA MET A 22 18.99 34.77 16.99
C MET A 22 19.39 34.00 18.24
N CYS A 23 20.69 33.71 18.33
CA CYS A 23 21.27 32.98 19.50
C CYS A 23 20.93 33.71 20.79
N GLU A 24 21.23 35.02 20.88
CA GLU A 24 20.93 35.76 22.10
C GLU A 24 19.45 35.66 22.45
N LEU A 25 18.61 35.55 21.42
CA LEU A 25 17.18 35.39 21.64
C LEU A 25 16.84 34.00 22.14
N VAL A 26 17.48 32.98 21.56
CA VAL A 26 16.95 31.62 21.69
C VAL A 26 17.55 30.87 22.86
N THR A 27 18.85 31.02 23.09
CA THR A 27 19.53 30.24 24.13
C THR A 27 18.92 30.36 25.53
N PRO A 28 18.52 31.54 26.01
CA PRO A 28 17.83 31.57 27.33
C PRO A 28 16.47 30.85 27.35
N LYS A 29 15.87 30.58 26.19
CA LYS A 29 14.57 29.92 26.19
C LYS A 29 14.65 28.41 26.40
N ILE A 30 15.84 27.81 26.33
CA ILE A 30 15.98 26.41 26.74
C ILE A 30 15.54 26.26 28.19
N ARG A 31 16.06 27.13 29.07
CA ARG A 31 15.65 27.08 30.46
C ARG A 31 14.20 27.52 30.61
N ASP A 32 13.81 28.55 29.88
CA ASP A 32 12.42 29.01 29.95
C ASP A 32 11.47 27.91 29.51
N GLY A 33 11.91 27.04 28.61
CA GLY A 33 11.07 25.93 28.19
C GLY A 33 10.97 24.78 29.15
N GLY A 34 11.75 24.80 30.23
CA GLY A 34 11.76 23.71 31.17
C GLY A 34 12.85 22.69 30.96
N VAL A 35 13.91 23.02 30.21
CA VAL A 35 14.96 22.08 29.85
C VAL A 35 16.26 22.52 30.51
N SER A 36 16.92 21.60 31.19
CA SER A 36 18.20 21.89 31.82
C SER A 36 19.39 21.44 31.00
N ILE A 37 19.26 20.28 30.35
CA ILE A 37 20.32 19.72 29.52
C ILE A 37 19.87 19.77 28.07
N ALA A 38 20.73 20.30 27.21
CA ALA A 38 20.43 20.49 25.80
C ALA A 38 21.61 20.04 24.97
N TYR A 39 21.35 19.19 23.98
CA TYR A 39 22.37 18.76 23.01
C TYR A 39 22.37 19.73 21.82
N ILE A 40 23.46 20.46 21.62
CA ILE A 40 23.49 21.54 20.62
C ILE A 40 23.95 20.99 19.27
N MET A 41 23.26 21.39 18.20
CA MET A 41 23.50 20.86 16.86
C MET A 41 24.47 21.73 16.06
N PRO A 42 25.18 21.16 15.08
CA PRO A 42 26.32 21.87 14.46
C PRO A 42 26.08 22.56 13.11
N ASN A 43 24.83 22.62 12.61
CA ASN A 43 24.58 23.08 11.25
C ASN A 43 24.50 24.61 11.18
N LEU A 44 25.59 25.24 11.60
CA LEU A 44 25.77 26.67 11.42
C LEU A 44 26.42 26.90 10.05
N GLN A 45 26.73 28.15 9.73
CA GLN A 45 27.39 28.51 8.46
C GLN A 45 28.67 29.25 8.79
N PRO A 46 29.86 28.61 8.61
CA PRO A 46 30.07 27.25 8.10
C PRO A 46 29.78 26.20 9.16
N PRO A 47 29.67 24.94 8.78
CA PRO A 47 29.40 23.90 9.78
C PRO A 47 30.49 23.82 10.83
N ILE A 48 30.12 23.37 12.03
CA ILE A 48 31.06 23.25 13.14
C ILE A 48 31.87 21.96 12.97
N THR A 49 33.17 22.13 12.64
CA THR A 49 34.04 21.01 12.37
C THR A 49 35.41 21.12 13.04
N THR A 50 35.69 22.19 13.77
CA THR A 50 36.99 22.38 14.41
C THR A 50 36.84 22.58 15.91
N LEU A 51 37.92 22.27 16.63
CA LEU A 51 37.91 22.31 18.09
C LEU A 51 37.74 23.72 18.61
N ASP A 52 38.41 24.69 17.97
CA ASP A 52 38.36 26.11 18.42
C ASP A 52 36.95 26.69 18.28
N ARG A 53 36.22 26.31 17.23
CA ARG A 53 34.90 26.90 16.98
C ARG A 53 33.81 26.26 17.83
N VAL A 54 33.94 24.99 18.20
CA VAL A 54 32.94 24.40 19.10
C VAL A 54 33.12 24.95 20.52
N ILE A 55 34.36 25.23 20.92
CA ILE A 55 34.62 25.67 22.29
C ILE A 55 34.14 27.10 22.50
N GLU A 56 34.40 27.95 21.52
CA GLU A 56 33.97 29.38 21.54
C GLU A 56 32.44 29.42 21.44
N TYR A 57 31.84 28.48 20.72
CA TYR A 57 30.40 28.37 20.57
C TYR A 57 29.82 28.01 21.92
N LYS A 58 30.44 27.03 22.58
CA LYS A 58 29.98 26.60 23.89
C LYS A 58 30.14 27.71 24.93
N LYS A 59 31.23 28.48 24.83
CA LYS A 59 31.46 29.58 25.77
C LYS A 59 30.44 30.70 25.61
N THR A 60 30.04 30.98 24.37
CA THR A 60 28.97 31.93 24.10
C THR A 60 27.66 31.46 24.72
N LEU A 61 27.33 30.18 24.54
CA LEU A 61 26.08 29.66 25.06
C LEU A 61 26.08 29.64 26.58
N GLN A 62 27.23 29.34 27.20
CA GLN A 62 27.32 29.40 28.65
C GLN A 62 27.19 30.82 29.15
N LYS A 63 27.74 31.79 28.41
CA LYS A 63 27.58 33.18 28.84
C LYS A 63 26.14 33.66 28.73
N LEU A 64 25.42 33.24 27.68
CA LEU A 64 24.04 33.68 27.50
C LEU A 64 23.05 32.94 28.40
N ALA A 65 23.39 31.71 28.81
CA ALA A 65 22.54 30.88 29.67
C ALA A 65 23.46 30.10 30.60
N PRO A 66 23.86 30.71 31.73
CA PRO A 66 24.82 30.05 32.63
C PRO A 66 24.30 28.80 33.33
N LYS A 67 22.99 28.68 33.57
CA LYS A 67 22.49 27.51 34.31
C LYS A 67 22.12 26.34 33.40
N THR A 68 22.35 26.45 32.09
CA THR A 68 21.98 25.40 31.15
C THR A 68 23.22 24.57 30.87
N THR A 69 23.09 23.26 30.97
CA THR A 69 24.17 22.33 30.65
C THR A 69 24.15 22.08 29.15
N PHE A 70 25.32 22.21 28.51
CA PHE A 70 25.43 22.19 27.05
C PHE A 70 26.28 21.01 26.60
N LEU A 71 25.65 20.09 25.87
CA LEU A 71 26.35 19.04 25.16
C LEU A 71 26.51 19.45 23.70
N MET A 72 27.76 19.44 23.22
CA MET A 72 28.05 19.94 21.89
C MET A 72 28.29 18.75 20.94
N SER A 73 28.35 19.08 19.65
CA SER A 73 28.44 18.09 18.58
C SER A 73 29.26 18.66 17.44
N PHE A 74 29.77 17.74 16.62
CA PHE A 74 30.44 18.04 15.36
C PHE A 74 29.50 17.81 14.20
N TYR A 75 29.77 18.48 13.09
CA TYR A 75 29.02 18.29 11.86
C TYR A 75 29.77 17.28 11.01
N LEU A 76 29.11 16.16 10.71
CA LEU A 76 29.77 15.13 9.91
C LEU A 76 30.09 15.72 8.55
N SER A 77 31.38 15.89 8.25
CA SER A 77 31.81 16.72 7.14
C SER A 77 32.91 16.04 6.34
N LYS A 78 33.03 16.53 5.10
CA LYS A 78 34.04 16.10 4.15
C LYS A 78 35.48 16.38 4.58
N ASP A 79 35.72 17.13 5.67
CA ASP A 79 37.09 17.36 6.12
C ASP A 79 37.25 17.09 7.63
N LEU A 80 36.49 16.15 8.16
CA LEU A 80 36.68 15.73 9.54
C LEU A 80 37.69 14.56 9.58
N THR A 81 38.46 14.48 10.68
CA THR A 81 39.50 13.46 10.74
C THR A 81 39.40 12.62 12.00
N PRO A 82 39.79 11.33 11.93
CA PRO A 82 39.73 10.47 13.13
C PRO A 82 40.50 11.02 14.33
N ASP A 83 41.69 11.56 14.12
CA ASP A 83 42.44 12.16 15.21
C ASP A 83 41.76 13.42 15.76
N LEU A 84 41.04 14.15 14.91
CA LEU A 84 40.18 15.22 15.42
C LEU A 84 39.17 14.67 16.41
N ILE A 85 38.55 13.52 16.08
CA ILE A 85 37.55 12.93 16.96
C ILE A 85 38.18 12.52 18.29
N HIS A 86 39.38 11.95 18.24
CA HIS A 86 40.05 11.55 19.47
C HIS A 86 40.41 12.76 20.33
N GLU A 87 41.00 13.79 19.72
CA GLU A 87 41.43 14.99 20.44
C GLU A 87 40.23 15.75 21.02
N ALA A 88 39.16 15.83 20.25
CA ALA A 88 37.96 16.52 20.71
C ALA A 88 37.25 15.73 21.81
N ALA A 89 37.27 14.39 21.73
CA ALA A 89 36.62 13.59 22.76
C ALA A 89 37.38 13.68 24.07
N GLN A 90 38.70 13.53 24.04
CA GLN A 90 39.49 13.53 25.26
C GLN A 90 39.60 14.91 25.89
N GLN A 91 39.35 15.97 25.12
CA GLN A 91 39.28 17.32 25.67
C GLN A 91 37.86 17.68 26.10
N HIS A 92 36.94 16.72 26.03
CA HIS A 92 35.55 16.89 26.47
C HIS A 92 34.88 18.09 25.79
N ALA A 93 35.24 18.35 24.54
CA ALA A 93 34.64 19.43 23.79
C ALA A 93 33.36 19.01 23.10
N ILE A 94 33.24 17.75 22.69
CA ILE A 94 32.06 17.28 21.98
C ILE A 94 31.54 16.04 22.67
N ARG A 95 30.27 15.72 22.36
CA ARG A 95 29.67 14.46 22.76
C ARG A 95 29.23 13.63 21.57
N GLY A 96 29.22 14.20 20.36
CA GLY A 96 28.88 13.41 19.20
C GLY A 96 29.02 14.21 17.92
N VAL A 97 28.77 13.50 16.82
CA VAL A 97 28.78 14.02 15.46
C VAL A 97 27.42 13.74 14.85
N CYS A 99 25.08 13.78 11.55
CA CYS A 99 25.14 13.56 10.12
C CYS A 99 23.94 14.17 9.42
N TYR A 100 24.20 14.99 8.38
CA TYR A 100 23.15 15.53 7.51
C TYR A 100 23.31 14.95 6.12
N PRO A 101 22.37 14.17 5.60
CA PRO A 101 22.40 13.85 4.17
C PRO A 101 22.33 15.12 3.35
N ALA A 102 23.08 15.15 2.26
CA ALA A 102 23.25 16.39 1.51
C ALA A 102 21.92 16.85 0.94
N GLY A 103 21.58 18.11 1.22
CA GLY A 103 20.45 18.82 0.62
C GLY A 103 19.10 18.60 1.27
N VAL A 104 19.00 17.71 2.26
CA VAL A 104 17.67 17.31 2.73
C VAL A 104 17.07 18.30 3.71
N THR A 105 17.85 19.20 4.29
CA THR A 105 17.33 20.12 5.31
C THR A 105 18.22 21.36 5.37
N THR A 106 18.00 22.20 6.38
CA THR A 106 18.71 23.48 6.52
C THR A 106 20.20 23.26 6.71
N ASN A 107 21.01 24.00 5.94
CA ASN A 107 22.46 23.96 6.08
C ASN A 107 22.99 22.52 5.99
N SER A 108 22.49 21.77 5.03
CA SER A 108 22.93 20.41 4.79
C SER A 108 23.70 20.28 3.49
N ALA A 109 23.92 21.39 2.79
CA ALA A 109 24.58 21.34 1.49
C ALA A 109 26.00 20.79 1.60
N ALA A 110 26.64 21.00 2.75
CA ALA A 110 27.94 20.41 3.02
C ALA A 110 27.83 19.02 3.61
N GLY A 111 26.80 18.26 3.25
CA GLY A 111 26.47 17.03 3.93
C GLY A 111 26.99 15.79 3.21
N VAL A 112 26.49 14.65 3.66
CA VAL A 112 26.95 13.36 3.20
C VAL A 112 25.95 12.83 2.18
N ASP A 113 26.42 11.89 1.36
CA ASP A 113 25.51 11.07 0.58
C ASP A 113 25.32 9.75 1.34
N PRO A 114 24.11 9.44 1.81
CA PRO A 114 23.95 8.24 2.66
C PRO A 114 24.03 6.91 1.91
N ASN A 115 24.51 6.94 0.66
CA ASN A 115 24.76 5.70 -0.06
C ASN A 115 26.22 5.28 -0.01
N ASP A 116 27.13 6.22 0.22
CA ASP A 116 28.52 5.86 0.42
C ASP A 116 29.02 6.36 1.78
N PHE A 117 28.48 5.75 2.84
CA PHE A 117 28.93 6.00 4.21
C PHE A 117 30.36 5.50 4.42
N SER A 118 30.81 4.53 3.60
CA SER A 118 32.13 3.91 3.76
C SER A 118 33.26 4.94 3.88
N ALA A 119 33.13 6.07 3.19
CA ALA A 119 34.13 7.14 3.28
C ALA A 119 34.26 7.71 4.69
N PHE A 120 33.31 7.42 5.57
CA PHE A 120 33.33 7.90 6.94
C PHE A 120 33.51 6.78 7.98
N TYR A 121 33.72 5.55 7.54
CA TYR A 121 33.93 4.48 8.51
C TYR A 121 35.13 4.72 9.42
N PRO A 122 36.29 5.22 8.95
CA PRO A 122 37.34 5.61 9.89
C PRO A 122 36.88 6.57 10.97
N ILE A 123 35.99 7.51 10.65
CA ILE A 123 35.49 8.43 11.66
C ILE A 123 34.55 7.70 12.62
N PHE A 124 33.68 6.84 12.08
CA PHE A 124 32.76 6.10 12.94
C PHE A 124 33.51 5.17 13.87
N LYS A 125 34.63 4.60 13.39
CA LYS A 125 35.47 3.76 14.24
C LYS A 125 36.17 4.57 15.34
N ALA A 126 36.55 5.82 15.05
CA ALA A 126 37.08 6.71 16.09
C ALA A 126 36.01 7.05 17.13
N MET A 127 34.79 7.37 16.67
CA MET A 127 33.71 7.69 17.60
C MET A 127 33.36 6.50 18.47
N GLN A 128 33.39 5.29 17.90
CA GLN A 128 33.08 4.10 18.69
C GLN A 128 34.08 3.95 19.82
N GLU A 129 35.36 4.21 19.53
CA GLU A 129 36.45 4.04 20.53
C GLU A 129 36.28 5.01 21.71
N GLU A 130 35.80 6.24 21.45
CA GLU A 130 35.65 7.24 22.49
C GLU A 130 34.24 7.27 23.05
N ASN A 131 33.38 6.34 22.64
CA ASN A 131 31.99 6.26 23.14
C ASN A 131 31.22 7.55 22.83
N LEU A 132 31.44 8.12 21.65
CA LEU A 132 30.68 9.30 21.25
C LEU A 132 29.37 8.87 20.61
N VAL A 133 28.42 9.80 20.51
CA VAL A 133 27.11 9.50 19.93
C VAL A 133 27.12 9.97 18.48
N LEU A 134 26.61 9.13 17.56
CA LEU A 134 26.40 9.54 16.17
C LEU A 134 24.93 9.79 15.94
N ASN A 135 24.59 11.06 15.70
CA ASN A 135 23.21 11.47 15.51
C ASN A 135 22.91 11.51 14.03
N LEU A 136 21.80 10.87 13.63
CA LEU A 136 21.46 10.64 12.24
C LEU A 136 20.19 11.37 11.88
N HIS A 137 20.26 12.26 10.90
CA HIS A 137 19.07 12.75 10.21
C HIS A 137 18.77 11.76 9.10
N GLY A 138 17.97 10.75 9.41
CA GLY A 138 17.76 9.64 8.51
C GLY A 138 16.78 9.89 7.37
N GLU A 139 17.26 10.48 6.30
CA GLU A 139 16.44 10.66 5.12
C GLU A 139 17.37 10.53 3.92
N LYS A 140 16.95 9.73 2.94
CA LYS A 140 17.73 9.71 1.70
C LYS A 140 17.39 10.96 0.88
N PRO A 141 18.37 11.53 0.16
CA PRO A 141 18.04 12.61 -0.77
C PRO A 141 17.07 12.13 -1.84
N SER A 142 16.37 13.07 -2.45
CA SER A 142 15.27 12.70 -3.34
C SER A 142 15.79 12.25 -4.70
N VAL A 143 15.16 11.18 -5.21
CA VAL A 143 15.45 10.59 -6.53
C VAL A 143 14.13 10.43 -7.29
N HIS A 144 14.02 11.11 -8.43
CA HIS A 144 12.98 10.90 -9.44
C HIS A 144 13.40 10.31 -10.78
N ASP A 145 14.72 10.13 -10.93
CA ASP A 145 15.41 9.81 -12.22
C ASP A 145 15.71 8.34 -12.57
N GLY A 146 14.66 7.56 -12.87
CA GLY A 146 14.74 6.22 -13.52
C GLY A 146 15.44 5.07 -12.92
N ASP A 147 15.19 3.91 -13.52
CA ASP A 147 15.62 2.55 -13.02
C ASP A 147 15.11 2.64 -11.60
N LYS A 148 16.00 2.85 -10.63
CA LYS A 148 15.74 2.76 -9.17
C LYS A 148 14.41 3.43 -8.78
N GLU A 149 13.71 2.83 -7.82
CA GLU A 149 12.40 3.34 -7.32
C GLU A 149 12.57 4.76 -6.78
N PRO A 150 11.61 5.69 -7.04
CA PRO A 150 11.72 7.07 -6.59
C PRO A 150 11.74 7.27 -5.06
N ILE A 151 12.46 8.31 -4.62
CA ILE A 151 12.59 8.72 -3.23
C ILE A 151 11.96 10.10 -3.11
N HIS A 152 11.07 10.29 -2.15
CA HIS A 152 10.42 11.58 -1.96
C HIS A 152 10.25 11.84 -0.49
N VAL A 153 9.79 13.04 -0.14
CA VAL A 153 9.71 13.43 1.26
C VAL A 153 8.85 12.49 2.09
N LEU A 154 8.01 11.66 1.45
CA LEU A 154 7.12 10.80 2.21
C LEU A 154 7.72 9.44 2.51
N ASN A 155 8.63 8.93 1.67
CA ASN A 155 9.30 7.67 1.99
C ASN A 155 10.79 7.82 2.18
N ALA A 156 11.33 9.05 2.18
CA ALA A 156 12.76 9.22 2.35
C ALA A 156 13.27 8.66 3.69
N GLU A 157 12.42 8.67 4.73
CA GLU A 157 12.84 8.11 6.01
C GLU A 157 12.90 6.60 5.97
N GLU A 158 11.84 5.99 5.43
CA GLU A 158 11.80 4.54 5.26
C GLU A 158 12.95 4.06 4.37
N ALA A 159 13.25 4.80 3.30
CA ALA A 159 14.37 4.43 2.44
C ALA A 159 15.71 4.54 3.14
N PHE A 160 15.78 5.25 4.26
CA PHE A 160 17.01 5.39 5.00
C PHE A 160 17.22 4.29 6.01
N LEU A 161 16.16 3.64 6.47
CA LEU A 161 16.30 2.63 7.51
C LEU A 161 17.31 1.53 7.18
N PRO A 162 17.44 1.04 5.93
CA PRO A 162 18.50 0.04 5.69
C PRO A 162 19.88 0.54 6.02
N ALA A 163 20.18 1.81 5.71
CA ALA A 163 21.48 2.39 6.03
C ALA A 163 21.71 2.45 7.55
N LEU A 164 20.67 2.77 8.31
CA LEU A 164 20.81 2.76 9.77
C LEU A 164 21.15 1.35 10.25
N LYS A 165 20.43 0.38 9.68
CA LYS A 165 20.61 -1.06 10.01
C LYS A 165 22.05 -1.47 9.73
N LYS A 166 22.57 -1.12 8.54
CA LYS A 166 23.94 -1.49 8.24
C LYS A 166 24.93 -0.81 9.17
N LEU A 167 24.70 0.48 9.47
CA LEU A 167 25.65 1.22 10.29
C LEU A 167 25.76 0.61 11.68
N HIS A 168 24.64 0.16 12.24
CA HIS A 168 24.68 -0.47 13.56
C HIS A 168 25.26 -1.88 13.47
N ASN A 169 25.12 -2.53 12.33
CA ASN A 169 25.64 -3.88 12.23
C ASN A 169 27.16 -3.88 12.13
N ASP A 170 27.74 -2.87 11.47
CA ASP A 170 29.19 -2.73 11.36
C ASP A 170 29.84 -2.08 12.59
N PHE A 171 29.05 -1.42 13.46
CA PHE A 171 29.56 -0.75 14.66
C PHE A 171 28.65 -1.06 15.85
N PRO A 172 28.65 -2.30 16.33
CA PRO A 172 27.70 -2.69 17.39
C PRO A 172 27.86 -1.94 18.71
N ASN A 173 29.03 -1.38 19.03
CA ASN A 173 29.19 -0.71 20.31
C ASN A 173 29.00 0.79 20.20
N LEU A 174 28.67 1.29 19.02
CA LEU A 174 28.53 2.72 18.79
C LEU A 174 27.11 3.14 19.17
N LYS A 175 27.00 4.19 19.98
CA LYS A 175 25.71 4.77 20.30
C LYS A 175 25.26 5.58 19.09
N ILE A 176 24.12 5.20 18.52
CA ILE A 176 23.54 5.85 17.36
C ILE A 176 22.10 6.18 17.67
N ILE A 177 21.71 7.40 17.36
CA ILE A 177 20.36 7.90 17.55
C ILE A 177 19.78 8.14 16.18
N LEU A 178 18.61 7.54 15.92
CA LEU A 178 17.80 7.95 14.78
C LEU A 178 17.02 9.19 15.21
N GLU A 179 17.44 10.37 14.72
CA GLU A 179 16.83 11.61 15.17
C GLU A 179 15.44 11.82 14.59
N HIS A 180 14.61 12.53 15.36
CA HIS A 180 13.23 12.90 15.02
C HIS A 180 12.51 11.88 14.15
N CYS A 181 12.15 10.73 14.70
CA CYS A 181 11.33 9.79 13.94
C CYS A 181 10.01 10.39 13.53
N THR A 182 9.58 10.06 12.32
CA THR A 182 8.34 10.54 11.76
C THR A 182 7.43 9.48 11.18
N SER A 183 7.91 8.26 10.94
CA SER A 183 7.14 7.22 10.28
C SER A 183 6.98 5.98 11.16
N GLU A 184 5.87 5.28 10.97
CA GLU A 184 5.69 4.01 11.66
C GLU A 184 6.76 3.02 11.26
N SER A 185 7.22 3.11 10.01
CA SER A 185 8.31 2.24 9.56
C SER A 185 9.54 2.41 10.46
N ALA A 186 9.93 3.65 10.76
CA ALA A 186 11.08 3.87 11.62
C ALA A 186 10.81 3.36 13.04
N ILE A 187 9.59 3.56 13.56
CA ILE A 187 9.27 3.07 14.90
C ILE A 187 9.44 1.56 14.98
N LYS A 188 8.88 0.82 14.01
CA LYS A 188 8.95 -0.64 14.03
C LYS A 188 10.39 -1.13 13.93
N THR A 189 11.19 -0.45 13.11
CA THR A 189 12.60 -0.82 12.96
C THR A 189 13.36 -0.61 14.26
N ILE A 190 13.08 0.49 14.96
CA ILE A 190 13.76 0.74 16.23
C ILE A 190 13.31 -0.29 17.27
N GLU A 191 12.03 -0.68 17.22
CA GLU A 191 11.57 -1.71 18.14
C GLU A 191 12.29 -3.02 17.86
N ASP A 192 12.45 -3.39 16.57
CA ASP A 192 13.08 -4.66 16.22
C ASP A 192 14.57 -4.65 16.60
N ILE A 193 15.24 -3.52 16.46
CA ILE A 193 16.64 -3.45 16.83
C ILE A 193 16.82 -3.69 18.32
N ASN A 194 15.82 -3.34 19.12
CA ASN A 194 15.85 -3.47 20.57
C ASN A 194 14.88 -4.53 21.08
N LYS A 195 14.70 -5.65 20.36
CA LYS A 195 13.60 -6.56 20.68
C LYS A 195 13.63 -7.01 22.14
N ASN A 196 14.73 -7.65 22.57
CA ASN A 196 14.97 -8.08 23.95
C ASN A 196 16.05 -7.31 24.71
N VAL A 197 15.94 -5.98 24.73
CA VAL A 197 16.85 -5.14 25.49
C VAL A 197 16.27 -5.02 26.88
N LYS A 198 17.12 -5.21 27.89
CA LYS A 198 16.62 -5.53 29.23
C LYS A 198 16.31 -4.26 30.00
N LYS A 199 17.18 -3.26 29.91
CA LYS A 199 16.93 -1.90 30.40
C LYS A 199 17.90 -0.89 29.77
N ALA A 200 17.72 0.40 30.06
CA ALA A 200 18.22 1.52 29.24
C ALA A 200 19.69 1.45 28.86
N THR A 201 20.54 0.86 29.69
CA THR A 201 21.95 0.88 29.31
C THR A 201 22.29 -0.18 28.27
N ASP A 202 21.37 -1.11 27.99
CA ASP A 202 21.53 -2.03 26.87
C ASP A 202 21.24 -1.37 25.52
N VAL A 203 20.51 -0.25 25.52
CA VAL A 203 20.19 0.45 24.28
C VAL A 203 21.46 1.07 23.69
N LYS A 204 21.72 0.77 22.42
CA LYS A 204 22.78 1.45 21.68
C LYS A 204 22.27 2.20 20.45
N VAL A 205 21.15 1.76 19.89
CA VAL A 205 20.45 2.49 18.83
C VAL A 205 19.14 2.96 19.45
N ALA A 206 18.95 4.28 19.53
CA ALA A 206 17.76 4.87 20.12
C ALA A 206 17.14 5.84 19.13
N ALA A 207 15.99 6.39 19.50
CA ALA A 207 15.31 7.34 18.63
C ALA A 207 14.75 8.49 19.44
N THR A 208 14.84 9.69 18.90
CA THR A 208 14.21 10.83 19.54
C THR A 208 12.94 11.19 18.81
N LEU A 209 11.98 11.71 19.57
CA LEU A 209 10.72 12.19 19.02
C LEU A 209 10.64 13.66 19.38
N THR A 210 10.28 14.48 18.39
CA THR A 210 10.12 15.89 18.66
C THR A 210 8.73 16.16 19.23
N ALA A 211 8.51 17.39 19.70
CA ALA A 211 7.17 17.74 20.12
C ALA A 211 6.22 17.86 18.93
N HIS A 212 6.65 18.51 17.83
CA HIS A 212 5.69 18.84 16.75
C HIS A 212 5.22 17.59 16.02
N HIS A 213 6.05 16.57 15.91
CA HIS A 213 5.63 15.34 15.27
C HIS A 213 4.62 14.53 16.09
N LEU A 214 4.46 14.84 17.37
CA LEU A 214 3.38 14.20 18.10
C LEU A 214 2.03 14.91 17.93
N PHE A 215 2.00 16.09 17.31
CA PHE A 215 0.76 16.79 16.97
C PHE A 215 0.43 16.80 15.49
N LEU A 216 1.43 16.97 14.62
CA LEU A 216 1.24 17.34 13.22
C LEU A 216 1.03 16.12 12.31
N THR A 217 0.27 16.34 11.23
CA THR A 217 0.26 15.48 10.07
C THR A 217 0.42 16.38 8.85
N ILE A 218 0.47 15.77 7.66
CA ILE A 218 0.65 16.52 6.41
C ILE A 218 -0.45 17.58 6.21
N ASP A 219 -1.64 17.34 6.73
CA ASP A 219 -2.69 18.34 6.59
C ASP A 219 -2.38 19.62 7.35
N ASP A 220 -1.50 19.55 8.34
CA ASP A 220 -1.20 20.75 9.12
C ASP A 220 -0.16 21.64 8.46
N TRP A 221 0.73 21.09 7.63
CA TRP A 221 1.78 21.86 6.96
C TRP A 221 1.60 22.01 5.45
N ALA A 222 0.55 21.42 4.86
CA ALA A 222 0.33 21.61 3.42
C ALA A 222 0.19 23.10 3.07
N GLY A 223 -0.66 23.82 3.81
CA GLY A 223 -0.85 25.23 3.58
C GLY A 223 -0.26 26.12 4.65
N ASN A 224 0.57 25.57 5.56
CA ASN A 224 1.12 26.34 6.67
C ASN A 224 2.61 26.11 6.79
N PRO A 225 3.42 26.91 6.10
CA PRO A 225 4.88 26.76 6.19
C PRO A 225 5.45 26.88 7.61
N VAL A 226 4.73 27.49 8.57
CA VAL A 226 5.21 27.52 9.95
C VAL A 226 5.40 26.11 10.47
N ASN A 227 4.54 25.17 10.05
CA ASN A 227 4.61 23.79 10.46
C ASN A 227 5.42 22.93 9.52
N PHE A 228 6.07 23.52 8.52
CA PHE A 228 6.87 22.73 7.59
C PHE A 228 8.22 22.47 8.23
N CYS A 229 8.65 21.21 8.19
CA CYS A 229 9.93 20.84 8.78
C CYS A 229 10.44 19.58 8.07
N LYS A 230 11.67 19.19 8.37
CA LYS A 230 12.22 17.95 7.83
C LYS A 230 12.62 17.05 9.00
N PRO A 231 12.25 15.75 9.01
CA PRO A 231 11.36 15.14 8.01
C PRO A 231 9.94 15.66 8.17
N VAL A 232 9.20 15.71 7.05
CA VAL A 232 7.84 16.23 7.07
C VAL A 232 6.97 15.37 7.97
N ALA A 233 6.00 16.00 8.60
CA ALA A 233 4.98 15.23 9.27
C ALA A 233 4.19 14.43 8.24
N LYS A 234 3.88 13.18 8.58
CA LYS A 234 3.32 12.26 7.59
C LYS A 234 1.84 11.99 7.86
N LEU A 235 1.45 10.76 7.81
CA LEU A 235 0.03 10.42 7.84
C LEU A 235 -0.46 10.14 9.26
N PRO A 236 -1.79 10.23 9.50
CA PRO A 236 -2.32 9.93 10.83
C PRO A 236 -1.83 8.60 11.38
N ASN A 237 -1.69 7.60 10.52
CA ASN A 237 -1.19 6.33 10.99
C ASN A 237 0.23 6.48 11.56
N ASP A 238 1.06 7.34 10.97
CA ASP A 238 2.39 7.54 11.54
C ASP A 238 2.33 8.23 12.90
N LYS A 239 1.51 9.27 13.00
CA LYS A 239 1.35 9.95 14.28
C LYS A 239 0.82 9.02 15.35
N LYS A 240 0.01 8.03 14.95
CA LYS A 240 -0.44 7.06 15.93
C LYS A 240 0.76 6.34 16.53
N ALA A 241 1.66 5.89 15.66
CA ALA A 241 2.83 5.15 16.13
C ALA A 241 3.76 6.03 16.95
N LEU A 242 4.00 7.27 16.49
CA LEU A 242 4.95 8.13 17.17
C LEU A 242 4.47 8.49 18.57
N VAL A 243 3.17 8.78 18.70
CA VAL A 243 2.61 9.16 19.99
C VAL A 243 2.68 7.97 20.93
N LYS A 244 2.26 6.82 20.41
CA LYS A 244 2.25 5.55 21.17
C LYS A 244 3.66 5.27 21.71
N ALA A 245 4.68 5.44 20.86
CA ALA A 245 6.07 5.20 21.28
C ALA A 245 6.53 6.24 22.32
N ALA A 246 6.03 7.47 22.22
CA ALA A 246 6.46 8.48 23.19
C ALA A 246 5.97 8.10 24.59
N VAL A 247 4.74 7.60 24.71
CA VAL A 247 4.15 7.29 26.02
C VAL A 247 4.46 5.84 26.39
N SER A 248 5.30 5.21 25.57
CA SER A 248 5.57 3.78 25.69
C SER A 248 6.20 3.42 27.03
N GLY A 249 7.06 4.30 27.56
CA GLY A 249 7.87 3.92 28.67
C GLY A 249 9.13 3.14 28.31
N LYS A 250 9.35 2.84 27.02
CA LYS A 250 10.55 2.13 26.58
C LYS A 250 11.77 3.06 26.55
N PRO A 251 12.97 2.56 26.86
CA PRO A 251 14.14 3.44 27.00
C PRO A 251 14.83 3.82 25.69
N TYR A 252 14.36 3.34 24.54
CA TYR A 252 14.98 3.72 23.28
C TYR A 252 14.21 4.83 22.56
N PHE A 253 13.22 5.43 23.24
CA PHE A 253 12.54 6.63 22.77
C PHE A 253 12.70 7.69 23.83
N PHE A 254 13.24 8.85 23.46
CA PHE A 254 13.26 9.96 24.40
C PHE A 254 13.20 11.29 23.65
N PHE A 255 13.12 12.37 24.41
CA PHE A 255 12.78 13.66 23.86
C PHE A 255 13.98 14.35 23.21
N GLY A 256 13.75 14.87 22.00
CA GLY A 256 14.65 15.75 21.29
C GLY A 256 13.83 16.70 20.42
N SER A 257 13.75 17.97 20.81
CA SER A 257 12.73 18.83 20.21
C SER A 257 12.98 19.14 18.74
N ASP A 258 14.23 19.21 18.31
CA ASP A 258 14.59 19.85 17.03
C ASP A 258 13.88 21.19 16.89
N SER A 259 13.87 21.96 17.97
CA SER A 259 13.42 23.32 17.81
C SER A 259 14.40 24.01 16.88
N ALA A 260 13.92 24.45 15.70
CA ALA A 260 14.75 25.03 14.64
C ALA A 260 14.23 26.43 14.29
N PRO A 261 14.74 27.47 14.94
CA PRO A 261 14.22 28.82 14.72
C PRO A 261 14.67 29.41 13.39
N HIS A 262 13.77 30.16 12.75
CA HIS A 262 14.01 30.98 11.53
C HIS A 262 13.20 32.25 11.68
N PRO A 263 13.71 33.38 11.19
CA PRO A 263 12.87 34.59 11.21
C PRO A 263 11.64 34.38 10.32
N VAL A 264 10.56 35.09 10.67
CA VAL A 264 9.28 34.92 9.97
C VAL A 264 9.43 35.12 8.47
N GLN A 265 10.33 36.00 8.03
CA GLN A 265 10.45 36.27 6.60
C GLN A 265 11.02 35.08 5.83
N ASN A 266 11.68 34.16 6.50
CA ASN A 266 12.16 32.93 5.88
C ASN A 266 11.10 31.85 5.86
N LYS A 267 9.93 32.12 6.45
CA LYS A 267 8.80 31.21 6.32
C LYS A 267 7.76 31.72 5.33
N ALA A 268 7.69 33.01 5.09
CA ALA A 268 6.68 33.58 4.19
C ALA A 268 7.31 33.85 2.82
N ASN A 269 7.84 32.77 2.29
CA ASN A 269 8.33 32.71 0.93
C ASN A 269 7.26 32.04 0.07
N TYR A 270 7.22 32.39 -1.22
CA TYR A 270 6.40 31.60 -2.14
C TYR A 270 7.16 30.40 -2.68
N GLU A 271 8.46 30.30 -2.41
CA GLU A 271 9.25 29.13 -2.78
C GLU A 271 10.51 29.10 -1.92
N GLY A 272 11.07 27.92 -1.73
CA GLY A 272 12.22 27.84 -0.85
C GLY A 272 11.95 28.18 0.60
N VAL A 273 10.80 27.78 1.14
CA VAL A 273 10.52 27.99 2.55
C VAL A 273 11.55 27.23 3.40
N CYS A 274 12.05 27.88 4.45
CA CYS A 274 13.01 27.23 5.34
C CYS A 274 12.32 26.17 6.20
N ALA A 275 12.89 24.97 6.24
CA ALA A 275 12.39 23.93 7.11
C ALA A 275 12.69 24.24 8.57
N GLY A 276 11.75 23.91 9.46
CA GLY A 276 11.99 24.08 10.89
C GLY A 276 10.84 24.62 11.73
N VAL A 277 10.58 23.95 12.84
CA VAL A 277 9.54 24.38 13.75
C VAL A 277 10.21 24.82 15.03
N TYR A 278 9.86 26.00 15.52
CA TYR A 278 10.44 26.52 16.75
C TYR A 278 9.53 26.18 17.92
N SER A 279 10.04 25.35 18.84
CA SER A 279 9.28 24.88 19.98
C SER A 279 10.02 25.04 21.31
N GLN A 280 11.23 25.57 21.26
CA GLN A 280 12.04 25.68 22.50
C GLN A 280 11.24 26.36 23.62
N SER A 281 10.68 27.50 23.39
CA SER A 281 10.13 28.33 24.44
C SER A 281 9.11 27.61 25.32
N PHE A 282 8.53 26.51 24.85
CA PHE A 282 7.50 25.79 25.59
C PHE A 282 7.70 24.29 25.47
N ALA A 283 8.97 23.87 25.44
CA ALA A 283 9.31 22.50 25.08
C ALA A 283 8.59 21.49 25.98
N ILE A 284 8.77 21.62 27.28
CA ILE A 284 8.20 20.65 28.22
C ILE A 284 6.68 20.74 28.27
N PRO A 285 6.07 21.93 28.38
CA PRO A 285 4.60 22.00 28.35
C PRO A 285 3.97 21.40 27.10
N TYR A 286 4.58 21.55 25.90
CA TYR A 286 4.07 20.85 24.72
C TYR A 286 3.93 19.36 24.99
N ILE A 287 5.00 18.74 25.48
CA ILE A 287 5.02 17.30 25.69
C ILE A 287 4.02 16.93 26.78
N ALA A 288 3.89 17.78 27.80
CA ALA A 288 2.95 17.50 28.88
C ALA A 288 1.53 17.36 28.34
N GLN A 289 1.18 18.14 27.33
CA GLN A 289 -0.15 18.02 26.72
C GLN A 289 -0.36 16.61 26.16
N VAL A 290 0.63 16.10 25.42
CA VAL A 290 0.46 14.78 24.81
C VAL A 290 0.34 13.72 25.89
N PHE A 291 1.24 13.77 26.87
CA PHE A 291 1.21 12.73 27.90
C PHE A 291 -0.08 12.82 28.70
N GLU A 292 -0.63 14.02 28.84
CA GLU A 292 -1.90 14.18 29.53
C GLU A 292 -3.04 13.56 28.72
N GLU A 293 -3.12 13.90 27.43
CA GLU A 293 -4.20 13.39 26.60
C GLU A 293 -4.16 11.89 26.44
N GLN A 294 -3.04 11.25 26.73
CA GLN A 294 -2.91 9.81 26.63
C GLN A 294 -3.03 9.16 27.99
N ASN A 295 -3.31 9.94 29.02
CA ASN A 295 -3.34 9.47 30.40
C ASN A 295 -2.10 8.65 30.70
N ALA A 296 -0.94 9.22 30.39
CA ALA A 296 0.32 8.52 30.57
C ALA A 296 1.37 9.40 31.26
N LEU A 297 0.94 10.36 32.08
CA LEU A 297 1.88 11.27 32.71
C LEU A 297 2.89 10.58 33.64
N GLU A 298 2.67 9.32 34.03
CA GLU A 298 3.69 8.66 34.85
C GLU A 298 5.00 8.58 34.07
N ASN A 299 4.89 8.44 32.73
CA ASN A 299 6.02 8.16 31.85
C ASN A 299 6.66 9.42 31.30
N LEU A 300 6.17 10.56 31.72
CA LEU A 300 6.74 11.81 31.24
C LEU A 300 8.18 11.96 31.73
N LYS A 301 8.45 11.58 32.98
CA LYS A 301 9.80 11.76 33.50
C LYS A 301 10.80 10.90 32.73
N GLY A 302 10.42 9.67 32.37
CA GLY A 302 11.34 8.84 31.64
C GLY A 302 11.58 9.35 30.24
N PHE A 303 10.52 9.77 29.56
CA PHE A 303 10.66 10.21 28.18
C PHE A 303 11.43 11.52 28.10
N VAL A 304 11.29 12.38 29.10
CA VAL A 304 11.84 13.71 29.04
C VAL A 304 13.10 13.89 29.86
N SER A 305 13.49 12.90 30.67
CA SER A 305 14.63 13.07 31.57
C SER A 305 15.48 11.80 31.70
N ASP A 306 14.87 10.71 32.16
CA ASP A 306 15.63 9.52 32.51
C ASP A 306 16.38 8.97 31.30
N PHE A 307 15.66 8.72 30.21
CA PHE A 307 16.28 8.00 29.10
C PHE A 307 17.32 8.86 28.37
N GLY A 308 17.08 10.16 28.26
CA GLY A 308 18.08 11.00 27.64
C GLY A 308 19.35 11.05 28.45
N ILE A 309 19.21 11.22 29.77
CA ILE A 309 20.38 11.23 30.65
C ILE A 309 21.06 9.87 30.67
N SER A 310 20.27 8.79 30.73
CA SER A 310 20.89 7.48 30.72
C SER A 310 21.67 7.25 29.42
N PHE A 311 21.03 7.49 28.26
CA PHE A 311 21.68 7.15 26.99
C PHE A 311 22.92 7.99 26.73
N TYR A 312 22.84 9.28 26.97
CA TYR A 312 24.02 10.12 26.86
C TYR A 312 24.94 9.99 28.06
N GLU A 313 24.54 9.23 29.09
CA GLU A 313 25.38 8.98 30.27
C GLU A 313 25.85 10.30 30.90
N VAL A 314 24.88 11.15 31.20
CA VAL A 314 25.14 12.46 31.79
C VAL A 314 25.42 12.29 33.26
N LYS A 315 26.55 12.83 33.72
CA LYS A 315 26.97 12.78 35.12
C LYS A 315 26.70 14.10 35.81
N ASP A 316 26.58 14.04 37.15
CA ASP A 316 26.29 15.25 37.91
C ASP A 316 27.42 16.27 37.86
N SER A 317 28.65 15.82 37.62
CA SER A 317 29.78 16.76 37.53
C SER A 317 29.62 17.76 36.38
N GLU A 318 28.94 17.38 35.29
CA GLU A 318 28.86 18.25 34.12
C GLU A 318 27.73 19.26 34.18
N VAL A 319 26.72 19.00 34.98
CA VAL A 319 25.52 19.83 34.97
C VAL A 319 25.83 21.22 35.53
N ALA A 320 25.40 22.27 34.80
CA ALA A 320 25.65 23.66 35.18
C ALA A 320 24.76 24.16 36.30
N SER A 321 23.69 23.45 36.62
CA SER A 321 22.84 23.83 37.73
C SER A 321 22.02 22.62 38.14
N SER A 322 21.93 22.36 39.43
CA SER A 322 21.15 21.20 39.85
C SER A 322 19.66 21.52 40.04
N ASP A 323 19.21 22.71 39.63
CA ASP A 323 17.80 23.07 39.73
C ASP A 323 16.93 22.01 39.03
N LYS A 324 15.81 21.68 39.66
CA LYS A 324 14.86 20.67 39.19
C LYS A 324 13.74 21.32 38.38
N ALA A 325 13.31 20.63 37.32
CA ALA A 325 12.20 21.13 36.52
C ALA A 325 10.87 20.71 37.14
N ILE A 326 10.03 21.67 37.48
CA ILE A 326 8.76 21.38 38.09
C ILE A 326 7.65 21.70 37.11
N LEU A 327 6.90 20.69 36.73
CA LEU A 327 5.75 20.91 35.88
C LEU A 327 4.52 21.06 36.76
N PHE A 328 3.77 22.14 36.55
CA PHE A 328 2.58 22.44 37.32
C PHE A 328 1.46 22.91 36.41
N LYS A 329 0.23 22.56 36.80
CA LYS A 329 -0.93 22.68 35.92
C LYS A 329 -1.52 24.08 35.98
N LYS A 330 -0.79 25.04 35.42
CA LYS A 330 -1.29 26.38 35.21
C LYS A 330 -1.48 26.60 33.73
N GLU A 331 -2.68 27.05 33.34
CA GLU A 331 -2.96 27.30 31.94
C GLU A 331 -2.17 28.50 31.44
N GLN A 332 -1.64 28.39 30.22
CA GLN A 332 -0.96 29.52 29.60
C GLN A 332 -1.31 29.57 28.12
N VAL A 333 -1.08 30.72 27.52
CA VAL A 333 -1.36 30.92 26.11
C VAL A 333 -0.03 31.16 25.38
N ILE A 334 0.15 30.49 24.26
CA ILE A 334 1.35 30.68 23.45
C ILE A 334 1.20 31.98 22.66
N PRO A 335 2.20 32.87 22.69
CA PRO A 335 2.08 34.13 21.96
C PRO A 335 1.94 33.89 20.46
N GLN A 336 1.55 34.96 19.76
CA GLN A 336 1.49 34.89 18.30
C GLN A 336 2.88 35.01 17.70
N VAL A 337 3.78 35.73 18.38
CA VAL A 337 5.12 35.98 17.85
C VAL A 337 6.07 35.98 19.04
N ILE A 338 7.31 35.56 18.79
CA ILE A 338 8.39 35.65 19.77
C ILE A 338 9.42 36.57 19.17
N SER A 339 9.59 37.76 19.75
CA SER A 339 10.40 38.80 19.13
C SER A 339 11.52 39.21 20.08
N ASP A 340 12.66 39.63 19.49
CA ASP A 340 13.78 40.20 20.24
C ASP A 340 13.74 41.72 20.28
N GLY A 341 12.63 42.34 19.86
CA GLY A 341 12.52 43.79 19.84
C GLY A 341 13.45 44.50 18.88
N LYS A 342 14.16 43.78 18.02
CA LYS A 342 15.08 44.41 17.10
C LYS A 342 14.65 43.99 15.67
N ASP A 343 15.29 42.99 15.09
CA ASP A 343 14.99 42.60 13.72
C ASP A 343 14.33 41.24 13.60
N ILE A 344 14.21 40.49 14.69
CA ILE A 344 13.89 39.07 14.66
C ILE A 344 12.52 38.82 15.28
N SER A 345 11.65 38.16 14.51
CA SER A 345 10.36 37.68 14.97
C SER A 345 10.23 36.20 14.60
N ILE A 346 9.72 35.40 15.53
CA ILE A 346 9.53 33.97 15.33
C ILE A 346 8.10 33.63 15.68
N ILE A 347 7.45 32.84 14.84
CA ILE A 347 6.16 32.24 15.18
C ILE A 347 6.44 30.93 15.92
N PRO A 348 6.04 30.80 17.17
CA PRO A 348 6.26 29.54 17.88
C PRO A 348 5.29 28.47 17.40
N PHE A 349 5.69 27.22 17.61
CA PHE A 349 4.78 26.12 17.34
C PHE A 349 3.49 26.32 18.13
N LYS A 350 2.36 26.07 17.47
CA LYS A 350 1.03 26.20 18.07
C LYS A 350 0.78 27.61 18.62
N ALA A 351 1.19 28.63 17.87
CA ALA A 351 0.97 29.99 18.33
C ALA A 351 -0.52 30.26 18.50
N GLY A 352 -0.88 30.89 19.62
CA GLY A 352 -2.24 31.26 19.93
C GLY A 352 -3.04 30.20 20.65
N ASP A 353 -2.59 28.95 20.63
CA ASP A 353 -3.28 27.90 21.36
C ASP A 353 -2.92 27.98 22.84
N LYS A 354 -3.69 27.28 23.66
CA LYS A 354 -3.49 27.16 25.10
C LYS A 354 -2.99 25.78 25.51
N LEU A 355 -2.11 25.80 26.52
CA LEU A 355 -1.51 24.62 27.14
C LEU A 355 -1.93 24.52 28.60
N SER A 356 -2.17 23.29 29.02
CA SER A 356 -2.64 23.03 30.37
C SER A 356 -1.55 23.13 31.43
N TRP A 357 -0.29 23.23 31.04
CA TRP A 357 0.80 23.16 32.00
C TRP A 357 1.77 24.31 31.78
N SER A 358 2.45 24.67 32.86
CA SER A 358 3.58 25.59 32.83
C SER A 358 4.70 24.89 33.59
N VAL A 359 5.89 25.47 33.53
CA VAL A 359 7.07 24.86 34.15
C VAL A 359 7.87 25.94 34.86
N ARG A 360 8.35 25.62 36.06
CA ARG A 360 9.15 26.53 36.87
C ARG A 360 10.32 25.72 37.42
N TRP A 361 11.34 26.40 37.90
CA TRP A 361 12.50 25.73 38.47
C TRP A 361 12.58 25.83 39.99
N GLU A 362 13.06 24.76 40.61
CA GLU A 362 13.25 24.59 42.05
C GLU A 362 14.62 23.98 42.34
N PRO A 363 15.32 24.53 43.32
CA PRO A 363 16.70 24.09 43.57
C PRO A 363 16.77 22.77 44.32
N ARG A 364 17.95 22.19 44.25
CA ARG A 364 18.26 20.94 44.94
C ARG A 364 18.89 21.27 46.29
N LEU A 365 18.20 20.93 47.38
CA LEU A 365 18.67 21.23 48.76
C LEU A 365 18.83 19.94 49.57
N VAL B 2 9.87 26.03 -39.24
CA VAL B 2 9.51 25.40 -37.98
C VAL B 2 8.34 24.52 -38.29
N GLN B 3 8.06 23.52 -37.46
CA GLN B 3 6.87 22.72 -37.70
C GLN B 3 5.69 23.23 -36.88
N GLU B 4 4.50 22.98 -37.42
CA GLU B 4 3.25 23.47 -36.85
C GLU B 4 2.26 22.34 -36.67
N ILE B 5 1.36 22.51 -35.70
CA ILE B 5 0.30 21.55 -35.41
C ILE B 5 -1.01 22.32 -35.35
N ASP B 6 -1.93 22.01 -36.25
CA ASP B 6 -3.24 22.65 -36.26
C ASP B 6 -4.11 22.00 -35.19
N LEU B 7 -4.48 22.75 -34.16
CA LEU B 7 -5.29 22.20 -33.10
C LEU B 7 -6.77 22.61 -33.15
N GLY B 8 -7.14 23.53 -34.03
CA GLY B 8 -8.54 23.89 -34.15
C GLY B 8 -9.01 24.72 -32.97
N LEU B 9 -10.20 24.38 -32.46
CA LEU B 9 -10.88 25.08 -31.36
C LEU B 9 -10.47 24.42 -30.05
N THR B 10 -9.40 24.94 -29.47
CA THR B 10 -8.88 24.40 -28.22
C THR B 10 -9.85 24.66 -27.08
N CYS B 11 -9.80 23.77 -26.08
CA CYS B 11 -10.70 23.76 -24.93
C CYS B 11 -9.92 23.69 -23.64
N ASP B 12 -10.22 24.58 -22.71
CA ASP B 12 -9.74 24.47 -21.34
C ASP B 12 -11.00 24.46 -20.47
N MET B 13 -11.44 23.28 -20.02
CA MET B 13 -12.74 23.20 -19.35
C MET B 13 -12.65 23.38 -17.84
N HIS B 14 -11.69 24.15 -17.34
CA HIS B 14 -11.61 24.38 -15.90
C HIS B 14 -10.72 25.59 -15.65
N VAL B 15 -11.34 26.77 -15.58
CA VAL B 15 -10.62 28.04 -15.51
C VAL B 15 -11.10 28.83 -14.30
N HIS B 16 -10.19 29.46 -13.58
CA HIS B 16 -10.55 30.47 -12.59
C HIS B 16 -10.00 31.80 -13.07
N VAL B 17 -10.88 32.81 -13.06
CA VAL B 17 -10.58 34.10 -13.64
C VAL B 17 -10.86 35.24 -12.68
N ARG B 18 -11.41 34.93 -11.48
CA ARG B 18 -11.61 35.88 -10.40
C ARG B 18 -12.46 37.07 -10.82
N GLU B 19 -12.31 38.17 -10.08
CA GLU B 19 -13.05 39.40 -10.31
C GLU B 19 -12.05 40.56 -10.36
N GLY B 20 -12.58 41.76 -10.50
CA GLY B 20 -11.81 42.99 -10.32
C GLY B 20 -10.61 43.07 -11.23
N ALA B 21 -9.55 43.70 -10.74
CA ALA B 21 -8.38 43.90 -11.59
C ALA B 21 -7.71 42.57 -11.95
N MET B 22 -7.75 41.58 -11.05
CA MET B 22 -7.19 40.27 -11.37
C MET B 22 -7.86 39.69 -12.60
N CYS B 23 -9.17 39.85 -12.67
CA CYS B 23 -9.91 39.35 -13.80
C CYS B 23 -9.52 40.09 -15.08
N GLU B 24 -9.34 41.42 -15.01
CA GLU B 24 -8.85 42.15 -16.17
C GLU B 24 -7.44 41.70 -16.57
N LEU B 25 -6.64 41.23 -15.62
CA LEU B 25 -5.30 40.77 -15.96
C LEU B 25 -5.34 39.43 -16.69
N VAL B 26 -6.11 38.47 -16.18
CA VAL B 26 -5.97 37.08 -16.59
C VAL B 26 -6.91 36.69 -17.75
N THR B 27 -8.14 37.25 -17.82
CA THR B 27 -9.05 36.85 -18.88
C THR B 27 -8.47 36.97 -20.29
N PRO B 28 -7.74 38.03 -20.66
CA PRO B 28 -7.09 38.03 -21.98
C PRO B 28 -6.02 36.94 -22.11
N LYS B 29 -5.53 36.38 -21.01
CA LYS B 29 -4.48 35.37 -21.13
C LYS B 29 -5.01 34.00 -21.56
N ILE B 30 -6.33 33.78 -21.51
CA ILE B 30 -6.91 32.57 -22.06
C ILE B 30 -6.52 32.42 -23.54
N ARG B 31 -6.74 33.49 -24.32
CA ARG B 31 -6.42 33.40 -25.75
C ARG B 31 -4.93 33.30 -25.96
N ASP B 32 -4.15 34.10 -25.24
CA ASP B 32 -2.71 34.05 -25.40
C ASP B 32 -2.14 32.70 -25.04
N GLY B 33 -2.79 31.97 -24.13
CA GLY B 33 -2.36 30.64 -23.78
C GLY B 33 -2.70 29.59 -24.79
N GLY B 34 -3.44 29.97 -25.83
CA GLY B 34 -3.81 29.03 -26.88
C GLY B 34 -5.17 28.40 -26.73
N VAL B 35 -6.07 28.98 -25.92
CA VAL B 35 -7.36 28.36 -25.60
C VAL B 35 -8.45 29.20 -26.22
N SER B 36 -9.36 28.54 -26.94
CA SER B 36 -10.48 29.19 -27.59
C SER B 36 -11.76 29.17 -26.75
N ILE B 37 -12.05 28.06 -26.07
CA ILE B 37 -13.24 27.88 -25.24
C ILE B 37 -12.81 27.67 -23.79
N ALA B 38 -13.50 28.34 -22.85
CA ALA B 38 -13.14 28.22 -21.43
C ALA B 38 -14.39 27.99 -20.58
N TYR B 39 -14.32 26.99 -19.69
CA TYR B 39 -15.35 26.74 -18.69
C TYR B 39 -14.98 27.50 -17.43
N ILE B 40 -15.83 28.44 -17.03
CA ILE B 40 -15.52 29.37 -15.95
C ILE B 40 -16.02 28.82 -14.62
N MET B 41 -15.19 28.79 -13.67
CA MET B 41 -15.62 28.20 -12.42
C MET B 41 -16.20 29.27 -11.49
N PRO B 42 -17.16 28.94 -10.62
CA PRO B 42 -17.97 29.97 -9.96
C PRO B 42 -17.56 30.34 -8.53
N ASN B 43 -16.40 29.90 -8.04
CA ASN B 43 -16.08 30.06 -6.62
C ASN B 43 -15.52 31.46 -6.31
N LEU B 44 -16.35 32.44 -6.63
CA LEU B 44 -16.09 33.81 -6.24
C LEU B 44 -16.52 34.00 -4.80
N GLN B 45 -16.36 35.21 -4.30
CA GLN B 45 -16.76 35.55 -2.93
C GLN B 45 -17.67 36.77 -3.04
N PRO B 46 -18.99 36.61 -2.87
CA PRO B 46 -19.68 35.35 -2.59
C PRO B 46 -19.76 34.42 -3.80
N PRO B 47 -20.12 33.16 -3.59
CA PRO B 47 -20.28 32.24 -4.72
C PRO B 47 -21.36 32.72 -5.67
N ILE B 48 -21.26 32.27 -6.93
CA ILE B 48 -22.28 32.55 -7.95
C ILE B 48 -23.44 31.57 -7.79
N THR B 49 -24.58 32.05 -7.32
CA THR B 49 -25.75 31.21 -7.13
C THR B 49 -27.03 31.83 -7.67
N THR B 50 -26.94 32.99 -8.30
CA THR B 50 -28.08 33.72 -8.83
C THR B 50 -27.92 33.94 -10.33
N LEU B 51 -29.05 34.01 -11.03
CA LEU B 51 -29.02 34.11 -12.48
C LEU B 51 -28.48 35.45 -12.96
N ASP B 52 -28.82 36.53 -12.25
CA ASP B 52 -28.37 37.85 -12.69
C ASP B 52 -26.86 38.00 -12.56
N ARG B 53 -26.28 37.43 -11.50
CA ARG B 53 -24.85 37.56 -11.32
C ARG B 53 -24.06 36.67 -12.27
N VAL B 54 -24.58 35.50 -12.62
CA VAL B 54 -23.83 34.69 -13.58
C VAL B 54 -23.89 35.33 -14.95
N ILE B 55 -24.97 36.09 -15.21
CA ILE B 55 -25.17 36.76 -16.51
C ILE B 55 -24.51 38.11 -16.37
N GLU B 56 -23.97 38.43 -15.18
CA GLU B 56 -23.27 39.72 -14.96
C GLU B 56 -21.76 39.47 -15.06
N TYR B 57 -21.37 38.20 -14.92
CA TYR B 57 -19.99 37.73 -15.00
C TYR B 57 -19.58 37.47 -16.45
N LYS B 58 -20.46 36.87 -17.26
CA LYS B 58 -20.16 36.49 -18.68
C LYS B 58 -19.71 37.54 -19.72
N LYS B 59 -20.57 38.52 -20.01
CA LYS B 59 -20.29 39.76 -20.76
C LYS B 59 -19.16 40.53 -20.08
N THR B 60 -19.07 40.56 -18.72
CA THR B 60 -17.81 41.14 -18.25
C THR B 60 -16.62 40.39 -18.84
N LEU B 61 -16.65 39.06 -18.83
CA LEU B 61 -15.56 38.32 -19.45
C LEU B 61 -15.58 38.52 -20.96
N GLN B 62 -16.76 38.59 -21.56
CA GLN B 62 -16.80 38.82 -23.01
C GLN B 62 -16.25 40.20 -23.34
N LYS B 63 -16.49 41.17 -22.46
CA LYS B 63 -15.91 42.49 -22.68
C LYS B 63 -14.40 42.45 -22.57
N LEU B 64 -13.86 41.64 -21.66
CA LEU B 64 -12.41 41.55 -21.54
C LEU B 64 -11.76 40.76 -22.66
N ALA B 65 -12.51 39.82 -23.25
CA ALA B 65 -11.98 38.89 -24.26
C ALA B 65 -13.05 38.60 -25.31
N PRO B 66 -13.15 39.44 -26.33
CA PRO B 66 -14.24 39.26 -27.32
C PRO B 66 -14.15 37.97 -28.13
N LYS B 67 -12.97 37.39 -28.30
CA LYS B 67 -12.87 36.21 -29.16
C LYS B 67 -12.95 34.87 -28.41
N THR B 68 -13.13 34.87 -27.09
CA THR B 68 -13.09 33.66 -26.29
C THR B 68 -14.50 33.18 -25.97
N THR B 69 -14.75 31.88 -26.18
CA THR B 69 -16.04 31.31 -25.86
C THR B 69 -16.10 30.96 -24.38
N PHE B 70 -17.17 31.41 -23.72
CA PHE B 70 -17.30 31.30 -22.27
C PHE B 70 -18.50 30.44 -21.91
N LEU B 71 -18.23 29.27 -21.34
CA LEU B 71 -19.24 28.42 -20.72
C LEU B 71 -19.21 28.68 -19.22
N MET B 72 -20.37 29.02 -18.66
CA MET B 72 -20.48 29.45 -17.28
C MET B 72 -21.04 28.34 -16.40
N SER B 73 -20.97 28.56 -15.09
CA SER B 73 -21.44 27.54 -14.18
C SER B 73 -22.04 28.21 -12.96
N PHE B 74 -22.85 27.45 -12.24
CA PHE B 74 -23.32 27.81 -10.91
C PHE B 74 -22.46 27.09 -9.89
N TYR B 75 -22.49 27.63 -8.68
CA TYR B 75 -21.84 27.03 -7.52
C TYR B 75 -22.89 26.23 -6.77
N LEU B 76 -22.61 24.95 -6.55
CA LEU B 76 -23.57 24.09 -5.87
C LEU B 76 -23.81 24.54 -4.43
N SER B 77 -25.01 25.02 -4.15
CA SER B 77 -25.35 25.59 -2.86
C SER B 77 -26.81 25.29 -2.57
N LYS B 78 -27.19 25.32 -1.29
CA LYS B 78 -28.59 25.21 -0.93
C LYS B 78 -29.44 26.38 -1.44
N ASP B 79 -28.85 27.42 -2.03
CA ASP B 79 -29.69 28.48 -2.55
C ASP B 79 -30.18 28.19 -3.96
N LEU B 80 -29.82 27.03 -4.52
CA LEU B 80 -30.28 26.70 -5.86
C LEU B 80 -31.61 25.97 -5.80
N THR B 81 -32.44 26.20 -6.81
CA THR B 81 -33.74 25.57 -6.91
C THR B 81 -33.87 24.97 -8.29
N PRO B 82 -34.68 23.92 -8.44
CA PRO B 82 -34.92 23.39 -9.79
C PRO B 82 -35.40 24.44 -10.76
N ASP B 83 -36.27 25.34 -10.32
CA ASP B 83 -36.74 26.37 -11.24
C ASP B 83 -35.62 27.32 -11.62
N LEU B 84 -34.71 27.64 -10.68
CA LEU B 84 -33.51 28.36 -11.08
C LEU B 84 -32.72 27.58 -12.13
N ILE B 85 -32.57 26.26 -11.95
CA ILE B 85 -31.79 25.48 -12.92
C ILE B 85 -32.45 25.51 -14.29
N HIS B 86 -33.78 25.34 -14.33
CA HIS B 86 -34.51 25.35 -15.61
C HIS B 86 -34.46 26.72 -16.25
N GLU B 87 -34.64 27.79 -15.46
CA GLU B 87 -34.59 29.12 -16.04
C GLU B 87 -33.21 29.42 -16.60
N ALA B 88 -32.15 29.04 -15.87
CA ALA B 88 -30.80 29.33 -16.33
C ALA B 88 -30.47 28.54 -17.58
N ALA B 89 -30.92 27.28 -17.64
CA ALA B 89 -30.66 26.46 -18.81
C ALA B 89 -31.42 26.98 -20.02
N GLN B 90 -32.68 27.38 -19.84
CA GLN B 90 -33.48 27.84 -20.99
C GLN B 90 -32.97 29.17 -21.53
N GLN B 91 -32.34 29.97 -20.68
CA GLN B 91 -31.75 31.23 -21.10
C GLN B 91 -30.30 31.07 -21.54
N HIS B 92 -29.80 29.83 -21.61
CA HIS B 92 -28.43 29.55 -22.02
C HIS B 92 -27.41 30.30 -21.16
N ALA B 93 -27.70 30.47 -19.87
CA ALA B 93 -26.81 31.21 -18.99
C ALA B 93 -25.71 30.34 -18.39
N ILE B 94 -25.97 29.06 -18.13
CA ILE B 94 -25.00 28.17 -17.51
C ILE B 94 -24.86 26.92 -18.36
N ARG B 95 -23.76 26.23 -18.15
CA ARG B 95 -23.54 24.96 -18.82
C ARG B 95 -23.38 23.81 -17.83
N GLY B 96 -23.25 24.10 -16.55
CA GLY B 96 -23.16 23.08 -15.53
C GLY B 96 -23.14 23.69 -14.14
N VAL B 97 -23.09 22.80 -13.16
CA VAL B 97 -23.02 23.21 -11.77
C VAL B 97 -21.79 22.55 -11.17
N CYS B 99 -19.51 21.49 -7.95
CA CYS B 99 -19.62 21.21 -6.51
C CYS B 99 -18.29 21.32 -5.74
N TYR B 100 -18.31 22.08 -4.64
CA TYR B 100 -17.15 22.22 -3.75
C TYR B 100 -17.47 21.60 -2.40
N PRO B 101 -16.78 20.56 -2.00
CA PRO B 101 -16.89 20.11 -0.61
C PRO B 101 -16.41 21.22 0.33
N ALA B 102 -17.09 21.35 1.47
CA ALA B 102 -16.83 22.45 2.39
C ALA B 102 -15.43 22.36 2.97
N GLY B 103 -14.67 23.45 2.87
CA GLY B 103 -13.38 23.60 3.53
C GLY B 103 -12.19 23.01 2.81
N VAL B 104 -12.38 22.32 1.67
CA VAL B 104 -11.26 21.58 1.09
C VAL B 104 -10.39 22.40 0.16
N THR B 105 -10.84 23.57 -0.31
CA THR B 105 -10.06 24.41 -1.23
C THR B 105 -10.54 25.86 -1.17
N THR B 106 -10.06 26.68 -2.10
CA THR B 106 -10.34 28.12 -2.08
C THR B 106 -11.84 28.42 -2.22
N ASN B 107 -12.36 29.28 -1.36
CA ASN B 107 -13.77 29.71 -1.42
C ASN B 107 -14.70 28.51 -1.42
N SER B 108 -14.38 27.52 -0.59
CA SER B 108 -15.20 26.34 -0.48
C SER B 108 -15.90 26.27 0.85
N ALA B 109 -15.73 27.29 1.70
CA ALA B 109 -16.34 27.32 3.02
C ALA B 109 -17.86 27.30 2.97
N ALA B 110 -18.44 27.86 1.90
CA ALA B 110 -19.88 27.82 1.66
C ALA B 110 -20.31 26.58 0.87
N GLY B 111 -19.60 25.45 1.03
CA GLY B 111 -19.80 24.31 0.17
C GLY B 111 -20.65 23.25 0.83
N VAL B 112 -20.67 22.09 0.19
CA VAL B 112 -21.55 21.00 0.57
C VAL B 112 -20.75 19.98 1.35
N ASP B 113 -21.45 19.14 2.11
CA ASP B 113 -20.82 17.95 2.69
C ASP B 113 -21.05 16.75 1.79
N PRO B 114 -20.00 16.12 1.26
CA PRO B 114 -20.18 14.98 0.34
C PRO B 114 -20.57 13.68 1.03
N ASN B 115 -20.90 13.72 2.31
CA ASN B 115 -21.52 12.58 2.98
C ASN B 115 -23.04 12.73 2.92
N ASP B 116 -23.52 13.69 2.13
CA ASP B 116 -24.92 13.88 1.84
C ASP B 116 -25.09 13.71 0.31
N PHE B 117 -25.09 14.79 -0.43
CA PHE B 117 -25.37 14.88 -1.85
C PHE B 117 -26.85 14.68 -2.11
N SER B 118 -27.52 13.80 -1.36
CA SER B 118 -28.96 13.61 -1.53
C SER B 118 -29.75 14.92 -1.39
N ALA B 119 -29.31 15.84 -0.52
CA ALA B 119 -30.07 17.10 -0.42
C ALA B 119 -30.04 17.89 -1.73
N PHE B 120 -29.19 17.52 -2.68
CA PHE B 120 -29.08 18.23 -3.94
C PHE B 120 -29.66 17.42 -5.09
N TYR B 121 -30.30 16.31 -4.78
CA TYR B 121 -30.95 15.51 -5.80
C TYR B 121 -31.99 16.29 -6.59
N PRO B 122 -32.81 17.18 -5.98
CA PRO B 122 -33.65 18.05 -6.82
C PRO B 122 -32.85 18.81 -7.86
N ILE B 123 -31.64 19.28 -7.50
CA ILE B 123 -30.81 20.02 -8.44
C ILE B 123 -30.30 19.11 -9.53
N PHE B 124 -29.84 17.91 -9.16
CA PHE B 124 -29.32 17.02 -10.19
C PHE B 124 -30.42 16.58 -11.15
N LYS B 125 -31.66 16.39 -10.68
CA LYS B 125 -32.71 16.01 -11.62
C LYS B 125 -32.97 17.13 -12.62
N ALA B 126 -32.94 18.37 -12.15
CA ALA B 126 -33.10 19.48 -13.07
C ALA B 126 -31.96 19.53 -14.06
N MET B 127 -30.71 19.38 -13.58
CA MET B 127 -29.57 19.43 -14.50
C MET B 127 -29.62 18.28 -15.50
N GLN B 128 -30.04 17.09 -15.06
CA GLN B 128 -30.15 15.94 -15.96
C GLN B 128 -31.18 16.21 -17.05
N GLU B 129 -32.33 16.78 -16.68
CA GLU B 129 -33.38 17.08 -17.65
C GLU B 129 -32.92 18.14 -18.63
N GLU B 130 -32.08 19.07 -18.19
CA GLU B 130 -31.61 20.16 -19.06
C GLU B 130 -30.27 19.88 -19.73
N ASN B 131 -29.71 18.68 -19.55
CA ASN B 131 -28.42 18.26 -20.15
C ASN B 131 -27.25 19.17 -19.74
N LEU B 132 -27.24 19.58 -18.48
CA LEU B 132 -26.14 20.34 -17.90
C LEU B 132 -25.10 19.38 -17.33
N VAL B 133 -23.90 19.89 -17.09
CA VAL B 133 -22.81 19.07 -16.59
C VAL B 133 -22.70 19.27 -15.08
N LEU B 134 -22.48 18.17 -14.32
CA LEU B 134 -22.18 18.26 -12.88
C LEU B 134 -20.67 18.10 -12.71
N ASN B 135 -20.00 19.17 -12.29
CA ASN B 135 -18.56 19.20 -12.09
C ASN B 135 -18.27 18.94 -10.62
N LEU B 136 -17.34 18.04 -10.34
CA LEU B 136 -17.05 17.63 -8.97
C LEU B 136 -15.61 17.95 -8.61
N HIS B 137 -15.44 18.74 -7.56
CA HIS B 137 -14.15 18.75 -6.87
C HIS B 137 -14.18 17.55 -5.92
N GLY B 138 -13.65 16.45 -6.42
CA GLY B 138 -13.77 15.16 -5.77
C GLY B 138 -12.78 14.96 -4.65
N GLU B 139 -13.08 15.52 -3.49
CA GLU B 139 -12.25 15.31 -2.32
C GLU B 139 -13.18 15.30 -1.14
N LYS B 140 -13.05 14.30 -0.28
CA LYS B 140 -13.78 14.31 0.98
C LYS B 140 -13.05 15.21 1.98
N PRO B 141 -13.79 15.94 2.81
CA PRO B 141 -13.15 16.74 3.85
C PRO B 141 -12.38 15.86 4.82
N SER B 142 -11.34 16.43 5.44
CA SER B 142 -10.45 15.62 6.24
C SER B 142 -11.03 15.32 7.62
N VAL B 143 -10.91 14.07 8.03
CA VAL B 143 -11.27 13.62 9.36
C VAL B 143 -10.03 12.92 9.89
N HIS B 144 -9.59 13.29 11.10
CA HIS B 144 -8.41 12.65 11.66
C HIS B 144 -8.71 11.72 12.82
N ASP B 145 -9.86 11.87 13.47
CA ASP B 145 -10.21 10.98 14.56
C ASP B 145 -10.53 9.61 13.96
N GLY B 146 -10.93 8.64 14.76
CA GLY B 146 -11.01 7.39 14.08
C GLY B 146 -12.12 6.47 14.44
N ASP B 147 -13.14 6.44 13.62
CA ASP B 147 -13.93 5.24 13.57
C ASP B 147 -13.78 4.68 12.17
N LYS B 148 -14.15 5.52 11.21
CA LYS B 148 -13.90 5.28 9.77
C LYS B 148 -12.43 5.69 9.51
N GLU B 149 -11.81 5.21 8.44
CA GLU B 149 -10.41 5.48 8.22
C GLU B 149 -10.17 6.98 7.98
N PRO B 150 -9.12 7.54 8.55
CA PRO B 150 -8.89 8.99 8.45
C PRO B 150 -8.70 9.47 7.01
N ILE B 151 -9.18 10.68 6.76
CA ILE B 151 -9.05 11.39 5.49
C ILE B 151 -8.02 12.49 5.65
N HIS B 152 -7.09 12.58 4.69
CA HIS B 152 -6.04 13.60 4.65
C HIS B 152 -5.81 13.99 3.18
N VAL B 153 -4.98 15.01 2.95
CA VAL B 153 -4.83 15.56 1.61
C VAL B 153 -4.32 14.54 0.57
N LEU B 154 -3.75 13.42 1.00
CA LEU B 154 -3.21 12.47 0.04
C LEU B 154 -4.18 11.37 -0.35
N ASN B 155 -5.17 11.03 0.48
CA ASN B 155 -6.18 10.04 0.10
C ASN B 155 -7.57 10.63 0.02
N ALA B 156 -7.71 11.96 0.13
CA ALA B 156 -9.05 12.52 0.11
C ALA B 156 -9.74 12.24 -1.23
N GLU B 157 -8.98 12.26 -2.32
CA GLU B 157 -9.57 12.00 -3.63
C GLU B 157 -10.03 10.55 -3.72
N GLU B 158 -9.20 9.62 -3.25
CA GLU B 158 -9.56 8.21 -3.25
C GLU B 158 -10.80 7.96 -2.40
N ALA B 159 -10.89 8.62 -1.25
CA ALA B 159 -12.03 8.52 -0.37
C ALA B 159 -13.30 9.09 -1.01
N PHE B 160 -13.16 9.87 -2.07
CA PHE B 160 -14.33 10.41 -2.73
C PHE B 160 -14.89 9.49 -3.80
N LEU B 161 -14.09 8.60 -4.35
CA LEU B 161 -14.56 7.80 -5.48
C LEU B 161 -15.89 7.08 -5.23
N PRO B 162 -16.19 6.55 -4.03
CA PRO B 162 -17.53 5.97 -3.84
C PRO B 162 -18.67 6.97 -4.06
N ALA B 163 -18.52 8.23 -3.62
CA ALA B 163 -19.56 9.24 -3.84
C ALA B 163 -19.81 9.46 -5.33
N LEU B 164 -18.75 9.47 -6.14
CA LEU B 164 -18.93 9.60 -7.58
C LEU B 164 -19.70 8.40 -8.13
N LYS B 165 -19.31 7.19 -7.73
CA LYS B 165 -19.93 5.99 -8.26
C LYS B 165 -21.41 5.98 -7.96
N LYS B 166 -21.80 6.37 -6.74
CA LYS B 166 -23.21 6.44 -6.39
C LYS B 166 -23.93 7.50 -7.21
N LEU B 167 -23.33 8.67 -7.42
CA LEU B 167 -24.03 9.71 -8.19
C LEU B 167 -24.31 9.23 -9.61
N HIS B 168 -23.35 8.53 -10.20
CA HIS B 168 -23.51 8.06 -11.58
C HIS B 168 -24.52 6.95 -11.65
N ASN B 169 -24.66 6.16 -10.58
CA ASN B 169 -25.63 5.08 -10.57
C ASN B 169 -27.03 5.62 -10.38
N ASP B 170 -27.18 6.60 -9.48
CA ASP B 170 -28.47 7.20 -9.24
C ASP B 170 -28.89 8.15 -10.34
N PHE B 171 -27.96 8.63 -11.16
CA PHE B 171 -28.29 9.53 -12.27
C PHE B 171 -27.51 9.09 -13.50
N PRO B 172 -27.88 7.96 -14.09
CA PRO B 172 -27.12 7.42 -15.22
C PRO B 172 -27.11 8.32 -16.44
N ASN B 173 -28.02 9.27 -16.57
CA ASN B 173 -27.99 10.09 -17.76
C ASN B 173 -27.39 11.47 -17.53
N LEU B 174 -26.94 11.74 -16.30
CA LEU B 174 -26.35 13.02 -15.97
C LEU B 174 -24.88 13.01 -16.37
N LYS B 175 -24.48 14.05 -17.08
CA LYS B 175 -23.07 14.21 -17.40
C LYS B 175 -22.31 14.63 -16.14
N ILE B 176 -21.28 13.88 -15.78
CA ILE B 176 -20.49 14.18 -14.60
C ILE B 176 -19.02 14.18 -14.98
N ILE B 177 -18.28 15.18 -14.48
CA ILE B 177 -16.83 15.27 -14.61
C ILE B 177 -16.22 15.28 -13.23
N LEU B 178 -15.27 14.37 -13.00
CA LEU B 178 -14.35 14.47 -11.87
C LEU B 178 -13.25 15.43 -12.25
N GLU B 179 -13.26 16.63 -11.68
CA GLU B 179 -12.30 17.64 -12.10
C GLU B 179 -10.89 17.31 -11.59
N HIS B 180 -9.91 17.78 -12.33
CA HIS B 180 -8.50 17.65 -11.97
C HIS B 180 -8.15 16.39 -11.19
N CYS B 181 -8.18 15.26 -11.89
CA CYS B 181 -7.79 13.95 -11.30
C CYS B 181 -6.29 14.01 -10.96
N THR B 182 -5.94 13.59 -9.75
CA THR B 182 -4.55 13.63 -9.28
C THR B 182 -3.98 12.29 -8.84
N SER B 183 -4.82 11.27 -8.62
CA SER B 183 -4.39 9.97 -8.11
C SER B 183 -4.67 8.87 -9.14
N GLU B 184 -3.84 7.83 -9.09
CA GLU B 184 -4.03 6.67 -9.97
C GLU B 184 -5.38 5.98 -9.71
N SER B 185 -5.82 5.95 -8.45
CA SER B 185 -7.13 5.39 -8.15
C SER B 185 -8.23 6.10 -8.93
N ALA B 186 -8.15 7.42 -9.04
CA ALA B 186 -9.17 8.14 -9.79
C ALA B 186 -9.12 7.76 -11.28
N ILE B 187 -7.92 7.61 -11.85
CA ILE B 187 -7.83 7.24 -13.27
C ILE B 187 -8.51 5.89 -13.51
N LYS B 188 -8.20 4.89 -12.66
CA LYS B 188 -8.77 3.55 -12.83
C LYS B 188 -10.28 3.56 -12.65
N THR B 189 -10.79 4.35 -11.71
CA THR B 189 -12.23 4.43 -11.55
C THR B 189 -12.89 5.03 -12.78
N ILE B 190 -12.25 6.02 -13.38
CA ILE B 190 -12.83 6.62 -14.57
C ILE B 190 -12.80 5.64 -15.74
N GLU B 191 -11.70 4.91 -15.87
CA GLU B 191 -11.58 3.93 -16.94
C GLU B 191 -12.60 2.81 -16.78
N ASP B 192 -12.76 2.31 -15.56
CA ASP B 192 -13.69 1.23 -15.35
C ASP B 192 -15.13 1.67 -15.58
N ILE B 193 -15.50 2.91 -15.23
CA ILE B 193 -16.85 3.40 -15.49
C ILE B 193 -17.14 3.45 -16.99
N ASN B 194 -16.10 3.60 -17.83
CA ASN B 194 -16.28 3.69 -19.27
C ASN B 194 -15.79 2.42 -19.98
N LYS B 195 -15.93 1.29 -19.29
CA LYS B 195 -15.47 -0.08 -19.72
C LYS B 195 -16.18 -0.55 -21.00
N ASN B 196 -17.48 -0.29 -21.14
CA ASN B 196 -18.32 -0.62 -22.30
C ASN B 196 -18.63 0.60 -23.15
N VAL B 197 -17.63 1.44 -23.40
CA VAL B 197 -17.79 2.67 -24.17
C VAL B 197 -17.19 2.49 -25.55
N LYS B 198 -17.97 2.85 -26.56
CA LYS B 198 -17.58 2.67 -27.95
C LYS B 198 -17.09 3.98 -28.55
N LYS B 199 -18.00 4.88 -28.88
CA LYS B 199 -17.69 6.19 -29.41
C LYS B 199 -17.72 7.25 -28.30
N ALA B 200 -17.26 8.45 -28.65
CA ALA B 200 -17.08 9.47 -27.62
C ALA B 200 -18.42 9.87 -27.02
N THR B 201 -19.51 9.80 -27.77
CA THR B 201 -20.76 10.29 -27.21
C THR B 201 -21.41 9.34 -26.21
N ASP B 202 -20.87 8.12 -26.06
CA ASP B 202 -21.30 7.24 -24.98
C ASP B 202 -20.78 7.70 -23.63
N VAL B 203 -19.76 8.55 -23.62
CA VAL B 203 -19.18 9.00 -22.36
C VAL B 203 -20.21 9.85 -21.60
N LYS B 204 -20.50 9.48 -20.36
CA LYS B 204 -21.26 10.36 -19.51
C LYS B 204 -20.46 10.80 -18.29
N VAL B 205 -19.49 9.99 -17.87
CA VAL B 205 -18.58 10.35 -16.78
C VAL B 205 -17.19 10.52 -17.37
N ALA B 206 -16.64 11.74 -17.26
CA ALA B 206 -15.30 12.03 -17.75
C ALA B 206 -14.47 12.67 -16.62
N ALA B 207 -13.18 12.93 -16.90
CA ALA B 207 -12.26 13.50 -15.94
C ALA B 207 -11.38 14.53 -16.64
N THR B 208 -11.09 15.65 -15.99
CA THR B 208 -10.17 16.62 -16.55
C THR B 208 -8.81 16.49 -15.89
N LEU B 209 -7.76 16.77 -16.66
CA LEU B 209 -6.41 16.76 -16.13
C LEU B 209 -5.79 18.11 -16.39
N THR B 210 -5.17 18.68 -15.36
CA THR B 210 -4.52 19.97 -15.42
C THR B 210 -3.15 19.85 -16.09
N ALA B 211 -2.50 20.98 -16.34
CA ALA B 211 -1.12 20.92 -16.79
C ALA B 211 -0.16 20.57 -15.66
N HIS B 212 -0.33 21.20 -14.49
CA HIS B 212 0.71 21.11 -13.46
C HIS B 212 0.79 19.72 -12.84
N HIS B 213 -0.32 18.99 -12.75
CA HIS B 213 -0.26 17.62 -12.24
C HIS B 213 0.41 16.65 -13.22
N LEU B 214 0.65 17.04 -14.47
CA LEU B 214 1.50 16.21 -15.32
C LEU B 214 3.01 16.47 -15.11
N PHE B 215 3.39 17.48 -14.32
CA PHE B 215 4.79 17.73 -13.96
C PHE B 215 5.07 17.45 -12.48
N LEU B 216 4.17 17.82 -11.58
CA LEU B 216 4.45 17.92 -10.15
C LEU B 216 4.24 16.60 -9.42
N THR B 217 5.06 16.40 -8.39
CA THR B 217 4.85 15.41 -7.35
C THR B 217 4.99 16.11 -6.00
N ILE B 218 4.79 15.35 -4.91
CA ILE B 218 4.77 16.00 -3.59
C ILE B 218 6.07 16.77 -3.36
N ASP B 219 7.19 16.26 -3.87
CA ASP B 219 8.47 16.92 -3.64
C ASP B 219 8.54 18.30 -4.28
N ASP B 220 7.73 18.58 -5.30
CA ASP B 220 7.80 19.89 -5.91
C ASP B 220 7.09 20.97 -5.09
N TRP B 221 6.10 20.61 -4.24
CA TRP B 221 5.38 21.62 -3.47
C TRP B 221 5.69 21.60 -1.97
N ALA B 222 6.43 20.60 -1.48
CA ALA B 222 6.96 20.61 -0.11
C ALA B 222 7.94 21.77 0.02
N GLY B 223 7.59 22.78 0.78
CA GLY B 223 8.48 23.91 0.84
C GLY B 223 8.39 24.89 -0.31
N ASN B 224 7.46 24.69 -1.25
CA ASN B 224 7.25 25.62 -2.38
C ASN B 224 5.76 25.89 -2.57
N PRO B 225 5.23 26.86 -1.83
CA PRO B 225 3.78 27.14 -1.92
C PRO B 225 3.30 27.55 -3.28
N VAL B 226 4.27 27.93 -4.14
CA VAL B 226 4.12 28.39 -5.56
C VAL B 226 3.68 27.23 -6.45
N ASN B 227 3.77 26.01 -5.93
CA ASN B 227 3.29 24.78 -6.52
C ASN B 227 2.23 24.11 -5.67
N PHE B 228 1.76 24.75 -4.61
CA PHE B 228 0.73 24.16 -3.78
C PHE B 228 -0.64 24.43 -4.39
N CYS B 229 -1.46 23.38 -4.50
CA CYS B 229 -2.80 23.48 -5.06
C CYS B 229 -3.66 22.38 -4.46
N LYS B 230 -4.96 22.43 -4.77
CA LYS B 230 -5.89 21.39 -4.38
C LYS B 230 -6.57 20.83 -5.63
N PRO B 231 -6.61 19.49 -5.82
CA PRO B 231 -5.97 18.52 -4.94
C PRO B 231 -4.47 18.56 -5.07
N VAL B 232 -3.84 18.20 -3.98
CA VAL B 232 -2.41 18.27 -3.91
C VAL B 232 -1.79 17.28 -4.90
N ALA B 233 -0.65 17.67 -5.47
CA ALA B 233 0.13 16.74 -6.28
C ALA B 233 0.72 15.65 -5.38
N LYS B 234 0.68 14.40 -5.87
CA LYS B 234 0.92 13.24 -5.03
C LYS B 234 2.21 12.48 -5.40
N LEU B 235 2.10 11.17 -5.48
CA LEU B 235 3.31 10.37 -5.60
C LEU B 235 3.71 10.17 -7.07
N PRO B 236 4.98 9.85 -7.32
CA PRO B 236 5.39 9.59 -8.71
C PRO B 236 4.50 8.59 -9.45
N ASN B 237 3.99 7.56 -8.78
CA ASN B 237 3.11 6.64 -9.49
C ASN B 237 1.80 7.32 -9.88
N ASP B 238 1.31 8.24 -9.04
CA ASP B 238 0.12 8.99 -9.42
C ASP B 238 0.40 9.86 -10.64
N LYS B 239 1.55 10.56 -10.69
CA LYS B 239 1.87 11.38 -11.86
C LYS B 239 1.99 10.54 -13.14
N LYS B 240 2.55 9.32 -13.03
CA LYS B 240 2.64 8.47 -14.21
C LYS B 240 1.26 8.12 -14.74
N ALA B 241 0.33 7.77 -13.84
CA ALA B 241 -1.01 7.40 -14.29
C ALA B 241 -1.71 8.58 -14.97
N LEU B 242 -1.52 9.81 -14.46
CA LEU B 242 -2.16 10.97 -15.07
C LEU B 242 -1.64 11.23 -16.48
N VAL B 243 -0.33 11.07 -16.68
CA VAL B 243 0.26 11.29 -17.98
C VAL B 243 -0.18 10.22 -18.98
N LYS B 244 -0.21 8.95 -18.56
CA LYS B 244 -0.66 7.91 -19.47
C LYS B 244 -2.11 8.11 -19.85
N ALA B 245 -2.92 8.66 -18.95
CA ALA B 245 -4.31 8.96 -19.28
C ALA B 245 -4.40 10.16 -20.21
N ALA B 246 -3.52 11.14 -20.05
CA ALA B 246 -3.61 12.30 -20.92
C ALA B 246 -3.27 11.91 -22.35
N VAL B 247 -2.25 11.09 -22.55
CA VAL B 247 -1.84 10.73 -23.90
C VAL B 247 -2.58 9.48 -24.41
N SER B 248 -3.56 8.99 -23.63
CA SER B 248 -4.21 7.73 -23.95
C SER B 248 -5.00 7.81 -25.27
N GLY B 249 -5.56 8.97 -25.59
CA GLY B 249 -6.49 8.98 -26.69
C GLY B 249 -7.89 8.57 -26.33
N LYS B 250 -8.15 8.23 -25.06
CA LYS B 250 -9.51 7.88 -24.67
C LYS B 250 -10.38 9.14 -24.54
N PRO B 251 -11.64 9.07 -24.93
CA PRO B 251 -12.47 10.29 -24.96
C PRO B 251 -13.01 10.74 -23.60
N TYR B 252 -12.74 10.02 -22.50
CA TYR B 252 -13.20 10.42 -21.17
C TYR B 252 -12.12 11.12 -20.32
N PHE B 253 -10.96 11.45 -20.90
CA PHE B 253 -9.94 12.31 -20.29
C PHE B 253 -9.72 13.47 -21.23
N PHE B 254 -9.89 14.70 -20.74
CA PHE B 254 -9.55 15.88 -21.52
C PHE B 254 -9.05 17.01 -20.62
N PHE B 255 -8.63 18.10 -21.26
CA PHE B 255 -7.86 19.14 -20.60
C PHE B 255 -8.74 20.08 -19.82
N GLY B 256 -8.36 20.33 -18.57
CA GLY B 256 -8.97 21.32 -17.72
C GLY B 256 -7.85 21.92 -16.89
N SER B 257 -7.48 23.16 -17.14
CA SER B 257 -6.22 23.65 -16.59
C SER B 257 -6.28 23.81 -15.07
N ASP B 258 -7.45 24.13 -14.52
CA ASP B 258 -7.55 24.64 -13.14
C ASP B 258 -6.49 25.70 -12.88
N SER B 259 -6.25 26.56 -13.88
CA SER B 259 -5.45 27.76 -13.69
C SER B 259 -6.13 28.62 -12.63
N ALA B 260 -5.47 28.81 -11.49
CA ALA B 260 -6.03 29.48 -10.32
C ALA B 260 -5.10 30.59 -9.89
N PRO B 261 -5.29 31.81 -10.40
CA PRO B 261 -4.36 32.91 -10.09
C PRO B 261 -4.54 33.46 -8.69
N HIS B 262 -3.42 33.78 -8.05
CA HIS B 262 -3.40 34.49 -6.79
C HIS B 262 -2.27 35.51 -6.85
N PRO B 263 -2.46 36.68 -6.25
CA PRO B 263 -1.35 37.63 -6.15
C PRO B 263 -0.22 37.02 -5.33
N VAL B 264 1.02 37.39 -5.64
CA VAL B 264 2.18 36.74 -5.05
C VAL B 264 2.13 36.77 -3.53
N GLN B 265 1.62 37.86 -2.95
CA GLN B 265 1.58 37.98 -1.50
C GLN B 265 0.57 37.01 -0.90
N ASN B 266 -0.32 36.44 -1.69
CA ASN B 266 -1.17 35.40 -1.12
C ASN B 266 -0.52 34.02 -1.16
N LYS B 267 0.61 33.88 -1.82
CA LYS B 267 1.34 32.60 -1.80
C LYS B 267 2.52 32.63 -0.84
N ALA B 268 2.96 33.81 -0.43
CA ALA B 268 4.07 33.96 0.51
C ALA B 268 3.51 34.25 1.91
N ASN B 269 2.70 33.33 2.43
CA ASN B 269 2.19 33.38 3.80
C ASN B 269 2.98 32.41 4.65
N TYR B 270 3.12 32.71 5.94
CA TYR B 270 3.66 31.68 6.80
C TYR B 270 2.56 30.75 7.32
N GLU B 271 1.32 31.12 7.14
CA GLU B 271 0.20 30.26 7.48
C GLU B 271 -0.96 30.64 6.59
N GLY B 272 -1.78 29.65 6.26
CA GLY B 272 -2.90 29.89 5.38
C GLY B 272 -2.51 30.26 3.96
N VAL B 273 -1.53 29.55 3.39
CA VAL B 273 -1.21 29.79 1.98
C VAL B 273 -2.41 29.44 1.10
N CYS B 274 -2.68 30.29 0.10
CA CYS B 274 -3.74 30.05 -0.88
C CYS B 274 -3.37 28.95 -1.86
N ALA B 275 -4.24 27.96 -2.03
CA ALA B 275 -4.00 26.89 -3.00
C ALA B 275 -4.25 27.37 -4.42
N GLY B 276 -3.39 26.93 -5.36
CA GLY B 276 -3.61 27.32 -6.74
C GLY B 276 -2.37 27.67 -7.55
N VAL B 277 -2.34 27.13 -8.76
CA VAL B 277 -1.25 27.29 -9.70
C VAL B 277 -1.76 28.05 -10.92
N TYR B 278 -1.01 29.06 -11.36
CA TYR B 278 -1.40 29.86 -12.52
C TYR B 278 -0.73 29.34 -13.79
N SER B 279 -1.53 28.85 -14.72
CA SER B 279 -1.02 28.24 -15.94
C SER B 279 -1.65 28.80 -17.20
N GLN B 280 -2.52 29.81 -17.07
CA GLN B 280 -3.29 30.25 -18.23
C GLN B 280 -2.38 30.76 -19.33
N SER B 281 -1.32 31.47 -18.94
CA SER B 281 -0.56 32.21 -19.94
C SER B 281 0.14 31.29 -20.93
N PHE B 282 0.33 30.03 -20.59
CA PHE B 282 1.04 29.09 -21.46
C PHE B 282 0.36 27.72 -21.47
N ALA B 283 -0.98 27.72 -21.34
CA ALA B 283 -1.73 26.50 -21.06
C ALA B 283 -1.43 25.44 -22.11
N ILE B 284 -1.66 25.74 -23.38
CA ILE B 284 -1.45 24.73 -24.43
C ILE B 284 0.04 24.40 -24.58
N PRO B 285 0.97 25.36 -24.61
CA PRO B 285 2.39 24.96 -24.65
C PRO B 285 2.79 24.05 -23.48
N TYR B 286 2.33 24.30 -22.24
CA TYR B 286 2.61 23.33 -21.17
C TYR B 286 2.23 21.92 -21.62
N ILE B 287 0.99 21.75 -22.12
CA ILE B 287 0.55 20.39 -22.46
C ILE B 287 1.35 19.83 -23.63
N ALA B 288 1.71 20.68 -24.60
CA ALA B 288 2.48 20.19 -25.74
C ALA B 288 3.79 19.57 -25.28
N GLN B 289 4.42 20.17 -24.24
CA GLN B 289 5.70 19.65 -23.72
C GLN B 289 5.54 18.22 -23.20
N VAL B 290 4.47 17.96 -22.43
CA VAL B 290 4.26 16.62 -21.91
C VAL B 290 4.06 15.64 -23.07
N PHE B 291 3.21 16.02 -24.03
CA PHE B 291 2.92 15.16 -25.17
C PHE B 291 4.14 14.93 -26.03
N GLU B 292 5.01 15.95 -26.16
CA GLU B 292 6.23 15.77 -26.93
C GLU B 292 7.14 14.73 -26.27
N GLU B 293 7.37 14.88 -24.95
CA GLU B 293 8.24 13.95 -24.22
C GLU B 293 7.68 12.53 -24.18
N GLN B 294 6.39 12.35 -24.46
CA GLN B 294 5.83 11.01 -24.46
C GLN B 294 5.70 10.47 -25.87
N ASN B 295 6.22 11.20 -26.85
CA ASN B 295 6.06 10.86 -28.25
C ASN B 295 4.61 10.50 -28.55
N ALA B 296 3.72 11.41 -28.15
CA ALA B 296 2.29 11.19 -28.32
C ALA B 296 1.62 12.44 -28.85
N LEU B 297 2.36 13.24 -29.62
CA LEU B 297 1.86 14.48 -30.17
C LEU B 297 0.66 14.29 -31.12
N GLU B 298 0.50 13.09 -31.71
CA GLU B 298 -0.67 12.82 -32.53
C GLU B 298 -1.95 12.90 -31.71
N ASN B 299 -1.86 12.60 -30.42
CA ASN B 299 -3.02 12.55 -29.53
C ASN B 299 -3.31 13.89 -28.85
N LEU B 300 -2.56 14.95 -29.20
CA LEU B 300 -2.73 16.22 -28.52
C LEU B 300 -4.07 16.87 -28.86
N LYS B 301 -4.47 16.82 -30.14
CA LYS B 301 -5.69 17.49 -30.56
C LYS B 301 -6.92 16.95 -29.83
N GLY B 302 -6.95 15.65 -29.57
CA GLY B 302 -8.08 15.10 -28.87
C GLY B 302 -8.16 15.55 -27.42
N PHE B 303 -7.01 15.55 -26.73
CA PHE B 303 -6.97 15.87 -25.30
C PHE B 303 -7.28 17.34 -25.02
N VAL B 304 -6.89 18.26 -25.92
CA VAL B 304 -7.07 19.71 -25.69
C VAL B 304 -8.18 20.30 -26.52
N SER B 305 -8.79 19.55 -27.43
CA SER B 305 -9.82 20.12 -28.29
C SER B 305 -11.02 19.19 -28.53
N ASP B 306 -10.80 18.04 -29.17
CA ASP B 306 -11.92 17.24 -29.64
C ASP B 306 -12.78 16.73 -28.50
N PHE B 307 -12.17 16.12 -27.48
CA PHE B 307 -12.95 15.41 -26.47
C PHE B 307 -13.74 16.35 -25.57
N GLY B 308 -13.20 17.54 -25.27
CA GLY B 308 -13.95 18.50 -24.50
C GLY B 308 -15.11 19.09 -25.27
N ILE B 309 -14.89 19.43 -26.54
CA ILE B 309 -16.00 19.88 -27.38
C ILE B 309 -17.06 18.80 -27.49
N SER B 310 -16.59 17.59 -27.70
CA SER B 310 -17.61 16.54 -27.84
C SER B 310 -18.40 16.43 -26.51
N PHE B 311 -17.73 16.27 -25.36
CA PHE B 311 -18.46 16.07 -24.11
C PHE B 311 -19.34 17.26 -23.76
N TYR B 312 -18.83 18.47 -23.93
CA TYR B 312 -19.67 19.62 -23.61
C TYR B 312 -20.65 19.97 -24.72
N GLU B 313 -20.59 19.28 -25.86
CA GLU B 313 -21.51 19.56 -26.96
C GLU B 313 -21.45 21.04 -27.34
N VAL B 314 -20.24 21.50 -27.64
CA VAL B 314 -20.06 22.88 -28.07
C VAL B 314 -20.39 22.95 -29.56
N LYS B 315 -21.31 23.84 -29.91
CA LYS B 315 -21.71 24.09 -31.28
C LYS B 315 -20.97 25.32 -31.78
N ASP B 316 -20.80 25.43 -33.10
CA ASP B 316 -20.27 26.67 -33.65
C ASP B 316 -21.27 27.80 -33.43
N SER B 317 -22.53 27.47 -33.19
CA SER B 317 -23.55 28.47 -32.97
C SER B 317 -23.14 29.38 -31.81
N GLU B 318 -22.47 28.83 -30.80
CA GLU B 318 -22.05 29.58 -29.63
C GLU B 318 -20.61 30.08 -29.68
N VAL B 319 -19.77 29.52 -30.56
CA VAL B 319 -18.34 29.83 -30.49
C VAL B 319 -18.13 31.28 -30.92
N ALA B 320 -17.40 32.05 -30.10
CA ALA B 320 -17.21 33.49 -30.29
C ALA B 320 -16.23 33.83 -31.40
N SER B 321 -15.40 32.89 -31.82
CA SER B 321 -14.46 33.13 -32.91
C SER B 321 -14.06 31.80 -33.51
N SER B 322 -13.95 31.78 -34.83
CA SER B 322 -13.57 30.56 -35.53
C SER B 322 -12.08 30.42 -35.70
N ASP B 323 -11.28 31.33 -35.14
CA ASP B 323 -9.83 31.24 -35.30
C ASP B 323 -9.31 29.93 -34.78
N LYS B 324 -8.36 29.35 -35.51
CA LYS B 324 -7.76 28.09 -35.10
C LYS B 324 -6.45 28.36 -34.35
N ALA B 325 -6.24 27.63 -33.26
CA ALA B 325 -4.99 27.72 -32.52
C ALA B 325 -3.93 26.86 -33.20
N ILE B 326 -2.82 27.47 -33.59
CA ILE B 326 -1.74 26.76 -34.24
C ILE B 326 -0.54 26.72 -33.30
N LEU B 327 -0.07 25.51 -33.01
CA LEU B 327 1.13 25.31 -32.23
C LEU B 327 2.33 25.24 -33.17
N PHE B 328 3.36 26.03 -32.89
CA PHE B 328 4.55 26.03 -33.73
C PHE B 328 5.77 25.94 -32.83
N LYS B 329 6.80 25.25 -33.31
CA LYS B 329 7.95 24.85 -32.49
C LYS B 329 9.01 25.96 -32.45
N LYS B 330 8.66 27.04 -31.75
CA LYS B 330 9.59 28.09 -31.40
C LYS B 330 9.81 28.04 -29.89
N GLU B 331 11.07 28.00 -29.48
CA GLU B 331 11.41 27.97 -28.06
C GLU B 331 11.10 29.32 -27.43
N GLN B 332 10.57 29.30 -26.22
CA GLN B 332 10.30 30.52 -25.47
C GLN B 332 10.57 30.28 -24.00
N VAL B 333 10.74 31.35 -23.24
CA VAL B 333 11.08 31.27 -21.82
C VAL B 333 9.92 31.82 -21.01
N ILE B 334 9.54 31.13 -19.94
CA ILE B 334 8.44 31.57 -19.09
C ILE B 334 8.92 32.75 -18.24
N PRO B 335 8.21 33.88 -18.24
CA PRO B 335 8.62 35.01 -17.39
C PRO B 335 8.66 34.62 -15.93
N GLN B 336 9.25 35.50 -15.13
CA GLN B 336 9.29 35.29 -13.69
C GLN B 336 7.99 35.75 -13.00
N VAL B 337 7.30 36.71 -13.57
CA VAL B 337 6.07 37.25 -13.01
C VAL B 337 5.16 37.65 -14.16
N ILE B 338 3.87 37.62 -13.90
CA ILE B 338 2.87 38.14 -14.81
C ILE B 338 2.18 39.25 -14.04
N SER B 339 2.39 40.50 -14.45
CA SER B 339 1.94 41.63 -13.66
C SER B 339 1.05 42.55 -14.49
N ASP B 340 0.10 43.19 -13.80
CA ASP B 340 -0.76 44.17 -14.44
C ASP B 340 -0.18 45.57 -14.37
N GLY B 341 1.08 45.71 -13.95
CA GLY B 341 1.63 47.04 -13.89
C GLY B 341 0.99 47.98 -12.89
N LYS B 342 0.17 47.46 -11.95
CA LYS B 342 -0.45 48.26 -10.91
C LYS B 342 -0.20 47.61 -9.55
N ASP B 343 -1.15 46.81 -9.07
CA ASP B 343 -1.03 46.20 -7.76
C ASP B 343 -0.89 44.67 -7.79
N ILE B 344 -0.95 44.03 -8.96
CA ILE B 344 -1.08 42.59 -9.02
C ILE B 344 0.15 41.96 -9.71
N SER B 345 0.77 40.99 -9.04
CA SER B 345 1.81 40.15 -9.62
C SER B 345 1.52 38.68 -9.35
N ILE B 346 1.69 37.85 -10.38
CA ILE B 346 1.44 36.42 -10.30
C ILE B 346 2.70 35.67 -10.71
N ILE B 347 3.06 34.65 -9.95
CA ILE B 347 4.14 33.74 -10.34
C ILE B 347 3.56 32.66 -11.24
N PRO B 348 3.95 32.59 -12.51
CA PRO B 348 3.42 31.57 -13.41
C PRO B 348 4.03 30.20 -13.17
N PHE B 349 3.28 29.18 -13.55
CA PHE B 349 3.75 27.82 -13.47
C PHE B 349 5.03 27.64 -14.25
N LYS B 350 6.00 26.96 -13.64
CA LYS B 350 7.30 26.70 -14.26
C LYS B 350 8.03 27.99 -14.66
N ALA B 351 7.98 29.00 -13.78
CA ALA B 351 8.60 30.29 -14.06
C ALA B 351 10.09 30.14 -14.34
N GLY B 352 10.55 30.76 -15.43
CA GLY B 352 11.93 30.73 -15.85
C GLY B 352 12.32 29.57 -16.74
N ASP B 353 11.48 28.53 -16.84
CA ASP B 353 11.80 27.36 -17.65
C ASP B 353 11.55 27.65 -19.12
N LYS B 354 12.06 26.77 -19.97
CA LYS B 354 11.93 26.91 -21.42
C LYS B 354 10.92 25.88 -21.94
N LEU B 355 10.11 26.30 -22.90
CA LEU B 355 9.13 25.46 -23.57
C LEU B 355 9.44 25.36 -25.07
N SER B 356 9.29 24.16 -25.63
CA SER B 356 9.63 23.94 -27.03
C SER B 356 8.62 24.52 -28.01
N TRP B 357 7.44 24.95 -27.55
CA TRP B 357 6.37 25.36 -28.44
C TRP B 357 5.78 26.70 -28.03
N SER B 358 5.23 27.40 -29.02
CA SER B 358 4.46 28.63 -28.85
C SER B 358 3.15 28.51 -29.64
N VAL B 359 2.26 29.49 -29.48
CA VAL B 359 0.93 29.39 -30.08
C VAL B 359 0.57 30.68 -30.79
N ARG B 360 0.02 30.52 -32.00
CA ARG B 360 -0.46 31.61 -32.85
C ARG B 360 -1.87 31.24 -33.33
N TRP B 361 -2.65 32.24 -33.70
CA TRP B 361 -3.99 32.04 -34.21
C TRP B 361 -4.12 32.31 -35.71
N GLU B 362 -4.93 31.51 -36.38
CA GLU B 362 -5.20 31.59 -37.82
C GLU B 362 -6.69 31.39 -38.07
N PRO B 363 -7.31 32.20 -38.94
CA PRO B 363 -8.74 32.04 -39.19
C PRO B 363 -9.00 30.80 -40.06
N ARG B 364 -10.28 30.46 -40.21
CA ARG B 364 -10.68 29.29 -41.03
C ARG B 364 -11.05 29.72 -42.46
N LEU B 365 -11.83 28.87 -43.16
CA LEU B 365 -12.36 28.90 -44.57
C LEU B 365 -11.33 28.29 -45.52
N VAL C 2 -18.64 -11.33 -33.82
CA VAL C 2 -18.26 -11.73 -35.16
C VAL C 2 -18.59 -13.23 -35.36
N GLN C 3 -18.65 -13.70 -36.61
CA GLN C 3 -18.80 -15.13 -36.83
C GLN C 3 -17.46 -15.83 -36.98
N GLU C 4 -16.57 -15.30 -37.81
CA GLU C 4 -15.28 -15.93 -38.04
C GLU C 4 -14.17 -14.90 -37.97
N ILE C 5 -12.99 -15.33 -37.51
CA ILE C 5 -11.83 -14.45 -37.43
C ILE C 5 -10.61 -15.21 -37.93
N ASP C 6 -10.00 -14.72 -38.99
CA ASP C 6 -8.78 -15.34 -39.50
C ASP C 6 -7.58 -14.88 -38.66
N LEU C 7 -6.92 -15.82 -37.98
CA LEU C 7 -5.78 -15.48 -37.13
C LEU C 7 -4.44 -15.85 -37.75
N GLY C 8 -4.43 -16.54 -38.88
CA GLY C 8 -3.16 -16.85 -39.51
C GLY C 8 -2.39 -17.88 -38.73
N LEU C 9 -1.07 -17.69 -38.64
CA LEU C 9 -0.17 -18.62 -37.98
C LEU C 9 -0.02 -18.20 -36.52
N THR C 10 -0.86 -18.77 -35.70
CA THR C 10 -0.92 -18.47 -34.29
C THR C 10 0.35 -18.91 -33.59
N CYS C 11 0.63 -18.24 -32.47
CA CYS C 11 1.83 -18.42 -31.66
C CYS C 11 1.49 -18.60 -30.19
N ASP C 12 2.06 -19.63 -29.58
CA ASP C 12 2.06 -19.83 -28.12
C ASP C 12 3.52 -19.92 -27.74
N MET C 13 4.06 -18.86 -27.15
CA MET C 13 5.50 -18.81 -26.94
C MET C 13 5.90 -19.28 -25.57
N HIS C 14 5.13 -20.19 -24.95
CA HIS C 14 5.50 -20.68 -23.63
C HIS C 14 4.70 -21.98 -23.41
N VAL C 15 5.28 -23.10 -23.82
CA VAL C 15 4.59 -24.37 -23.86
C VAL C 15 5.40 -25.41 -23.08
N HIS C 16 4.72 -26.21 -22.27
CA HIS C 16 5.32 -27.41 -21.69
C HIS C 16 4.61 -28.65 -22.19
N VAL C 17 5.39 -29.64 -22.64
CA VAL C 17 4.84 -30.88 -23.16
C VAL C 17 5.40 -32.10 -22.45
N ARG C 18 6.31 -31.91 -21.50
CA ARG C 18 6.80 -33.02 -20.67
C ARG C 18 7.44 -34.11 -21.50
N GLU C 19 7.44 -35.34 -20.98
CA GLU C 19 8.01 -36.49 -21.66
C GLU C 19 7.02 -37.65 -21.60
N GLY C 20 7.44 -38.78 -22.18
CA GLY C 20 6.74 -40.04 -22.00
C GLY C 20 5.29 -39.96 -22.44
N ALA C 21 4.44 -40.67 -21.69
CA ALA C 21 3.03 -40.73 -22.05
C ALA C 21 2.37 -39.36 -21.97
N MET C 22 2.81 -38.52 -21.02
CA MET C 22 2.24 -37.18 -20.97
C MET C 22 2.51 -36.43 -22.28
N CYS C 23 3.71 -36.57 -22.81
CA CYS C 23 4.05 -35.86 -24.02
C CYS C 23 3.25 -36.40 -25.22
N GLU C 24 3.03 -37.71 -25.30
CA GLU C 24 2.20 -38.25 -26.37
C GLU C 24 0.76 -37.75 -26.27
N LEU C 25 0.25 -37.55 -25.06
CA LEU C 25 -1.11 -37.05 -24.90
C LEU C 25 -1.21 -35.57 -25.23
N VAL C 26 -0.26 -34.76 -24.76
CA VAL C 26 -0.45 -33.32 -24.73
C VAL C 26 0.06 -32.66 -26.00
N THR C 27 1.17 -33.16 -26.56
CA THR C 27 1.73 -32.51 -27.74
C THR C 27 0.74 -32.36 -28.89
N PRO C 28 -0.09 -33.35 -29.25
CA PRO C 28 -1.07 -33.12 -30.31
C PRO C 28 -2.10 -32.09 -29.96
N LYS C 29 -2.23 -31.74 -28.68
CA LYS C 29 -3.24 -30.76 -28.30
C LYS C 29 -2.85 -29.32 -28.61
N ILE C 30 -1.56 -29.03 -28.88
CA ILE C 30 -1.16 -27.69 -29.34
C ILE C 30 -1.97 -27.26 -30.55
N ARG C 31 -2.02 -28.13 -31.56
CA ARG C 31 -2.81 -27.84 -32.75
C ARG C 31 -4.31 -27.84 -32.45
N ASP C 32 -4.79 -28.78 -31.62
CA ASP C 32 -6.22 -28.78 -31.31
C ASP C 32 -6.64 -27.51 -30.60
N GLY C 33 -5.75 -26.90 -29.82
CA GLY C 33 -6.04 -25.64 -29.15
C GLY C 33 -6.03 -24.42 -30.05
N GLY C 34 -5.61 -24.58 -31.29
CA GLY C 34 -5.56 -23.48 -32.22
C GLY C 34 -4.19 -22.87 -32.38
N VAL C 35 -3.13 -23.58 -32.03
CA VAL C 35 -1.80 -23.02 -32.02
C VAL C 35 -0.98 -23.73 -33.08
N SER C 36 -0.29 -22.95 -33.91
CA SER C 36 0.59 -23.43 -34.98
C SER C 36 2.05 -23.47 -34.57
N ILE C 37 2.53 -22.44 -33.85
CA ILE C 37 3.92 -22.31 -33.44
C ILE C 37 3.99 -22.37 -31.92
N ALA C 38 4.92 -23.17 -31.41
CA ALA C 38 5.04 -23.35 -29.97
C ALA C 38 6.51 -23.27 -29.54
N TYR C 39 6.78 -22.49 -28.48
CA TYR C 39 8.10 -22.41 -27.88
C TYR C 39 8.18 -23.43 -26.74
N ILE C 40 9.07 -24.42 -26.85
CA ILE C 40 9.09 -25.54 -25.89
C ILE C 40 10.03 -25.24 -24.72
N MET C 41 9.50 -25.42 -23.46
CA MET C 41 10.36 -25.06 -22.36
C MET C 41 11.20 -26.26 -21.92
N PRO C 42 12.36 -26.02 -21.33
CA PRO C 42 13.36 -27.08 -21.15
C PRO C 42 13.41 -27.69 -19.76
N ASN C 43 12.42 -27.44 -18.91
CA ASN C 43 12.50 -27.87 -17.52
C ASN C 43 12.01 -29.31 -17.38
N LEU C 44 12.65 -30.15 -18.16
CA LEU C 44 12.44 -31.54 -17.99
C LEU C 44 13.29 -32.02 -16.82
N GLN C 45 13.24 -33.33 -16.68
CA GLN C 45 14.15 -34.11 -15.86
C GLN C 45 14.87 -35.13 -16.70
N PRO C 46 16.19 -35.01 -16.81
CA PRO C 46 16.87 -33.89 -16.15
C PRO C 46 16.66 -32.75 -17.15
N PRO C 47 16.97 -31.49 -16.80
CA PRO C 47 16.73 -30.38 -17.74
C PRO C 47 17.50 -30.54 -19.05
N ILE C 48 17.02 -29.89 -20.10
CA ILE C 48 17.69 -29.95 -21.38
C ILE C 48 18.88 -28.99 -21.34
N THR C 49 20.08 -29.55 -21.29
CA THR C 49 21.28 -28.75 -21.30
C THR C 49 22.28 -29.24 -22.33
N THR C 50 21.93 -30.25 -23.13
CA THR C 50 22.87 -30.77 -24.11
C THR C 50 22.28 -30.73 -25.51
N LEU C 51 23.16 -30.61 -26.49
CA LEU C 51 22.70 -30.47 -27.86
C LEU C 51 22.01 -31.75 -28.36
N ASP C 52 22.51 -32.93 -27.96
CA ASP C 52 21.93 -34.19 -28.47
C ASP C 52 20.51 -34.42 -27.97
N ARG C 53 20.31 -33.97 -26.73
CA ARG C 53 19.00 -34.04 -26.01
C ARG C 53 18.04 -33.00 -26.60
N VAL C 54 18.51 -31.78 -26.93
CA VAL C 54 17.52 -30.85 -27.47
C VAL C 54 17.15 -31.28 -28.86
N ILE C 55 18.09 -31.87 -29.60
CA ILE C 55 17.81 -32.24 -30.98
C ILE C 55 16.86 -33.43 -31.03
N GLU C 56 17.04 -34.41 -30.12
CA GLU C 56 16.18 -35.58 -30.11
C GLU C 56 14.79 -35.27 -29.57
N TYR C 57 14.68 -34.34 -28.62
CA TYR C 57 13.37 -33.89 -28.15
C TYR C 57 12.53 -33.34 -29.29
N LYS C 58 13.12 -32.48 -30.14
CA LYS C 58 12.35 -31.87 -31.21
C LYS C 58 11.84 -32.92 -32.19
N LYS C 59 12.66 -33.92 -32.49
CA LYS C 59 12.27 -34.98 -33.43
C LYS C 59 11.14 -35.83 -32.88
N THR C 60 11.15 -36.07 -31.57
CA THR C 60 10.01 -36.71 -30.95
C THR C 60 8.74 -35.89 -31.14
N LEU C 61 8.84 -34.58 -30.92
CA LEU C 61 7.66 -33.73 -31.01
C LEU C 61 7.14 -33.61 -32.44
N GLN C 62 8.03 -33.56 -33.43
CA GLN C 62 7.56 -33.52 -34.81
C GLN C 62 6.85 -34.82 -35.18
N LYS C 63 7.29 -35.95 -34.63
CA LYS C 63 6.61 -37.20 -34.93
C LYS C 63 5.18 -37.18 -34.39
N LEU C 64 4.98 -36.59 -33.20
CA LEU C 64 3.65 -36.53 -32.60
C LEU C 64 2.79 -35.44 -33.24
N ALA C 65 3.39 -34.41 -33.81
CA ALA C 65 2.65 -33.29 -34.38
C ALA C 65 3.37 -32.81 -35.63
N PRO C 66 3.13 -33.48 -36.77
CA PRO C 66 3.84 -33.08 -38.00
C PRO C 66 3.48 -31.69 -38.49
N LYS C 67 2.29 -31.19 -38.16
CA LYS C 67 1.86 -29.87 -38.63
C LYS C 67 2.21 -28.74 -37.67
N THR C 68 2.90 -29.01 -36.56
CA THR C 68 3.24 -28.01 -35.55
C THR C 68 4.70 -27.60 -35.63
N THR C 69 4.94 -26.29 -35.62
CA THR C 69 6.28 -25.73 -35.59
C THR C 69 6.79 -25.64 -34.15
N PHE C 70 8.00 -26.16 -33.93
CA PHE C 70 8.58 -26.27 -32.59
C PHE C 70 9.86 -25.43 -32.54
N LEU C 71 9.85 -24.38 -31.72
CA LEU C 71 11.06 -23.64 -31.37
C LEU C 71 11.54 -24.15 -30.02
N MET C 72 12.81 -24.52 -29.94
CA MET C 72 13.33 -25.21 -28.77
C MET C 72 14.18 -24.28 -27.91
N SER C 73 14.51 -24.75 -26.73
CA SER C 73 15.23 -23.88 -25.81
C SER C 73 16.15 -24.77 -24.99
N PHE C 74 17.16 -24.15 -24.39
CA PHE C 74 18.03 -24.73 -23.38
C PHE C 74 17.63 -24.26 -21.99
N TYR C 75 18.00 -25.03 -20.99
CA TYR C 75 17.82 -24.66 -19.59
C TYR C 75 19.11 -24.01 -19.04
N LEU C 76 19.02 -22.74 -18.66
CA LEU C 76 20.19 -22.01 -18.19
C LEU C 76 20.78 -22.65 -16.93
N SER C 77 22.00 -23.19 -17.05
CA SER C 77 22.66 -24.05 -16.06
C SER C 77 24.18 -23.85 -16.10
N LYS C 78 24.82 -24.36 -15.04
CA LYS C 78 26.30 -24.34 -14.95
C LYS C 78 26.87 -25.30 -16.00
N ASP C 79 26.05 -26.19 -16.60
CA ASP C 79 26.68 -27.07 -17.58
C ASP C 79 26.75 -26.42 -18.94
N LEU C 80 26.30 -25.17 -19.09
CA LEU C 80 26.36 -24.48 -20.37
C LEU C 80 27.64 -23.68 -20.47
N THR C 81 28.15 -23.58 -21.69
CA THR C 81 29.37 -22.86 -21.99
C THR C 81 29.07 -22.00 -23.21
N PRO C 82 29.82 -20.92 -23.41
CA PRO C 82 29.63 -20.14 -24.64
C PRO C 82 29.72 -20.99 -25.90
N ASP C 83 30.64 -21.97 -25.89
CA ASP C 83 30.80 -22.84 -27.05
C ASP C 83 29.58 -23.70 -27.30
N LEU C 84 28.96 -24.22 -26.24
CA LEU C 84 27.70 -24.91 -26.44
C LEU C 84 26.65 -23.98 -27.05
N ILE C 85 26.55 -22.73 -26.55
CA ILE C 85 25.52 -21.84 -27.09
C ILE C 85 25.76 -21.62 -28.57
N HIS C 86 27.02 -21.45 -28.94
CA HIS C 86 27.42 -21.24 -30.34
C HIS C 86 27.14 -22.47 -31.20
N GLU C 87 27.46 -23.66 -30.71
CA GLU C 87 27.19 -24.85 -31.51
C GLU C 87 25.70 -25.05 -31.70
N ALA C 88 24.90 -24.83 -30.64
CA ALA C 88 23.47 -25.08 -30.78
C ALA C 88 22.83 -24.06 -31.71
N ALA C 89 23.29 -22.81 -31.61
CA ALA C 89 22.78 -21.75 -32.46
C ALA C 89 23.17 -22.02 -33.90
N GLN C 90 24.41 -22.45 -34.12
CA GLN C 90 24.87 -22.65 -35.49
C GLN C 90 24.18 -23.82 -36.17
N GLN C 91 23.67 -24.78 -35.41
CA GLN C 91 22.91 -25.86 -35.99
C GLN C 91 21.41 -25.62 -35.96
N HIS C 92 20.94 -24.43 -35.59
CA HIS C 92 19.50 -24.11 -35.54
C HIS C 92 18.71 -25.08 -34.66
N ALA C 93 19.32 -25.51 -33.56
CA ALA C 93 18.71 -26.46 -32.63
C ALA C 93 17.90 -25.78 -31.54
N ILE C 94 18.32 -24.60 -31.07
CA ILE C 94 17.66 -23.90 -30.00
C ILE C 94 17.31 -22.53 -30.51
N ARG C 95 16.33 -21.91 -29.85
CA ARG C 95 15.91 -20.55 -30.20
C ARG C 95 16.15 -19.56 -29.08
N GLY C 96 16.41 -20.04 -27.87
CA GLY C 96 16.68 -19.20 -26.73
C GLY C 96 17.01 -20.07 -25.55
N VAL C 97 17.33 -19.40 -24.44
CA VAL C 97 17.65 -20.12 -23.20
C VAL C 97 16.75 -19.63 -22.08
N CYS C 99 15.70 -19.29 -18.15
CA CYS C 99 16.24 -19.22 -16.81
C CYS C 99 15.17 -19.47 -15.71
N TYR C 100 15.43 -20.43 -14.83
CA TYR C 100 14.59 -20.72 -13.68
C TYR C 100 15.40 -20.41 -12.43
N PRO C 101 15.02 -19.42 -11.63
CA PRO C 101 15.67 -19.27 -10.33
C PRO C 101 15.46 -20.54 -9.53
N ALA C 102 16.46 -20.88 -8.73
CA ALA C 102 16.44 -22.15 -8.01
C ALA C 102 15.30 -22.20 -6.99
N GLY C 103 14.46 -23.25 -7.11
CA GLY C 103 13.41 -23.59 -6.16
C GLY C 103 12.04 -22.91 -6.36
N VAL C 104 11.92 -22.01 -7.33
CA VAL C 104 10.70 -21.22 -7.39
C VAL C 104 9.55 -21.91 -8.14
N THR C 105 9.84 -22.95 -8.93
CA THR C 105 8.78 -23.61 -9.68
C THR C 105 9.25 -25.02 -10.05
N THR C 106 8.47 -25.68 -10.90
CA THR C 106 8.68 -27.10 -11.21
C THR C 106 10.03 -27.34 -11.88
N ASN C 107 10.75 -28.34 -11.36
CA ASN C 107 12.03 -28.75 -11.94
C ASN C 107 12.99 -27.58 -12.06
N SER C 108 13.01 -26.75 -11.02
CA SER C 108 13.89 -25.60 -10.94
C SER C 108 14.98 -25.79 -9.90
N ALA C 109 15.05 -26.96 -9.26
CA ALA C 109 16.07 -27.20 -8.24
C ALA C 109 17.47 -27.14 -8.83
N ALA C 110 17.62 -27.44 -10.12
CA ALA C 110 18.88 -27.23 -10.84
C ALA C 110 18.98 -25.82 -11.42
N GLY C 111 18.42 -24.80 -10.76
CA GLY C 111 18.30 -23.50 -11.37
C GLY C 111 19.40 -22.55 -10.91
N VAL C 112 19.23 -21.29 -11.29
CA VAL C 112 20.28 -20.30 -11.06
C VAL C 112 19.94 -19.50 -9.81
N ASP C 113 20.99 -18.88 -9.25
CA ASP C 113 20.85 -17.87 -8.20
C ASP C 113 20.76 -16.51 -8.87
N PRO C 114 19.60 -15.84 -8.83
CA PRO C 114 19.42 -14.58 -9.58
C PRO C 114 20.07 -13.36 -8.95
N ASN C 115 20.86 -13.55 -7.90
CA ASN C 115 21.73 -12.51 -7.37
C ASN C 115 23.17 -12.74 -7.75
N ASP C 116 23.45 -13.80 -8.51
CA ASP C 116 24.77 -14.14 -9.04
C ASP C 116 24.57 -14.43 -10.51
N PHE C 117 23.71 -13.67 -11.19
CA PHE C 117 23.66 -13.57 -12.65
C PHE C 117 24.99 -13.32 -13.34
N SER C 118 25.90 -12.55 -12.69
CA SER C 118 27.19 -12.19 -13.29
C SER C 118 27.99 -13.42 -13.77
N ALA C 119 27.92 -14.53 -13.05
CA ALA C 119 28.55 -15.77 -13.50
C ALA C 119 28.01 -16.27 -14.84
N PHE C 120 26.86 -15.78 -15.32
CA PHE C 120 26.32 -16.28 -16.59
C PHE C 120 26.48 -15.27 -17.72
N TYR C 121 27.17 -14.16 -17.48
CA TYR C 121 27.38 -13.18 -18.55
C TYR C 121 28.14 -13.75 -19.76
N PRO C 122 29.15 -14.62 -19.61
CA PRO C 122 29.70 -15.27 -20.81
C PRO C 122 28.65 -15.96 -21.68
N ILE C 123 27.65 -16.58 -21.05
CA ILE C 123 26.58 -17.23 -21.80
C ILE C 123 25.74 -16.18 -22.50
N PHE C 124 25.39 -15.12 -21.78
CA PHE C 124 24.50 -14.11 -22.33
C PHE C 124 25.14 -13.42 -23.52
N LYS C 125 26.46 -13.21 -23.43
CA LYS C 125 27.20 -12.63 -24.53
C LYS C 125 27.21 -13.56 -25.74
N ALA C 126 27.32 -14.87 -25.52
CA ALA C 126 27.19 -15.80 -26.65
C ALA C 126 25.77 -15.74 -27.26
N MET C 127 24.71 -15.70 -26.42
CA MET C 127 23.36 -15.59 -26.96
C MET C 127 23.14 -14.28 -27.72
N GLN C 128 23.71 -13.19 -27.20
CA GLN C 128 23.58 -11.90 -27.87
C GLN C 128 24.21 -11.93 -29.26
N GLU C 129 25.39 -12.55 -29.37
CA GLU C 129 26.03 -12.67 -30.67
C GLU C 129 25.20 -13.57 -31.60
N GLU C 130 24.57 -14.60 -31.06
CA GLU C 130 23.82 -15.51 -31.91
C GLU C 130 22.35 -15.17 -32.00
N ASN C 131 21.94 -14.03 -31.45
CA ASN C 131 20.56 -13.55 -31.56
C ASN C 131 19.53 -14.53 -30.97
N LEU C 132 19.89 -15.19 -29.88
CA LEU C 132 18.95 -16.05 -29.17
C LEU C 132 18.17 -15.23 -28.15
N VAL C 133 17.04 -15.79 -27.69
CA VAL C 133 16.17 -15.09 -26.75
C VAL C 133 16.45 -15.62 -25.34
N LEU C 134 16.61 -14.72 -24.40
CA LEU C 134 16.75 -15.08 -23.00
C LEU C 134 15.38 -14.97 -22.35
N ASN C 135 14.83 -16.10 -21.94
CA ASN C 135 13.52 -16.16 -21.31
C ASN C 135 13.67 -16.25 -19.80
N LEU C 136 12.93 -15.41 -19.09
CA LEU C 136 13.10 -15.28 -17.65
C LEU C 136 11.80 -15.69 -16.95
N HIS C 137 11.93 -16.65 -16.03
CA HIS C 137 10.92 -16.83 -14.98
C HIS C 137 11.32 -15.88 -13.87
N GLY C 138 10.75 -14.68 -13.91
CA GLY C 138 11.16 -13.59 -13.04
C GLY C 138 10.59 -13.59 -11.63
N GLU C 139 11.18 -14.38 -10.74
CA GLU C 139 10.78 -14.38 -9.34
C GLU C 139 12.02 -14.60 -8.51
N LYS C 140 12.22 -13.77 -7.54
CA LYS C 140 13.30 -14.07 -6.62
C LYS C 140 12.86 -15.15 -5.65
N PRO C 141 13.77 -16.01 -5.21
CA PRO C 141 13.43 -16.95 -4.13
C PRO C 141 13.03 -16.23 -2.86
N SER C 142 12.25 -16.92 -2.03
CA SER C 142 11.70 -16.32 -0.82
C SER C 142 12.74 -16.29 0.28
N VAL C 143 12.72 -15.22 1.09
CA VAL C 143 13.74 -15.01 2.12
C VAL C 143 13.15 -14.85 3.52
N HIS C 144 13.76 -15.57 4.49
CA HIS C 144 13.85 -15.28 5.92
C HIS C 144 14.39 -13.90 6.26
N ASP C 145 13.79 -13.28 7.28
CA ASP C 145 14.04 -11.91 7.71
C ASP C 145 15.52 -11.53 7.64
N GLY C 146 16.26 -11.78 8.72
CA GLY C 146 17.64 -11.35 8.72
C GLY C 146 17.44 -9.88 8.65
N ASP C 147 17.53 -9.28 7.44
CA ASP C 147 17.70 -7.80 7.36
C ASP C 147 16.65 -7.46 6.34
N LYS C 148 16.61 -8.18 5.24
CA LYS C 148 16.02 -7.74 3.95
C LYS C 148 14.49 -7.75 4.03
N GLU C 149 13.83 -6.85 3.30
CA GLU C 149 12.35 -6.89 3.28
C GLU C 149 12.01 -8.28 2.74
N PRO C 150 11.15 -9.08 3.39
CA PRO C 150 10.94 -10.43 2.97
C PRO C 150 10.34 -10.57 1.56
N ILE C 151 10.70 -11.65 0.90
CA ILE C 151 10.16 -11.97 -0.42
C ILE C 151 9.27 -13.20 -0.27
N HIS C 152 8.05 -13.11 -0.80
CA HIS C 152 7.07 -14.20 -0.72
C HIS C 152 6.40 -14.32 -2.09
N VAL C 153 5.51 -15.30 -2.21
CA VAL C 153 4.97 -15.61 -3.52
C VAL C 153 4.20 -14.46 -4.10
N LEU C 154 3.88 -13.48 -3.29
CA LEU C 154 3.06 -12.36 -3.73
C LEU C 154 3.86 -11.18 -4.30
N ASN C 155 5.11 -10.97 -3.84
CA ASN C 155 5.96 -9.92 -4.38
C ASN C 155 7.26 -10.44 -4.98
N ALA C 156 7.41 -11.76 -5.14
CA ALA C 156 8.64 -12.28 -5.74
C ALA C 156 8.82 -11.80 -7.17
N GLU C 157 7.73 -11.61 -7.91
CA GLU C 157 7.86 -11.08 -9.26
C GLU C 157 8.30 -9.62 -9.22
N GLU C 158 7.72 -8.83 -8.32
CA GLU C 158 8.13 -7.44 -8.17
C GLU C 158 9.57 -7.34 -7.71
N ALA C 159 9.97 -8.21 -6.77
CA ALA C 159 11.35 -8.26 -6.31
C ALA C 159 12.31 -8.62 -7.42
N PHE C 160 11.83 -9.17 -8.53
CA PHE C 160 12.73 -9.54 -9.62
C PHE C 160 12.97 -8.40 -10.59
N LEU C 161 12.08 -7.42 -10.66
CA LEU C 161 12.19 -6.36 -11.68
C LEU C 161 13.53 -5.61 -11.69
N PRO C 162 14.18 -5.29 -10.56
CA PRO C 162 15.54 -4.72 -10.66
C PRO C 162 16.51 -5.63 -11.42
N ALA C 163 16.45 -6.95 -11.22
CA ALA C 163 17.35 -7.88 -11.92
C ALA C 163 17.12 -7.86 -13.43
N LEU C 164 15.86 -7.74 -13.84
CA LEU C 164 15.54 -7.62 -15.25
C LEU C 164 16.12 -6.35 -15.83
N LYS C 165 15.94 -5.22 -15.11
CA LYS C 165 16.40 -3.94 -15.63
C LYS C 165 17.91 -3.93 -15.81
N LYS C 166 18.65 -4.49 -14.85
CA LYS C 166 20.10 -4.56 -14.99
C LYS C 166 20.49 -5.40 -16.19
N LEU C 167 19.83 -6.55 -16.39
CA LEU C 167 20.19 -7.43 -17.50
C LEU C 167 19.98 -6.72 -18.81
N HIS C 168 18.91 -5.96 -18.91
CA HIS C 168 18.68 -5.19 -20.11
C HIS C 168 19.69 -4.06 -20.24
N ASN C 169 20.15 -3.51 -19.11
CA ASN C 169 21.13 -2.44 -19.23
C ASN C 169 22.48 -2.98 -19.66
N ASP C 170 22.90 -4.12 -19.12
CA ASP C 170 24.21 -4.67 -19.46
C ASP C 170 24.24 -5.34 -20.83
N PHE C 171 23.08 -5.73 -21.36
CA PHE C 171 22.98 -6.40 -22.65
C PHE C 171 21.87 -5.74 -23.45
N PRO C 172 22.08 -4.49 -23.87
CA PRO C 172 21.01 -3.75 -24.57
C PRO C 172 20.59 -4.38 -25.89
N ASN C 173 21.42 -5.24 -26.50
CA ASN C 173 21.07 -5.89 -27.75
C ASN C 173 20.55 -7.32 -27.58
N LEU C 174 20.41 -7.79 -26.35
CA LEU C 174 19.90 -9.14 -26.13
C LEU C 174 18.38 -9.11 -26.08
N LYS C 175 17.72 -9.99 -26.82
CA LYS C 175 16.26 -10.08 -26.69
C LYS C 175 15.93 -10.79 -25.37
N ILE C 176 15.12 -10.15 -24.54
CA ILE C 176 14.76 -10.66 -23.22
C ILE C 176 13.24 -10.72 -23.13
N ILE C 177 12.72 -11.83 -22.64
CA ILE C 177 11.29 -11.98 -22.39
C ILE C 177 11.09 -12.26 -20.91
N LEU C 178 10.31 -11.40 -20.27
CA LEU C 178 9.79 -11.71 -18.96
C LEU C 178 8.57 -12.59 -19.18
N GLU C 179 8.72 -13.88 -18.88
CA GLU C 179 7.64 -14.83 -19.11
C GLU C 179 6.53 -14.63 -18.09
N HIS C 180 5.33 -15.03 -18.49
CA HIS C 180 4.09 -15.03 -17.71
C HIS C 180 4.00 -13.97 -16.63
N CYS C 181 3.89 -12.70 -17.04
CA CYS C 181 3.67 -11.62 -16.09
C CYS C 181 2.38 -11.82 -15.30
N THR C 182 2.46 -11.53 -14.00
CA THR C 182 1.29 -11.63 -13.13
C THR C 182 0.98 -10.37 -12.33
N SER C 183 1.87 -9.39 -12.28
CA SER C 183 1.65 -8.24 -11.42
C SER C 183 1.59 -6.94 -12.21
N GLU C 184 0.82 -5.99 -11.69
CA GLU C 184 0.80 -4.67 -12.32
C GLU C 184 2.18 -4.01 -12.28
N SER C 185 2.98 -4.27 -11.23
CA SER C 185 4.36 -3.77 -11.22
C SER C 185 5.12 -4.23 -12.44
N ALA C 186 4.95 -5.50 -12.81
CA ALA C 186 5.68 -6.01 -13.97
C ALA C 186 5.23 -5.32 -15.24
N ILE C 187 3.92 -5.13 -15.40
CA ILE C 187 3.41 -4.52 -16.61
C ILE C 187 3.99 -3.11 -16.77
N LYS C 188 3.99 -2.32 -15.69
CA LYS C 188 4.50 -0.95 -15.77
C LYS C 188 5.99 -0.93 -16.09
N THR C 189 6.75 -1.84 -15.51
CA THR C 189 8.18 -1.87 -15.80
C THR C 189 8.43 -2.18 -17.28
N ILE C 190 7.67 -3.13 -17.85
CA ILE C 190 7.84 -3.50 -19.26
C ILE C 190 7.46 -2.33 -20.14
N GLU C 191 6.37 -1.64 -19.78
CA GLU C 191 5.92 -0.48 -20.55
C GLU C 191 6.96 0.64 -20.51
N ASP C 192 7.53 0.88 -19.34
CA ASP C 192 8.52 1.94 -19.23
C ASP C 192 9.82 1.61 -19.97
N ILE C 193 10.21 0.32 -20.04
CA ILE C 193 11.38 -0.14 -20.81
C ILE C 193 11.14 0.05 -22.30
N ASN C 194 9.88 0.07 -22.73
CA ASN C 194 9.55 0.27 -24.13
C ASN C 194 8.85 1.60 -24.34
N LYS C 195 9.23 2.57 -23.55
CA LYS C 195 8.65 3.91 -23.63
C LYS C 195 8.78 4.49 -25.04
N ASN C 196 9.97 4.52 -25.65
CA ASN C 196 10.08 5.03 -27.00
C ASN C 196 9.76 3.97 -28.04
N VAL C 197 8.76 3.11 -27.95
CA VAL C 197 8.62 2.09 -29.00
C VAL C 197 7.24 2.15 -29.61
N LYS C 198 7.20 2.34 -30.95
CA LYS C 198 6.01 2.28 -31.78
C LYS C 198 6.08 1.16 -32.83
N LYS C 199 7.20 1.03 -33.51
CA LYS C 199 7.43 -0.07 -34.44
C LYS C 199 7.79 -1.35 -33.70
N ALA C 200 7.23 -2.47 -34.16
CA ALA C 200 7.37 -3.69 -33.38
C ALA C 200 8.82 -4.16 -33.31
N THR C 201 9.62 -3.90 -34.35
CA THR C 201 10.99 -4.42 -34.36
C THR C 201 11.90 -3.65 -33.44
N ASP C 202 11.35 -2.62 -32.79
CA ASP C 202 12.10 -1.80 -31.80
C ASP C 202 12.05 -2.51 -30.44
N VAL C 203 11.13 -3.48 -30.29
CA VAL C 203 11.02 -4.21 -29.02
C VAL C 203 12.23 -5.13 -28.83
N LYS C 204 12.89 -4.99 -27.70
CA LYS C 204 13.91 -5.93 -27.26
C LYS C 204 13.57 -6.61 -25.96
N VAL C 205 12.77 -5.98 -25.11
CA VAL C 205 12.28 -6.60 -23.88
C VAL C 205 10.79 -6.76 -24.03
N ALA C 206 10.32 -8.00 -23.97
CA ALA C 206 8.91 -8.29 -24.14
C ALA C 206 8.42 -9.07 -22.93
N ALA C 207 7.13 -9.30 -22.88
CA ALA C 207 6.56 -10.08 -21.80
C ALA C 207 5.47 -10.98 -22.37
N THR C 208 5.36 -12.20 -21.88
CA THR C 208 4.29 -13.06 -22.33
C THR C 208 3.20 -13.10 -21.26
N LEU C 209 1.95 -13.24 -21.70
CA LEU C 209 0.81 -13.34 -20.79
C LEU C 209 0.01 -14.61 -21.02
N THR C 210 -0.31 -15.31 -19.95
CA THR C 210 -1.00 -16.57 -20.10
C THR C 210 -2.50 -16.38 -20.28
N ALA C 211 -3.20 -17.47 -20.59
CA ALA C 211 -4.65 -17.37 -20.56
C ALA C 211 -5.15 -17.30 -19.13
N HIS C 212 -4.60 -18.13 -18.23
CA HIS C 212 -5.26 -18.25 -16.93
C HIS C 212 -5.11 -16.98 -16.08
N HIS C 213 -4.00 -16.25 -16.21
CA HIS C 213 -3.84 -15.03 -15.44
C HIS C 213 -4.78 -13.91 -15.90
N LEU C 214 -5.41 -14.04 -17.07
CA LEU C 214 -6.47 -13.11 -17.38
C LEU C 214 -7.78 -13.50 -16.69
N PHE C 215 -7.85 -14.68 -16.09
CA PHE C 215 -9.05 -15.06 -15.34
C PHE C 215 -8.84 -15.13 -13.84
N LEU C 216 -7.71 -15.66 -13.38
CA LEU C 216 -7.56 -16.09 -12.01
C LEU C 216 -7.13 -14.95 -11.11
N THR C 217 -7.57 -15.01 -9.86
CA THR C 217 -7.04 -14.21 -8.78
C THR C 217 -6.74 -15.14 -7.61
N ILE C 218 -6.19 -14.57 -6.53
CA ILE C 218 -5.82 -15.42 -5.40
C ILE C 218 -7.05 -16.18 -4.92
N ASP C 219 -8.25 -15.58 -5.03
CA ASP C 219 -9.45 -16.28 -4.58
C ASP C 219 -9.75 -17.54 -5.39
N ASP C 220 -9.27 -17.64 -6.62
CA ASP C 220 -9.54 -18.81 -7.44
C ASP C 220 -8.62 -19.99 -7.10
N TRP C 221 -7.44 -19.75 -6.51
CA TRP C 221 -6.57 -20.87 -6.17
C TRP C 221 -6.39 -21.10 -4.68
N ALA C 222 -6.92 -20.24 -3.80
CA ALA C 222 -6.71 -20.44 -2.36
C ALA C 222 -7.17 -21.84 -1.92
N GLY C 223 -8.38 -22.24 -2.30
CA GLY C 223 -8.86 -23.58 -2.03
C GLY C 223 -8.91 -24.49 -3.24
N ASN C 224 -8.26 -24.14 -4.33
CA ASN C 224 -8.34 -24.93 -5.56
C ASN C 224 -6.95 -25.16 -6.13
N PRO C 225 -6.29 -26.25 -5.74
CA PRO C 225 -4.95 -26.54 -6.30
C PRO C 225 -4.89 -26.63 -7.81
N VAL C 226 -6.01 -26.94 -8.52
CA VAL C 226 -5.96 -26.94 -9.99
C VAL C 226 -5.56 -25.59 -10.55
N ASN C 227 -5.93 -24.52 -9.87
CA ASN C 227 -5.62 -23.18 -10.31
C ASN C 227 -4.31 -22.66 -9.71
N PHE C 228 -3.57 -23.51 -9.02
CA PHE C 228 -2.30 -23.11 -8.44
C PHE C 228 -1.21 -23.23 -9.49
N CYS C 229 -0.44 -22.16 -9.66
CA CYS C 229 0.66 -22.14 -10.59
C CYS C 229 1.63 -21.08 -10.09
N LYS C 230 2.83 -21.09 -10.67
CA LYS C 230 3.84 -20.09 -10.38
C LYS C 230 4.14 -19.37 -11.69
N PRO C 231 4.14 -18.03 -11.70
CA PRO C 231 3.82 -17.21 -10.52
C PRO C 231 2.33 -17.26 -10.17
N VAL C 232 2.00 -17.14 -8.89
CA VAL C 232 0.62 -17.24 -8.44
C VAL C 232 -0.20 -16.08 -9.01
N ALA C 233 -1.45 -16.39 -9.31
CA ALA C 233 -2.42 -15.33 -9.61
C ALA C 233 -2.54 -14.45 -8.37
N LYS C 234 -2.56 -13.14 -8.59
CA LYS C 234 -2.42 -12.14 -7.51
C LYS C 234 -3.75 -11.46 -7.28
N LEU C 235 -3.79 -10.14 -7.11
CA LEU C 235 -4.95 -9.40 -6.66
C LEU C 235 -5.81 -8.97 -7.84
N PRO C 236 -7.08 -8.63 -7.60
CA PRO C 236 -7.92 -8.10 -8.69
C PRO C 236 -7.27 -6.95 -9.44
N ASN C 237 -6.54 -6.08 -8.75
CA ASN C 237 -5.86 -4.99 -9.44
C ASN C 237 -4.77 -5.51 -10.39
N ASP C 238 -4.09 -6.61 -10.01
CA ASP C 238 -3.08 -7.21 -10.90
C ASP C 238 -3.73 -7.83 -12.14
N LYS C 239 -4.85 -8.55 -11.96
CA LYS C 239 -5.51 -9.14 -13.12
C LYS C 239 -5.99 -8.06 -14.08
N LYS C 240 -6.49 -6.93 -13.55
CA LYS C 240 -6.94 -5.83 -14.40
C LYS C 240 -5.79 -5.35 -15.26
N ALA C 241 -4.58 -5.22 -14.68
CA ALA C 241 -3.46 -4.75 -15.49
C ALA C 241 -3.13 -5.73 -16.60
N LEU C 242 -3.16 -7.04 -16.29
CA LEU C 242 -2.86 -8.07 -17.28
C LEU C 242 -3.86 -8.05 -18.41
N VAL C 243 -5.13 -7.89 -18.08
CA VAL C 243 -6.13 -7.81 -19.13
C VAL C 243 -5.95 -6.52 -19.90
N LYS C 244 -5.62 -5.41 -19.21
CA LYS C 244 -5.62 -4.19 -20.00
C LYS C 244 -4.40 -4.22 -20.94
N ALA C 245 -3.37 -4.90 -20.53
CA ALA C 245 -2.15 -5.09 -21.32
C ALA C 245 -2.33 -6.12 -22.45
N ALA C 246 -3.15 -7.15 -22.18
CA ALA C 246 -3.40 -8.26 -23.12
C ALA C 246 -4.16 -7.79 -24.38
N VAL C 247 -5.02 -6.78 -24.23
CA VAL C 247 -5.80 -6.24 -25.35
C VAL C 247 -5.22 -4.91 -25.83
N SER C 248 -4.07 -4.53 -25.28
CA SER C 248 -3.55 -3.18 -25.47
C SER C 248 -3.21 -2.83 -26.93
N GLY C 249 -2.75 -3.82 -27.69
CA GLY C 249 -2.35 -3.62 -29.10
C GLY C 249 -0.88 -3.23 -29.17
N LYS C 250 -0.19 -3.30 -28.03
CA LYS C 250 1.26 -2.96 -27.95
C LYS C 250 2.09 -4.10 -28.53
N PRO C 251 3.35 -3.86 -28.97
CA PRO C 251 4.18 -4.91 -29.57
C PRO C 251 5.08 -5.64 -28.56
N TYR C 252 4.91 -5.39 -27.26
CA TYR C 252 5.75 -6.06 -26.27
C TYR C 252 4.97 -6.94 -25.32
N PHE C 253 3.68 -7.16 -25.59
CA PHE C 253 2.87 -8.18 -24.93
C PHE C 253 2.30 -9.10 -26.01
N PHE C 254 2.59 -10.39 -25.89
CA PHE C 254 2.01 -11.40 -26.76
C PHE C 254 1.80 -12.68 -25.96
N PHE C 255 1.19 -13.67 -26.61
CA PHE C 255 0.61 -14.84 -25.94
C PHE C 255 1.66 -15.91 -25.64
N GLY C 256 1.67 -16.38 -24.39
CA GLY C 256 2.51 -17.47 -23.97
C GLY C 256 1.74 -18.20 -22.89
N SER C 257 1.26 -19.41 -23.20
CA SER C 257 0.24 -20.04 -22.36
C SER C 257 0.78 -20.52 -21.03
N ASP C 258 2.04 -20.90 -20.95
CA ASP C 258 2.55 -21.66 -19.81
C ASP C 258 1.59 -22.79 -19.43
N SER C 259 1.04 -23.45 -20.46
CA SER C 259 0.30 -24.67 -20.25
C SER C 259 1.28 -25.68 -19.68
N ALA C 260 1.04 -26.09 -18.46
CA ALA C 260 1.94 -26.97 -17.71
C ALA C 260 1.15 -28.17 -17.21
N PRO C 261 1.08 -29.26 -17.98
CA PRO C 261 0.21 -30.37 -17.58
C PRO C 261 0.78 -31.17 -16.41
N HIS C 262 -0.12 -31.58 -15.50
CA HIS C 262 0.24 -32.46 -14.40
C HIS C 262 -0.86 -33.48 -14.26
N PRO C 263 -0.54 -34.73 -13.93
CA PRO C 263 -1.58 -35.69 -13.64
C PRO C 263 -2.35 -35.25 -12.39
N VAL C 264 -3.67 -35.55 -12.38
CA VAL C 264 -4.56 -35.08 -11.31
C VAL C 264 -4.02 -35.47 -9.93
N GLN C 265 -3.33 -36.61 -9.85
CA GLN C 265 -2.77 -37.11 -8.56
C GLN C 265 -1.71 -36.14 -8.03
N ASN C 266 -1.02 -35.41 -8.92
CA ASN C 266 0.03 -34.48 -8.52
C ASN C 266 -0.54 -33.13 -8.12
N LYS C 267 -1.85 -32.96 -8.34
CA LYS C 267 -2.56 -31.77 -7.93
C LYS C 267 -3.39 -31.98 -6.68
N ALA C 268 -3.71 -33.21 -6.34
CA ALA C 268 -4.56 -33.49 -5.18
C ALA C 268 -3.70 -34.02 -4.01
N ASN C 269 -2.70 -33.23 -3.63
CA ASN C 269 -1.85 -33.49 -2.48
C ASN C 269 -2.25 -32.62 -1.29
N TYR C 270 -2.01 -33.12 -0.09
CA TYR C 270 -2.20 -32.18 1.00
C TYR C 270 -0.99 -31.32 1.24
N GLU C 271 0.12 -31.63 0.57
CA GLU C 271 1.33 -30.83 0.66
C GLU C 271 2.14 -31.11 -0.57
N GLY C 272 2.94 -30.13 -0.99
CA GLY C 272 3.69 -30.24 -2.21
C GLY C 272 2.87 -30.34 -3.49
N VAL C 273 1.78 -29.57 -3.60
CA VAL C 273 1.02 -29.54 -4.83
C VAL C 273 1.89 -29.01 -5.97
N CYS C 274 1.82 -29.64 -7.13
CA CYS C 274 2.56 -29.18 -8.29
C CYS C 274 1.95 -27.91 -8.85
N ALA C 275 2.79 -26.89 -9.06
CA ALA C 275 2.33 -25.69 -9.74
C ALA C 275 2.15 -25.97 -11.23
N GLY C 276 1.11 -25.36 -11.81
CA GLY C 276 0.87 -25.51 -13.24
C GLY C 276 -0.60 -25.65 -13.60
N VAL C 277 -1.05 -24.91 -14.60
CA VAL C 277 -2.43 -24.91 -15.06
C VAL C 277 -2.41 -25.43 -16.49
N TYR C 278 -3.26 -26.42 -16.80
CA TYR C 278 -3.26 -26.96 -18.15
C TYR C 278 -4.32 -26.24 -19.01
N SER C 279 -3.86 -25.55 -20.06
CA SER C 279 -4.74 -24.74 -20.90
C SER C 279 -4.55 -25.02 -22.38
N GLN C 280 -3.72 -26.02 -22.73
CA GLN C 280 -3.33 -26.23 -24.13
C GLN C 280 -4.51 -26.56 -25.02
N SER C 281 -5.45 -27.37 -24.51
CA SER C 281 -6.52 -27.93 -25.34
C SER C 281 -7.49 -26.89 -25.89
N PHE C 282 -7.58 -25.70 -25.27
CA PHE C 282 -8.51 -24.65 -25.69
C PHE C 282 -7.83 -23.29 -25.68
N ALA C 283 -6.53 -23.26 -25.96
CA ALA C 283 -5.72 -22.06 -25.73
C ALA C 283 -6.29 -20.84 -26.46
N ILE C 284 -6.51 -20.95 -27.76
CA ILE C 284 -7.00 -19.80 -28.51
C ILE C 284 -8.41 -19.42 -28.09
N PRO C 285 -9.35 -20.38 -27.95
CA PRO C 285 -10.69 -20.00 -27.45
C PRO C 285 -10.69 -19.29 -26.11
N TYR C 286 -9.85 -19.72 -25.16
CA TYR C 286 -9.69 -18.98 -23.92
C TYR C 286 -9.41 -17.51 -24.18
N ILE C 287 -8.46 -17.22 -25.08
CA ILE C 287 -8.09 -15.83 -25.33
C ILE C 287 -9.24 -15.08 -25.99
N ALA C 288 -10.00 -15.76 -26.86
CA ALA C 288 -11.11 -15.09 -27.53
C ALA C 288 -12.14 -14.59 -26.51
N GLN C 289 -12.37 -15.35 -25.45
CA GLN C 289 -13.35 -14.93 -24.45
C GLN C 289 -12.97 -13.59 -23.83
N VAL C 290 -11.68 -13.43 -23.50
CA VAL C 290 -11.18 -12.19 -22.93
C VAL C 290 -11.34 -11.04 -23.91
N PHE C 291 -10.84 -11.23 -25.13
CA PHE C 291 -10.87 -10.16 -26.11
C PHE C 291 -12.31 -9.79 -26.51
N GLU C 292 -13.22 -10.77 -26.53
CA GLU C 292 -14.61 -10.39 -26.81
C GLU C 292 -15.16 -9.57 -25.65
N GLU C 293 -14.95 -10.02 -24.41
CA GLU C 293 -15.48 -9.32 -23.24
C GLU C 293 -14.87 -7.92 -23.06
N GLN C 294 -13.78 -7.60 -23.76
CA GLN C 294 -13.19 -6.28 -23.69
C GLN C 294 -13.45 -5.44 -24.96
N ASN C 295 -14.30 -5.91 -25.86
CA ASN C 295 -14.53 -5.26 -27.16
C ASN C 295 -13.20 -4.97 -27.86
N ALA C 296 -12.35 -6.00 -27.98
CA ALA C 296 -11.04 -5.80 -28.57
C ALA C 296 -10.64 -6.91 -29.52
N LEU C 297 -11.61 -7.58 -30.14
CA LEU C 297 -11.26 -8.71 -31.01
C LEU C 297 -10.40 -8.27 -32.19
N GLU C 298 -10.43 -6.99 -32.57
CA GLU C 298 -9.53 -6.50 -33.62
C GLU C 298 -8.06 -6.66 -33.22
N ASN C 299 -7.77 -6.65 -31.92
CA ASN C 299 -6.40 -6.78 -31.44
C ASN C 299 -6.00 -8.22 -31.16
N LEU C 300 -6.86 -9.19 -31.46
CA LEU C 300 -6.54 -10.56 -31.11
C LEU C 300 -5.40 -11.12 -31.98
N LYS C 301 -5.41 -10.84 -33.28
CA LYS C 301 -4.40 -11.44 -34.15
C LYS C 301 -2.99 -10.99 -33.77
N GLY C 302 -2.85 -9.73 -33.34
CA GLY C 302 -1.53 -9.26 -32.93
C GLY C 302 -1.04 -9.92 -31.65
N PHE C 303 -1.94 -10.07 -30.68
CA PHE C 303 -1.56 -10.70 -29.42
C PHE C 303 -1.29 -12.19 -29.62
N VAL C 304 -1.97 -12.81 -30.57
CA VAL C 304 -1.93 -14.25 -30.71
C VAL C 304 -1.05 -14.70 -31.85
N SER C 305 -0.65 -13.78 -32.74
CA SER C 305 0.11 -14.18 -33.92
C SER C 305 1.18 -13.17 -34.27
N ASP C 306 0.78 -11.93 -34.57
CA ASP C 306 1.73 -10.98 -35.16
C ASP C 306 2.93 -10.73 -34.23
N PHE C 307 2.66 -10.38 -32.97
CA PHE C 307 3.72 -9.84 -32.14
C PHE C 307 4.73 -10.90 -31.74
N GLY C 308 4.28 -12.13 -31.49
CA GLY C 308 5.23 -13.21 -31.19
C GLY C 308 6.12 -13.56 -32.37
N ILE C 309 5.54 -13.61 -33.58
CA ILE C 309 6.34 -13.90 -34.78
C ILE C 309 7.40 -12.85 -35.00
N SER C 310 7.02 -11.58 -34.87
CA SER C 310 7.98 -10.50 -35.07
C SER C 310 9.12 -10.61 -34.08
N PHE C 311 8.80 -10.83 -32.80
CA PHE C 311 9.83 -10.86 -31.77
C PHE C 311 10.74 -12.08 -31.93
N TYR C 312 10.17 -13.23 -32.24
CA TYR C 312 11.04 -14.36 -32.45
C TYR C 312 11.63 -14.38 -33.86
N GLU C 313 11.21 -13.44 -34.71
CA GLU C 313 11.70 -13.33 -36.09
C GLU C 313 11.54 -14.66 -36.81
N VAL C 314 10.34 -15.22 -36.73
CA VAL C 314 10.06 -16.53 -37.32
C VAL C 314 9.92 -16.33 -38.82
N LYS C 315 10.69 -17.10 -39.60
CA LYS C 315 10.65 -17.02 -41.05
C LYS C 315 9.94 -18.23 -41.62
N ASP C 316 9.37 -18.05 -42.84
CA ASP C 316 8.52 -19.08 -43.45
C ASP C 316 9.28 -20.37 -43.75
N SER C 317 10.60 -20.33 -43.88
CA SER C 317 11.34 -21.57 -44.07
C SER C 317 11.15 -22.55 -42.90
N GLU C 318 10.91 -22.06 -41.68
CA GLU C 318 10.82 -22.98 -40.56
C GLU C 318 9.43 -23.51 -40.28
N VAL C 319 8.37 -22.85 -40.77
CA VAL C 319 7.04 -23.25 -40.32
C VAL C 319 6.71 -24.61 -40.93
N ALA C 320 6.33 -25.57 -40.07
CA ALA C 320 6.10 -26.96 -40.47
C ALA C 320 4.80 -27.16 -41.23
N SER C 321 3.90 -26.19 -41.19
CA SER C 321 2.65 -26.24 -41.93
C SER C 321 2.13 -24.83 -42.04
N SER C 322 1.61 -24.50 -43.21
CA SER C 322 1.07 -23.16 -43.46
C SER C 322 -0.42 -23.06 -43.21
N ASP C 323 -1.06 -24.06 -42.60
CA ASP C 323 -2.50 -23.99 -42.30
C ASP C 323 -2.79 -22.78 -41.42
N LYS C 324 -3.85 -22.06 -41.74
CA LYS C 324 -4.27 -20.90 -40.97
C LYS C 324 -5.34 -21.28 -39.96
N ALA C 325 -5.22 -20.73 -38.74
CA ALA C 325 -6.16 -20.96 -37.65
C ALA C 325 -7.35 -20.02 -37.73
N ILE C 326 -8.54 -20.59 -37.80
CA ILE C 326 -9.77 -19.80 -37.89
C ILE C 326 -10.59 -19.92 -36.65
N LEU C 327 -10.85 -18.77 -36.07
CA LEU C 327 -11.67 -18.70 -34.89
C LEU C 327 -13.09 -18.47 -35.38
N PHE C 328 -14.01 -19.34 -34.97
CA PHE C 328 -15.40 -19.22 -35.39
C PHE C 328 -16.27 -19.39 -34.15
N LYS C 329 -17.34 -18.62 -34.10
CA LYS C 329 -18.13 -18.46 -32.88
C LYS C 329 -19.16 -19.58 -32.76
N LYS C 330 -18.63 -20.76 -32.48
CA LYS C 330 -19.40 -21.96 -32.15
C LYS C 330 -19.20 -22.24 -30.67
N GLU C 331 -20.31 -22.47 -29.95
CA GLU C 331 -20.24 -22.78 -28.53
C GLU C 331 -19.69 -24.19 -28.31
N GLN C 332 -18.82 -24.32 -27.32
CA GLN C 332 -18.33 -25.62 -26.89
C GLN C 332 -18.15 -25.57 -25.39
N VAL C 333 -18.11 -26.74 -24.76
CA VAL C 333 -17.96 -26.85 -23.32
C VAL C 333 -16.62 -27.50 -23.04
N ILE C 334 -15.88 -26.95 -22.08
CA ILE C 334 -14.61 -27.57 -21.71
C ILE C 334 -14.91 -28.81 -20.86
N PRO C 335 -14.33 -29.94 -21.18
CA PRO C 335 -14.62 -31.17 -20.41
C PRO C 335 -14.18 -31.05 -18.95
N GLN C 336 -14.66 -32.00 -18.13
CA GLN C 336 -14.18 -32.06 -16.75
C GLN C 336 -12.80 -32.70 -16.67
N VAL C 337 -12.45 -33.57 -17.61
CA VAL C 337 -11.17 -34.26 -17.54
C VAL C 337 -10.67 -34.51 -18.95
N ILE C 338 -9.36 -34.50 -19.11
CA ILE C 338 -8.71 -34.89 -20.36
C ILE C 338 -7.81 -36.07 -20.01
N SER C 339 -8.11 -37.24 -20.60
CA SER C 339 -7.44 -38.48 -20.29
C SER C 339 -6.88 -39.10 -21.57
N ASP C 340 -5.82 -39.90 -21.43
CA ASP C 340 -5.30 -40.69 -22.54
C ASP C 340 -5.89 -42.10 -22.57
N GLY C 341 -6.94 -42.36 -21.80
CA GLY C 341 -7.50 -43.67 -21.69
C GLY C 341 -6.63 -44.71 -21.02
N LYS C 342 -5.52 -44.31 -20.38
CA LYS C 342 -4.65 -45.28 -19.71
C LYS C 342 -4.37 -44.86 -18.25
N ASP C 343 -3.24 -44.19 -18.00
CA ASP C 343 -2.83 -43.84 -16.64
C ASP C 343 -2.87 -42.35 -16.33
N ILE C 344 -3.16 -41.48 -17.30
CA ILE C 344 -3.00 -40.04 -17.15
C ILE C 344 -4.35 -39.36 -17.25
N SER C 345 -4.68 -38.57 -16.25
CA SER C 345 -5.85 -37.69 -16.30
C SER C 345 -5.43 -36.28 -15.92
N ILE C 346 -5.92 -35.31 -16.68
CA ILE C 346 -5.60 -33.90 -16.49
C ILE C 346 -6.89 -33.13 -16.33
N ILE C 347 -6.92 -32.24 -15.34
CA ILE C 347 -8.02 -31.29 -15.19
C ILE C 347 -7.69 -30.07 -16.06
N PRO C 348 -8.44 -29.79 -17.11
CA PRO C 348 -8.19 -28.60 -17.90
C PRO C 348 -8.65 -27.35 -17.18
N PHE C 349 -8.01 -26.24 -17.56
CA PHE C 349 -8.38 -24.94 -17.07
C PHE C 349 -9.85 -24.66 -17.39
N LYS C 350 -10.55 -24.09 -16.42
CA LYS C 350 -11.96 -23.75 -16.58
C LYS C 350 -12.82 -24.97 -16.95
N ALA C 351 -12.53 -26.10 -16.33
CA ALA C 351 -13.25 -27.33 -16.62
C ALA C 351 -14.74 -27.17 -16.37
N GLY C 352 -15.55 -27.63 -17.33
CA GLY C 352 -17.00 -27.55 -17.20
C GLY C 352 -17.63 -26.24 -17.64
N ASP C 353 -16.82 -25.22 -17.89
CA ASP C 353 -17.34 -23.96 -18.37
C ASP C 353 -17.61 -24.03 -19.87
N LYS C 354 -18.37 -23.06 -20.36
CA LYS C 354 -18.69 -22.95 -21.78
C LYS C 354 -17.90 -21.82 -22.41
N LEU C 355 -17.47 -22.02 -23.65
CA LEU C 355 -16.75 -21.01 -24.41
C LEU C 355 -17.60 -20.61 -25.63
N SER C 356 -17.59 -19.32 -25.97
CA SER C 356 -18.36 -18.83 -27.11
C SER C 356 -17.70 -19.15 -28.44
N TRP C 357 -16.45 -19.58 -28.45
CA TRP C 357 -15.71 -19.70 -29.69
C TRP C 357 -15.06 -21.08 -29.80
N SER C 358 -14.83 -21.49 -31.05
CA SER C 358 -14.05 -22.65 -31.40
C SER C 358 -13.03 -22.25 -32.44
N VAL C 359 -12.08 -23.16 -32.70
CA VAL C 359 -11.01 -22.87 -33.63
C VAL C 359 -10.83 -24.10 -34.53
N ARG C 360 -10.66 -23.84 -35.82
CA ARG C 360 -10.47 -24.89 -36.80
C ARG C 360 -9.32 -24.50 -37.71
N TRP C 361 -8.81 -25.49 -38.41
CA TRP C 361 -7.67 -25.29 -39.35
C TRP C 361 -8.16 -25.28 -40.79
N GLU C 362 -7.62 -24.36 -41.59
CA GLU C 362 -7.94 -24.23 -43.02
C GLU C 362 -6.62 -24.22 -43.78
N PRO C 363 -6.35 -25.22 -44.63
CA PRO C 363 -5.09 -25.28 -45.38
C PRO C 363 -4.86 -24.26 -46.50
N ARG C 364 -3.62 -23.79 -46.58
CA ARG C 364 -3.08 -22.86 -47.60
C ARG C 364 -2.43 -23.66 -48.72
N LEU C 365 -2.88 -23.48 -49.97
CA LEU C 365 -2.29 -24.23 -51.10
C LEU C 365 -1.90 -23.26 -52.22
N VAL D 2 14.54 -30.18 34.42
CA VAL D 2 13.56 -29.74 33.43
C VAL D 2 12.98 -28.42 33.88
N GLN D 3 12.74 -27.52 32.92
CA GLN D 3 12.06 -26.28 33.24
C GLN D 3 10.56 -26.55 33.17
N GLU D 4 9.84 -26.04 34.15
CA GLU D 4 8.40 -26.28 34.22
C GLU D 4 7.67 -24.95 34.37
N ILE D 5 6.45 -24.91 33.84
CA ILE D 5 5.59 -23.75 33.95
C ILE D 5 4.20 -24.23 34.34
N ASP D 6 3.72 -23.80 35.51
CA ASP D 6 2.38 -24.14 35.98
C ASP D 6 1.37 -23.19 35.34
N LEU D 7 0.51 -23.72 34.48
CA LEU D 7 -0.41 -22.86 33.74
C LEU D 7 -1.84 -22.90 34.24
N GLY D 8 -2.15 -23.76 35.20
CA GLY D 8 -3.45 -23.69 35.82
C GLY D 8 -4.54 -24.20 34.91
N LEU D 9 -5.65 -23.49 34.89
CA LEU D 9 -6.79 -23.89 34.07
C LEU D 9 -6.60 -23.24 32.71
N THR D 10 -5.92 -23.95 31.81
CA THR D 10 -5.71 -23.45 30.46
C THR D 10 -7.02 -23.47 29.67
N CYS D 11 -7.18 -22.52 28.74
CA CYS D 11 -8.40 -22.38 27.96
C CYS D 11 -8.08 -22.17 26.48
N ASP D 12 -8.85 -22.85 25.64
CA ASP D 12 -8.81 -22.64 24.20
C ASP D 12 -10.23 -22.24 23.82
N MET D 13 -10.43 -20.94 23.56
CA MET D 13 -11.79 -20.41 23.37
C MET D 13 -12.24 -20.42 21.92
N HIS D 14 -11.80 -21.42 21.15
CA HIS D 14 -12.22 -21.55 19.75
C HIS D 14 -11.86 -22.97 19.30
N VAL D 15 -12.79 -23.91 19.47
CA VAL D 15 -12.55 -25.32 19.21
C VAL D 15 -13.64 -25.86 18.29
N HIS D 16 -13.22 -26.64 17.30
CA HIS D 16 -14.14 -27.44 16.50
C HIS D 16 -13.85 -28.91 16.80
N VAL D 17 -14.91 -29.65 17.05
CA VAL D 17 -14.77 -31.03 17.49
C VAL D 17 -15.67 -31.92 16.65
N ARG D 18 -16.53 -31.31 15.84
CA ARG D 18 -17.38 -32.02 14.88
C ARG D 18 -18.25 -33.06 15.57
N GLU D 19 -18.65 -34.09 14.81
CA GLU D 19 -19.50 -35.17 15.30
C GLU D 19 -18.93 -36.55 14.94
N GLY D 20 -19.69 -37.59 15.26
CA GLY D 20 -19.40 -38.92 14.76
C GLY D 20 -18.02 -39.42 15.10
N ALA D 21 -17.46 -40.20 14.18
CA ALA D 21 -16.18 -40.83 14.47
C ALA D 21 -15.09 -39.78 14.66
N MET D 22 -15.19 -38.65 13.97
CA MET D 22 -14.21 -37.58 14.15
C MET D 22 -14.21 -37.05 15.57
N CYS D 23 -15.40 -36.82 16.13
CA CYS D 23 -15.52 -36.28 17.47
C CYS D 23 -14.98 -37.26 18.52
N GLU D 24 -15.26 -38.55 18.37
CA GLU D 24 -14.70 -39.50 19.32
C GLU D 24 -13.17 -39.47 19.30
N LEU D 25 -12.59 -39.17 18.14
CA LEU D 25 -11.13 -39.08 18.01
C LEU D 25 -10.56 -37.81 18.66
N VAL D 26 -11.14 -36.65 18.32
CA VAL D 26 -10.60 -35.32 18.70
C VAL D 26 -10.92 -34.87 20.13
N THR D 27 -12.14 -35.13 20.64
CA THR D 27 -12.48 -34.59 21.96
C THR D 27 -11.48 -34.96 23.07
N PRO D 28 -11.00 -36.20 23.18
CA PRO D 28 -9.96 -36.48 24.20
C PRO D 28 -8.68 -35.72 23.98
N LYS D 29 -8.45 -35.19 22.77
CA LYS D 29 -7.21 -34.49 22.49
C LYS D 29 -7.19 -33.06 22.99
N ILE D 30 -8.35 -32.49 23.35
CA ILE D 30 -8.35 -31.20 24.04
C ILE D 30 -7.50 -31.31 25.29
N ARG D 31 -7.78 -32.32 26.12
CA ARG D 31 -7.00 -32.52 27.34
C ARG D 31 -5.56 -32.89 27.03
N ASP D 32 -5.33 -33.74 26.03
CA ASP D 32 -3.97 -34.13 25.69
C ASP D 32 -3.17 -32.95 25.16
N GLY D 33 -3.84 -31.96 24.56
CA GLY D 33 -3.11 -30.79 24.10
C GLY D 33 -2.71 -29.84 25.20
N GLY D 34 -3.25 -30.04 26.39
CA GLY D 34 -3.00 -29.19 27.52
C GLY D 34 -4.11 -28.20 27.83
N VAL D 35 -5.32 -28.45 27.37
CA VAL D 35 -6.41 -27.50 27.49
C VAL D 35 -7.46 -28.07 28.43
N SER D 36 -7.87 -27.26 29.43
CA SER D 36 -8.88 -27.65 30.39
C SER D 36 -10.27 -27.11 30.04
N ILE D 37 -10.33 -25.87 29.53
CA ILE D 37 -11.59 -25.21 29.17
C ILE D 37 -11.59 -25.03 27.66
N ALA D 38 -12.69 -25.38 27.02
CA ALA D 38 -12.78 -25.31 25.56
C ALA D 38 -14.13 -24.74 25.16
N TYR D 39 -14.10 -23.73 24.28
CA TYR D 39 -15.33 -23.14 23.73
C TYR D 39 -15.63 -23.80 22.40
N ILE D 40 -16.74 -24.52 22.34
CA ILE D 40 -17.05 -25.33 21.17
C ILE D 40 -17.85 -24.50 20.18
N MET D 41 -17.47 -24.56 18.91
CA MET D 41 -18.11 -23.80 17.85
C MET D 41 -19.21 -24.63 17.20
N PRO D 42 -20.23 -23.95 16.68
CA PRO D 42 -21.49 -24.61 16.29
C PRO D 42 -21.65 -24.94 14.81
N ASN D 43 -20.61 -24.84 13.98
CA ASN D 43 -20.77 -25.02 12.54
C ASN D 43 -20.77 -26.50 12.19
N LEU D 44 -21.71 -27.24 12.79
CA LEU D 44 -21.91 -28.64 12.42
C LEU D 44 -22.77 -28.71 11.17
N GLN D 45 -23.15 -29.92 10.77
CA GLN D 45 -23.97 -30.06 9.57
C GLN D 45 -25.26 -30.80 9.91
N PRO D 46 -26.40 -30.08 10.07
CA PRO D 46 -26.63 -28.63 9.97
C PRO D 46 -26.16 -27.84 11.22
N PRO D 47 -26.15 -26.51 11.14
CA PRO D 47 -25.71 -25.66 12.27
C PRO D 47 -26.54 -25.83 13.55
N ILE D 48 -25.98 -25.37 14.67
CA ILE D 48 -26.64 -25.40 15.97
C ILE D 48 -27.67 -24.27 16.03
N THR D 49 -28.94 -24.63 16.01
CA THR D 49 -29.99 -23.63 16.12
C THR D 49 -31.07 -24.01 17.13
N THR D 50 -31.00 -25.20 17.74
CA THR D 50 -32.01 -25.59 18.70
C THR D 50 -31.35 -25.90 20.03
N LEU D 51 -32.07 -25.59 21.12
CA LEU D 51 -31.51 -25.71 22.46
C LEU D 51 -31.31 -27.17 22.85
N ASP D 52 -32.20 -28.05 22.40
CA ASP D 52 -32.08 -29.46 22.68
C ASP D 52 -30.82 -30.02 22.03
N ARG D 53 -30.43 -29.41 20.90
CA ARG D 53 -29.21 -29.80 20.15
C ARG D 53 -27.99 -29.39 20.98
N VAL D 54 -28.04 -28.24 21.66
CA VAL D 54 -26.91 -27.82 22.47
C VAL D 54 -26.71 -28.70 23.70
N ILE D 55 -27.80 -29.20 24.29
CA ILE D 55 -27.70 -29.91 25.57
C ILE D 55 -27.11 -31.30 25.39
N GLU D 56 -27.62 -32.07 24.41
CA GLU D 56 -27.12 -33.43 24.22
C GLU D 56 -25.72 -33.43 23.61
N TYR D 57 -25.41 -32.42 22.78
CA TYR D 57 -24.07 -32.27 22.24
C TYR D 57 -23.04 -32.14 23.36
N LYS D 58 -23.29 -31.23 24.31
CA LYS D 58 -22.33 -31.00 25.38
C LYS D 58 -22.12 -32.29 26.15
N LYS D 59 -23.22 -33.02 26.31
CA LYS D 59 -23.28 -34.23 27.08
C LYS D 59 -22.58 -35.39 26.38
N THR D 60 -22.68 -35.46 25.04
CA THR D 60 -21.87 -36.39 24.25
C THR D 60 -20.38 -36.12 24.44
N LEU D 61 -19.99 -34.85 24.35
CA LEU D 61 -18.59 -34.51 24.55
C LEU D 61 -18.17 -34.73 26.00
N GLN D 62 -19.07 -34.48 26.95
CA GLN D 62 -18.71 -34.68 28.35
C GLN D 62 -18.48 -36.15 28.65
N LYS D 63 -19.26 -37.03 28.02
CA LYS D 63 -19.02 -38.46 28.16
C LYS D 63 -17.68 -38.86 27.54
N LEU D 64 -17.30 -38.18 26.46
CA LEU D 64 -16.03 -38.47 25.79
C LEU D 64 -14.85 -37.89 26.54
N ALA D 65 -15.06 -36.84 27.31
CA ALA D 65 -13.98 -36.18 28.05
C ALA D 65 -14.52 -35.67 29.37
N PRO D 66 -14.60 -36.54 30.37
CA PRO D 66 -15.19 -36.12 31.65
C PRO D 66 -14.41 -35.01 32.36
N LYS D 67 -13.09 -34.91 32.15
CA LYS D 67 -12.31 -33.91 32.85
C LYS D 67 -12.21 -32.59 32.10
N THR D 68 -12.92 -32.45 30.98
CA THR D 68 -12.87 -31.25 30.14
C THR D 68 -14.09 -30.38 30.39
N THR D 69 -13.86 -29.09 30.65
CA THR D 69 -14.95 -28.13 30.79
C THR D 69 -15.38 -27.67 29.41
N PHE D 70 -16.70 -27.70 29.14
CA PHE D 70 -17.24 -27.41 27.81
C PHE D 70 -18.15 -26.18 27.87
N LEU D 71 -17.73 -25.10 27.22
CA LEU D 71 -18.59 -23.95 26.98
C LEU D 71 -19.11 -24.03 25.54
N MET D 72 -20.43 -23.96 25.37
CA MET D 72 -21.06 -24.17 24.07
C MET D 72 -21.51 -22.83 23.49
N SER D 73 -21.95 -22.89 22.23
CA SER D 73 -22.38 -21.71 21.49
C SER D 73 -23.45 -22.11 20.49
N PHE D 74 -24.21 -21.11 20.04
CA PHE D 74 -25.16 -21.23 18.93
C PHE D 74 -24.56 -20.65 17.66
N TYR D 75 -25.11 -21.10 16.55
CA TYR D 75 -24.78 -20.59 15.22
C TYR D 75 -25.82 -19.52 14.88
N LEU D 76 -25.35 -18.30 14.68
CA LEU D 76 -26.26 -17.20 14.43
C LEU D 76 -27.07 -17.46 13.16
N SER D 77 -28.37 -17.72 13.29
CA SER D 77 -29.17 -17.97 12.07
C SER D 77 -30.40 -17.06 12.23
N LYS D 78 -31.25 -16.99 11.20
CA LYS D 78 -32.63 -16.53 11.35
C LYS D 78 -33.54 -17.49 12.10
N ASP D 79 -33.08 -18.70 12.41
CA ASP D 79 -33.90 -19.59 13.20
C ASP D 79 -33.74 -19.30 14.69
N LEU D 80 -32.95 -18.30 15.05
CA LEU D 80 -32.93 -17.94 16.44
C LEU D 80 -33.81 -16.73 16.68
N THR D 81 -34.39 -16.66 17.86
CA THR D 81 -35.31 -15.63 18.32
C THR D 81 -34.90 -15.20 19.72
N PRO D 82 -35.35 -14.02 20.16
CA PRO D 82 -35.03 -13.59 21.53
C PRO D 82 -35.35 -14.58 22.65
N ASP D 83 -36.47 -15.33 22.57
CA ASP D 83 -36.83 -16.28 23.62
C ASP D 83 -35.79 -17.41 23.72
N LEU D 84 -35.18 -17.77 22.59
CA LEU D 84 -34.12 -18.78 22.63
C LEU D 84 -32.96 -18.40 23.59
N ILE D 85 -32.40 -17.19 23.45
CA ILE D 85 -31.25 -16.88 24.28
C ILE D 85 -31.65 -16.82 25.75
N HIS D 86 -32.82 -16.24 26.01
CA HIS D 86 -33.36 -16.21 27.37
C HIS D 86 -33.58 -17.64 27.87
N GLU D 87 -34.19 -18.47 27.04
CA GLU D 87 -34.36 -19.85 27.47
C GLU D 87 -32.99 -20.54 27.59
N ALA D 88 -32.06 -20.30 26.65
CA ALA D 88 -30.75 -20.97 26.72
C ALA D 88 -29.83 -20.44 27.81
N ALA D 89 -29.82 -19.11 28.06
CA ALA D 89 -28.85 -18.52 28.99
C ALA D 89 -29.12 -18.86 30.46
N GLN D 90 -30.41 -18.82 30.80
CA GLN D 90 -31.04 -19.03 32.14
C GLN D 90 -30.95 -20.51 32.56
N GLN D 91 -30.44 -21.30 31.62
CA GLN D 91 -30.25 -22.73 31.51
C GLN D 91 -28.78 -23.09 31.42
N HIS D 92 -27.92 -22.07 31.38
CA HIS D 92 -26.48 -22.20 31.31
C HIS D 92 -26.11 -23.17 30.19
N ALA D 93 -26.91 -23.22 29.13
CA ALA D 93 -26.65 -24.17 28.07
C ALA D 93 -25.66 -23.62 27.05
N ILE D 94 -25.74 -22.31 26.79
CA ILE D 94 -24.89 -21.62 25.85
C ILE D 94 -24.25 -20.47 26.58
N ARG D 95 -23.09 -20.06 26.06
CA ARG D 95 -22.30 -18.98 26.73
C ARG D 95 -22.23 -17.80 25.77
N GLY D 96 -22.23 -18.09 24.46
CA GLY D 96 -22.19 -16.97 23.51
C GLY D 96 -22.74 -17.42 22.14
N VAL D 97 -22.77 -16.50 21.17
CA VAL D 97 -23.18 -16.82 19.76
C VAL D 97 -22.10 -16.52 18.72
N CYS D 99 -20.89 -15.98 14.84
CA CYS D 99 -21.39 -15.56 13.53
C CYS D 99 -20.50 -16.04 12.34
N TYR D 100 -21.11 -16.71 11.35
CA TYR D 100 -20.38 -17.09 10.14
C TYR D 100 -20.97 -16.33 8.95
N PRO D 101 -20.23 -15.41 8.35
CA PRO D 101 -20.70 -14.82 7.09
C PRO D 101 -20.85 -15.89 6.04
N ALA D 102 -21.89 -15.77 5.21
CA ALA D 102 -22.23 -16.82 4.27
C ALA D 102 -21.12 -17.02 3.25
N GLY D 103 -20.66 -18.27 3.10
CA GLY D 103 -19.73 -18.67 2.06
C GLY D 103 -18.26 -18.47 2.35
N VAL D 104 -17.90 -17.83 3.46
CA VAL D 104 -16.49 -17.52 3.69
C VAL D 104 -15.71 -18.66 4.34
N THR D 105 -16.36 -19.67 4.91
CA THR D 105 -15.61 -20.73 5.57
C THR D 105 -16.46 -22.01 5.65
N THR D 106 -15.97 -22.99 6.41
CA THR D 106 -16.57 -24.32 6.48
C THR D 106 -17.96 -24.30 7.10
N ASN D 107 -18.91 -24.95 6.42
CA ASN D 107 -20.31 -25.07 6.88
C ASN D 107 -20.91 -23.70 7.20
N SER D 108 -20.57 -22.71 6.38
CA SER D 108 -21.08 -21.35 6.57
C SER D 108 -22.02 -20.90 5.47
N ALA D 109 -22.31 -21.76 4.49
CA ALA D 109 -23.17 -21.36 3.37
C ALA D 109 -24.55 -20.98 3.86
N ALA D 110 -24.99 -21.58 4.96
CA ALA D 110 -26.22 -21.21 5.64
C ALA D 110 -25.99 -20.08 6.63
N GLY D 111 -25.13 -19.12 6.28
CA GLY D 111 -24.65 -18.10 7.19
C GLY D 111 -25.28 -16.74 6.97
N VAL D 112 -24.63 -15.73 7.53
CA VAL D 112 -25.13 -14.38 7.61
C VAL D 112 -24.49 -13.53 6.52
N ASP D 113 -25.16 -12.45 6.12
CA ASP D 113 -24.49 -11.47 5.29
C ASP D 113 -24.04 -10.32 6.17
N PRO D 114 -22.73 -10.03 6.28
CA PRO D 114 -22.27 -9.10 7.32
C PRO D 114 -22.65 -7.65 7.08
N ASN D 115 -23.46 -7.31 6.08
CA ASN D 115 -24.12 -6.01 6.14
C ASN D 115 -25.62 -6.10 6.35
N ASP D 116 -26.13 -7.29 6.65
CA ASP D 116 -27.54 -7.51 6.98
C ASP D 116 -27.69 -7.83 8.47
N PHE D 117 -26.97 -7.05 9.30
CA PHE D 117 -26.97 -7.29 10.75
C PHE D 117 -28.24 -6.82 11.43
N SER D 118 -28.89 -5.76 10.91
CA SER D 118 -30.07 -5.20 11.56
C SER D 118 -31.13 -6.27 11.80
N ALA D 119 -31.27 -7.22 10.87
CA ALA D 119 -32.28 -8.26 11.04
C ALA D 119 -32.04 -9.11 12.28
N PHE D 120 -30.83 -9.07 12.86
CA PHE D 120 -30.53 -9.85 14.06
C PHE D 120 -30.31 -8.99 15.29
N TYR D 121 -30.50 -7.67 15.18
CA TYR D 121 -30.36 -6.80 16.35
C TYR D 121 -31.28 -7.19 17.51
N PRO D 122 -32.51 -7.65 17.28
CA PRO D 122 -33.28 -8.23 18.40
C PRO D 122 -32.53 -9.28 19.20
N ILE D 123 -31.68 -10.06 18.54
CA ILE D 123 -30.92 -11.09 19.25
C ILE D 123 -29.73 -10.51 20.03
N PHE D 124 -29.01 -9.52 19.48
CA PHE D 124 -27.77 -9.13 20.14
C PHE D 124 -27.99 -8.43 21.48
N LYS D 125 -28.95 -7.50 21.60
CA LYS D 125 -29.08 -6.97 22.94
C LYS D 125 -29.71 -8.01 23.86
N ALA D 126 -30.47 -8.97 23.33
CA ALA D 126 -30.96 -10.07 24.18
C ALA D 126 -29.78 -10.82 24.80
N MET D 127 -28.76 -11.13 23.99
CA MET D 127 -27.54 -11.70 24.54
C MET D 127 -26.79 -10.69 25.42
N GLN D 128 -26.99 -9.41 25.11
CA GLN D 128 -26.26 -8.30 25.78
C GLN D 128 -26.65 -7.96 27.21
N GLU D 129 -27.83 -8.42 27.62
CA GLU D 129 -28.39 -8.22 28.99
C GLU D 129 -28.14 -9.54 29.72
N GLU D 130 -27.93 -10.62 28.95
CA GLU D 130 -27.63 -11.96 29.46
C GLU D 130 -26.12 -12.16 29.61
N ASN D 131 -25.31 -11.14 29.36
CA ASN D 131 -23.84 -11.22 29.50
C ASN D 131 -23.27 -12.33 28.61
N LEU D 132 -23.85 -12.50 27.43
CA LEU D 132 -23.37 -13.47 26.47
C LEU D 132 -22.35 -12.85 25.50
N VAL D 133 -21.55 -13.72 24.87
CA VAL D 133 -20.45 -13.30 24.01
C VAL D 133 -20.87 -13.41 22.55
N LEU D 134 -20.60 -12.38 21.77
CA LEU D 134 -20.80 -12.44 20.32
C LEU D 134 -19.45 -12.72 19.67
N ASN D 135 -19.28 -13.92 19.12
CA ASN D 135 -18.04 -14.32 18.47
C ASN D 135 -18.18 -14.14 16.97
N LEU D 136 -17.21 -13.46 16.38
CA LEU D 136 -17.27 -13.06 14.98
C LEU D 136 -16.13 -13.71 14.22
N HIS D 137 -16.48 -14.38 13.12
CA HIS D 137 -15.53 -14.67 12.06
C HIS D 137 -15.52 -13.45 11.15
N GLY D 138 -14.62 -12.51 11.42
CA GLY D 138 -14.63 -11.22 10.74
C GLY D 138 -14.02 -11.18 9.35
N GLU D 139 -14.78 -11.59 8.34
CA GLU D 139 -14.35 -11.57 6.95
C GLU D 139 -15.53 -11.19 6.07
N LYS D 140 -15.30 -10.31 5.14
CA LYS D 140 -16.44 -10.06 4.29
C LYS D 140 -16.45 -11.07 3.13
N PRO D 141 -17.63 -11.46 2.62
CA PRO D 141 -17.63 -12.29 1.41
C PRO D 141 -16.97 -11.56 0.26
N SER D 142 -16.41 -12.32 -0.69
CA SER D 142 -15.56 -11.77 -1.75
C SER D 142 -16.39 -11.18 -2.88
N VAL D 143 -16.02 -9.99 -3.36
CA VAL D 143 -16.79 -9.32 -4.42
C VAL D 143 -15.79 -8.89 -5.49
N HIS D 144 -16.15 -9.29 -6.71
CA HIS D 144 -15.32 -9.18 -7.95
C HIS D 144 -15.45 -7.84 -8.67
N ASP D 145 -16.66 -7.48 -9.11
CA ASP D 145 -16.82 -6.19 -9.83
C ASP D 145 -18.28 -5.75 -9.75
N GLY D 146 -18.54 -4.45 -9.67
CA GLY D 146 -19.94 -4.02 -9.57
C GLY D 146 -20.16 -2.88 -8.63
N ASP D 147 -19.14 -1.99 -8.54
CA ASP D 147 -19.02 -0.64 -7.91
C ASP D 147 -18.70 -0.47 -6.41
N LYS D 148 -18.51 -1.59 -5.69
CA LYS D 148 -17.76 -1.70 -4.41
C LYS D 148 -16.37 -2.30 -4.66
N GLU D 149 -15.36 -1.86 -3.91
CA GLU D 149 -13.99 -2.37 -4.05
C GLU D 149 -13.97 -3.88 -3.99
N PRO D 150 -13.15 -4.47 -4.80
CA PRO D 150 -13.01 -5.91 -4.77
C PRO D 150 -12.58 -6.32 -3.37
N ILE D 151 -13.23 -7.37 -2.87
CA ILE D 151 -12.88 -7.99 -1.62
C ILE D 151 -12.36 -9.39 -1.93
N HIS D 152 -11.21 -9.73 -1.33
CA HIS D 152 -10.54 -11.00 -1.57
C HIS D 152 -9.96 -11.55 -0.27
N VAL D 153 -9.42 -12.77 -0.35
CA VAL D 153 -8.98 -13.48 0.84
C VAL D 153 -7.88 -12.76 1.61
N LEU D 154 -7.19 -11.80 1.01
CA LEU D 154 -6.11 -11.15 1.74
C LEU D 154 -6.55 -9.93 2.52
N ASN D 155 -7.61 -9.27 2.05
CA ASN D 155 -8.13 -8.04 2.72
C ASN D 155 -9.59 -8.22 3.15
N ALA D 156 -10.14 -9.43 3.09
CA ALA D 156 -11.53 -9.62 3.49
C ALA D 156 -11.73 -9.33 4.97
N GLU D 157 -10.73 -9.61 5.79
CA GLU D 157 -10.83 -9.34 7.21
C GLU D 157 -10.69 -7.85 7.51
N GLU D 158 -9.79 -7.18 6.83
CA GLU D 158 -9.66 -5.74 6.99
C GLU D 158 -10.94 -5.03 6.56
N ALA D 159 -11.54 -5.50 5.49
CA ALA D 159 -12.84 -4.97 5.08
C ALA D 159 -13.90 -5.22 6.14
N PHE D 160 -13.65 -6.11 7.10
CA PHE D 160 -14.66 -6.36 8.12
C PHE D 160 -14.59 -5.39 9.29
N LEU D 161 -13.43 -4.79 9.55
CA LEU D 161 -13.26 -3.90 10.70
C LEU D 161 -14.31 -2.80 10.80
N PRO D 162 -14.84 -2.21 9.70
CA PRO D 162 -15.98 -1.28 9.86
C PRO D 162 -17.17 -1.88 10.58
N ALA D 163 -17.57 -3.08 10.16
CA ALA D 163 -18.74 -3.73 10.74
C ALA D 163 -18.50 -4.02 12.21
N LEU D 164 -17.29 -4.43 12.57
CA LEU D 164 -16.97 -4.65 13.97
C LEU D 164 -17.13 -3.36 14.76
N LYS D 165 -16.65 -2.23 14.20
CA LYS D 165 -16.73 -0.95 14.89
C LYS D 165 -18.17 -0.53 15.17
N LYS D 166 -19.05 -0.69 14.18
CA LYS D 166 -20.45 -0.33 14.38
C LYS D 166 -21.12 -1.23 15.41
N LEU D 167 -20.85 -2.53 15.35
CA LEU D 167 -21.51 -3.43 16.29
C LEU D 167 -21.15 -3.12 17.73
N HIS D 168 -19.91 -2.70 17.98
CA HIS D 168 -19.55 -2.39 19.37
C HIS D 168 -20.14 -1.05 19.83
N ASN D 169 -20.33 -0.09 18.92
CA ASN D 169 -20.84 1.19 19.34
C ASN D 169 -22.35 1.16 19.55
N ASP D 170 -23.06 0.37 18.77
CA ASP D 170 -24.51 0.25 18.97
C ASP D 170 -24.83 -0.61 20.18
N PHE D 171 -23.89 -1.43 20.64
CA PHE D 171 -24.07 -2.31 21.80
C PHE D 171 -22.85 -2.17 22.69
N PRO D 172 -22.68 -1.02 23.34
CA PRO D 172 -21.44 -0.78 24.08
C PRO D 172 -21.16 -1.72 25.25
N ASN D 173 -22.17 -2.36 25.83
CA ASN D 173 -21.96 -3.27 26.95
C ASN D 173 -21.96 -4.74 26.55
N LEU D 174 -22.01 -5.04 25.24
CA LEU D 174 -22.01 -6.41 24.73
C LEU D 174 -20.56 -6.86 24.50
N LYS D 175 -20.25 -8.07 24.97
CA LYS D 175 -18.95 -8.71 24.80
C LYS D 175 -18.78 -9.24 23.38
N ILE D 176 -17.78 -8.73 22.65
CA ILE D 176 -17.55 -9.16 21.27
C ILE D 176 -16.12 -9.66 21.13
N ILE D 177 -15.96 -10.81 20.49
CA ILE D 177 -14.65 -11.37 20.19
C ILE D 177 -14.50 -11.43 18.68
N LEU D 178 -13.45 -10.79 18.18
CA LEU D 178 -12.96 -10.96 16.81
C LEU D 178 -12.11 -12.23 16.79
N GLU D 179 -12.68 -13.29 16.21
CA GLU D 179 -12.00 -14.59 16.23
C GLU D 179 -10.85 -14.62 15.24
N HIS D 180 -9.85 -15.43 15.57
CA HIS D 180 -8.67 -15.67 14.76
C HIS D 180 -8.21 -14.47 13.92
N CYS D 181 -7.67 -13.45 14.58
CA CYS D 181 -7.10 -12.31 13.86
C CYS D 181 -5.93 -12.73 12.99
N THR D 182 -5.86 -12.14 11.81
CA THR D 182 -4.79 -12.47 10.90
C THR D 182 -4.06 -11.26 10.34
N SER D 183 -4.61 -10.06 10.44
CA SER D 183 -4.03 -8.91 9.78
C SER D 183 -3.57 -7.88 10.78
N GLU D 184 -2.54 -7.13 10.40
CA GLU D 184 -2.09 -6.05 11.26
C GLU D 184 -3.21 -5.01 11.45
N SER D 185 -4.01 -4.78 10.42
CA SER D 185 -5.13 -3.85 10.57
C SER D 185 -6.04 -4.25 11.71
N ALA D 186 -6.36 -5.54 11.79
CA ALA D 186 -7.25 -6.02 12.85
C ALA D 186 -6.63 -5.81 14.23
N ILE D 187 -5.32 -6.06 14.38
CA ILE D 187 -4.70 -5.86 15.68
C ILE D 187 -4.82 -4.41 16.09
N LYS D 188 -4.54 -3.48 15.17
CA LYS D 188 -4.61 -2.07 15.51
C LYS D 188 -6.03 -1.67 15.86
N THR D 189 -7.00 -2.18 15.14
CA THR D 189 -8.38 -1.83 15.45
C THR D 189 -8.79 -2.31 16.83
N ILE D 190 -8.33 -3.49 17.24
CA ILE D 190 -8.64 -3.97 18.59
C ILE D 190 -7.95 -3.10 19.64
N GLU D 191 -6.71 -2.69 19.38
CA GLU D 191 -5.97 -1.87 20.35
C GLU D 191 -6.64 -0.52 20.55
N ASP D 192 -7.07 0.12 19.46
CA ASP D 192 -7.66 1.45 19.59
C ASP D 192 -8.98 1.39 20.35
N ILE D 193 -9.72 0.30 20.20
CA ILE D 193 -10.96 0.08 20.93
C ILE D 193 -10.68 0.00 22.42
N ASN D 194 -9.47 -0.40 22.82
CA ASN D 194 -9.15 -0.61 24.23
C ASN D 194 -7.98 0.25 24.76
N LYS D 195 -7.78 1.51 24.32
CA LYS D 195 -6.59 2.34 24.70
C LYS D 195 -6.05 2.74 26.10
N ASN D 196 -6.96 3.24 26.96
CA ASN D 196 -6.88 3.54 28.41
C ASN D 196 -7.55 2.48 29.30
N VAL D 197 -7.84 1.30 28.72
CA VAL D 197 -8.49 0.19 29.48
C VAL D 197 -7.26 -0.04 30.37
N LYS D 198 -7.47 0.05 31.70
CA LYS D 198 -6.58 -0.34 32.83
C LYS D 198 -6.04 -1.77 32.82
N LYS D 199 -6.90 -2.77 33.03
CA LYS D 199 -6.45 -4.19 32.96
C LYS D 199 -7.65 -5.10 32.66
N ALA D 200 -7.94 -6.03 33.58
CA ALA D 200 -9.06 -6.99 33.41
C ALA D 200 -10.38 -6.36 33.89
N THR D 201 -11.49 -7.06 33.69
CA THR D 201 -12.83 -6.57 34.09
C THR D 201 -13.48 -5.46 33.25
N ASP D 202 -12.81 -5.04 32.17
CA ASP D 202 -12.98 -3.75 31.46
C ASP D 202 -12.98 -4.01 29.95
N VAL D 203 -12.18 -4.99 29.50
CA VAL D 203 -12.09 -5.33 28.09
C VAL D 203 -13.46 -5.92 27.77
N LYS D 204 -14.15 -5.39 26.78
CA LYS D 204 -15.39 -5.99 26.32
C LYS D 204 -15.30 -6.43 24.87
N VAL D 205 -14.36 -5.87 24.11
CA VAL D 205 -14.00 -6.33 22.76
C VAL D 205 -12.59 -6.87 22.82
N ALA D 206 -12.46 -8.16 22.52
CA ALA D 206 -11.16 -8.84 22.54
C ALA D 206 -10.99 -9.62 21.23
N ALA D 207 -9.82 -10.25 21.08
CA ALA D 207 -9.54 -11.05 19.90
C ALA D 207 -8.81 -12.33 20.30
N THR D 208 -9.14 -13.42 19.62
CA THR D 208 -8.45 -14.68 19.83
C THR D 208 -7.39 -14.86 18.74
N LEU D 209 -6.27 -15.48 19.11
CA LEU D 209 -5.20 -15.76 18.18
C LEU D 209 -4.93 -17.26 18.17
N THR D 210 -4.81 -17.83 16.98
CA THR D 210 -4.60 -19.26 16.87
C THR D 210 -3.12 -19.61 17.05
N ALA D 211 -2.82 -20.90 17.09
CA ALA D 211 -1.43 -21.33 17.11
C ALA D 211 -0.76 -21.13 15.75
N HIS D 212 -1.45 -21.52 14.67
CA HIS D 212 -0.78 -21.58 13.36
C HIS D 212 -0.53 -20.20 12.77
N HIS D 213 -1.42 -19.23 13.02
CA HIS D 213 -1.17 -17.91 12.48
C HIS D 213 0.03 -17.21 13.14
N LEU D 214 0.56 -17.75 14.23
CA LEU D 214 1.84 -17.28 14.77
C LEU D 214 3.04 -17.90 14.05
N PHE D 215 2.82 -18.90 13.18
CA PHE D 215 3.88 -19.50 12.39
C PHE D 215 3.77 -19.22 10.91
N LEU D 216 2.56 -19.25 10.37
CA LEU D 216 2.32 -19.35 8.94
C LEU D 216 2.27 -17.98 8.27
N THR D 217 2.71 -17.95 7.01
CA THR D 217 2.49 -16.88 6.06
C THR D 217 1.99 -17.50 4.76
N ILE D 218 1.71 -16.65 3.77
CA ILE D 218 1.16 -17.13 2.51
C ILE D 218 2.07 -18.16 1.87
N ASP D 219 3.37 -18.03 2.09
CA ASP D 219 4.33 -18.96 1.52
C ASP D 219 4.18 -20.38 2.05
N ASP D 220 3.63 -20.54 3.25
CA ASP D 220 3.51 -21.85 3.87
C ASP D 220 2.31 -22.61 3.36
N TRP D 221 1.27 -21.93 2.85
CA TRP D 221 0.12 -22.66 2.34
C TRP D 221 -0.02 -22.56 0.83
N ALA D 222 0.78 -21.72 0.18
CA ALA D 222 0.80 -21.71 -1.28
C ALA D 222 1.30 -23.08 -1.75
N GLY D 223 0.43 -23.98 -2.17
CA GLY D 223 0.88 -25.28 -2.57
C GLY D 223 0.93 -26.33 -1.47
N ASN D 224 0.41 -26.01 -0.28
CA ASN D 224 0.32 -26.96 0.84
C ASN D 224 -1.07 -26.81 1.46
N PRO D 225 -2.09 -27.46 0.90
CA PRO D 225 -3.45 -27.33 1.46
C PRO D 225 -3.52 -27.69 2.94
N VAL D 226 -2.54 -28.42 3.46
CA VAL D 226 -2.50 -28.74 4.87
C VAL D 226 -2.49 -27.46 5.71
N ASN D 227 -1.84 -26.38 5.22
CA ASN D 227 -1.79 -25.12 5.93
C ASN D 227 -2.84 -24.13 5.47
N PHE D 228 -3.82 -24.57 4.68
CA PHE D 228 -4.85 -23.67 4.22
C PHE D 228 -5.97 -23.59 5.27
N CYS D 229 -6.34 -22.38 5.63
CA CYS D 229 -7.41 -22.18 6.60
C CYS D 229 -8.09 -20.87 6.28
N LYS D 230 -9.19 -20.59 6.98
CA LYS D 230 -9.83 -19.30 6.86
C LYS D 230 -9.91 -18.66 8.23
N PRO D 231 -9.43 -17.40 8.40
CA PRO D 231 -8.79 -16.59 7.36
C PRO D 231 -7.40 -17.11 7.02
N VAL D 232 -7.01 -16.88 5.78
CA VAL D 232 -5.72 -17.35 5.30
C VAL D 232 -4.61 -16.63 6.06
N ALA D 233 -3.49 -17.33 6.26
CA ALA D 233 -2.28 -16.66 6.75
C ALA D 233 -1.77 -15.69 5.68
N LYS D 234 -1.35 -14.51 6.13
CA LYS D 234 -1.09 -13.40 5.21
C LYS D 234 0.40 -13.10 5.16
N LEU D 235 0.79 -11.83 5.16
CA LEU D 235 2.16 -11.49 4.83
C LEU D 235 3.05 -11.49 6.05
N PRO D 236 4.36 -11.58 5.85
CA PRO D 236 5.28 -11.47 6.99
C PRO D 236 4.98 -10.32 7.94
N ASN D 237 4.54 -9.16 7.43
CA ASN D 237 4.24 -8.06 8.33
C ASN D 237 3.05 -8.36 9.23
N ASP D 238 2.04 -9.02 8.69
CA ASP D 238 0.88 -9.37 9.50
C ASP D 238 1.26 -10.36 10.60
N LYS D 239 2.10 -11.34 10.27
CA LYS D 239 2.51 -12.30 11.28
C LYS D 239 3.25 -11.60 12.42
N LYS D 240 4.06 -10.58 12.10
CA LYS D 240 4.78 -9.87 13.17
C LYS D 240 3.81 -9.24 14.15
N ALA D 241 2.75 -8.60 13.65
CA ALA D 241 1.78 -8.00 14.55
C ALA D 241 1.09 -9.05 15.41
N LEU D 242 0.72 -10.19 14.82
CA LEU D 242 0.06 -11.25 15.56
C LEU D 242 0.97 -11.81 16.65
N VAL D 243 2.26 -11.97 16.33
CA VAL D 243 3.18 -12.48 17.33
C VAL D 243 3.34 -11.46 18.46
N LYS D 244 3.48 -10.16 18.13
CA LYS D 244 3.63 -9.19 19.20
C LYS D 244 2.35 -9.03 20.03
N ALA D 245 1.17 -9.18 19.42
CA ALA D 245 -0.04 -9.07 20.20
C ALA D 245 -0.26 -10.27 21.10
N ALA D 246 0.18 -11.46 20.67
CA ALA D 246 0.02 -12.64 21.50
C ALA D 246 0.93 -12.55 22.73
N VAL D 247 2.16 -12.10 22.54
CA VAL D 247 3.11 -12.04 23.65
C VAL D 247 2.99 -10.69 24.36
N SER D 248 1.97 -9.91 24.01
CA SER D 248 1.90 -8.55 24.53
C SER D 248 1.73 -8.54 26.04
N GLY D 249 0.97 -9.48 26.56
CA GLY D 249 0.52 -9.39 27.92
C GLY D 249 -0.72 -8.55 28.11
N LYS D 250 -1.25 -7.89 27.05
CA LYS D 250 -2.47 -7.13 27.33
C LYS D 250 -3.68 -8.04 27.37
N PRO D 251 -4.70 -7.69 28.16
CA PRO D 251 -5.82 -8.61 28.41
C PRO D 251 -6.87 -8.72 27.31
N TYR D 252 -6.72 -8.01 26.18
CA TYR D 252 -7.72 -8.13 25.12
C TYR D 252 -7.28 -9.09 24.00
N PHE D 253 -6.15 -9.78 24.17
CA PHE D 253 -5.71 -10.87 23.30
C PHE D 253 -5.51 -12.12 24.12
N PHE D 254 -6.24 -13.20 23.77
CA PHE D 254 -6.03 -14.50 24.41
C PHE D 254 -6.25 -15.62 23.38
N PHE D 255 -6.03 -16.86 23.82
CA PHE D 255 -5.85 -18.01 22.93
C PHE D 255 -7.18 -18.55 22.44
N GLY D 256 -7.26 -18.80 21.13
CA GLY D 256 -8.36 -19.51 20.50
C GLY D 256 -7.80 -20.24 19.29
N SER D 257 -7.63 -21.56 19.40
CA SER D 257 -6.79 -22.29 18.45
C SER D 257 -7.41 -22.38 17.07
N ASP D 258 -8.74 -22.28 16.97
CA ASP D 258 -9.47 -22.62 15.76
C ASP D 258 -8.96 -23.93 15.20
N SER D 259 -8.72 -24.89 16.08
CA SER D 259 -8.41 -26.23 15.65
C SER D 259 -9.60 -26.79 14.87
N ALA D 260 -9.38 -27.07 13.58
CA ALA D 260 -10.45 -27.49 12.69
C ALA D 260 -10.08 -28.83 12.06
N PRO D 261 -10.54 -29.95 12.64
CA PRO D 261 -10.16 -31.26 12.11
C PRO D 261 -10.88 -31.54 10.79
N HIS D 262 -10.14 -32.14 9.86
CA HIS D 262 -10.65 -32.66 8.60
C HIS D 262 -9.93 -33.98 8.29
N PRO D 263 -10.65 -34.98 7.80
CA PRO D 263 -9.95 -36.19 7.35
C PRO D 263 -9.03 -35.83 6.21
N VAL D 264 -7.93 -36.57 6.10
CA VAL D 264 -6.87 -36.25 5.14
C VAL D 264 -7.38 -36.15 3.72
N GLN D 265 -8.40 -36.93 3.38
CA GLN D 265 -8.91 -36.89 2.01
C GLN D 265 -9.66 -35.60 1.70
N ASN D 266 -10.02 -34.80 2.70
CA ASN D 266 -10.63 -33.49 2.48
C ASN D 266 -9.59 -32.37 2.33
N LYS D 267 -8.31 -32.67 2.56
CA LYS D 267 -7.26 -31.72 2.27
C LYS D 267 -6.52 -32.02 0.97
N ALA D 268 -6.63 -33.24 0.46
CA ALA D 268 -5.92 -33.62 -0.76
C ALA D 268 -6.89 -33.63 -1.96
N ASN D 269 -7.59 -32.52 -2.18
CA ASN D 269 -8.45 -32.32 -3.35
C ASN D 269 -7.78 -31.42 -4.38
N TYR D 270 -8.10 -31.65 -5.65
CA TYR D 270 -7.58 -30.72 -6.63
C TYR D 270 -8.43 -29.47 -6.75
N GLU D 271 -9.61 -29.45 -6.13
CA GLU D 271 -10.48 -28.30 -6.03
C GLU D 271 -11.32 -28.46 -4.77
N GLY D 272 -11.74 -27.34 -4.21
CA GLY D 272 -12.58 -27.36 -3.02
C GLY D 272 -11.91 -27.92 -1.79
N VAL D 273 -10.62 -27.63 -1.59
CA VAL D 273 -9.92 -28.06 -0.39
C VAL D 273 -10.60 -27.46 0.84
N CYS D 274 -10.80 -28.29 1.86
CA CYS D 274 -11.46 -27.84 3.10
C CYS D 274 -10.53 -26.95 3.91
N ALA D 275 -11.02 -25.77 4.30
CA ALA D 275 -10.23 -24.89 5.15
C ALA D 275 -10.15 -25.43 6.58
N GLY D 276 -9.00 -25.26 7.22
CA GLY D 276 -8.84 -25.76 8.56
C GLY D 276 -7.51 -26.45 8.83
N VAL D 277 -6.93 -26.14 9.99
CA VAL D 277 -5.68 -26.71 10.48
C VAL D 277 -6.01 -27.49 11.76
N TYR D 278 -5.46 -28.69 11.90
CA TYR D 278 -5.64 -29.42 13.15
C TYR D 278 -4.45 -29.18 14.07
N SER D 279 -4.68 -28.57 15.24
CA SER D 279 -3.59 -28.33 16.18
C SER D 279 -3.91 -28.77 17.60
N GLN D 280 -5.08 -29.41 17.83
CA GLN D 280 -5.56 -29.68 19.18
C GLN D 280 -4.62 -30.59 19.97
N SER D 281 -4.04 -31.59 19.32
CA SER D 281 -3.27 -32.58 20.05
C SER D 281 -2.02 -32.01 20.71
N PHE D 282 -1.55 -30.85 20.26
CA PHE D 282 -0.34 -30.26 20.80
C PHE D 282 -0.52 -28.76 20.98
N ALA D 283 -1.75 -28.36 21.33
CA ALA D 283 -2.14 -26.96 21.30
C ALA D 283 -1.21 -26.10 22.14
N ILE D 284 -1.07 -26.44 23.43
CA ILE D 284 -0.25 -25.63 24.33
C ILE D 284 1.23 -25.71 23.95
N PRO D 285 1.81 -26.89 23.70
CA PRO D 285 3.22 -26.88 23.25
C PRO D 285 3.44 -26.05 21.99
N TYR D 286 2.48 -26.02 21.04
CA TYR D 286 2.61 -25.12 19.89
C TYR D 286 2.85 -23.69 20.35
N ILE D 287 2.02 -23.22 21.29
CA ILE D 287 2.08 -21.85 21.81
C ILE D 287 3.38 -21.63 22.57
N ALA D 288 3.83 -22.66 23.30
CA ALA D 288 5.09 -22.55 24.03
C ALA D 288 6.27 -22.29 23.10
N GLN D 289 6.24 -22.84 21.88
CA GLN D 289 7.36 -22.63 20.97
C GLN D 289 7.53 -21.16 20.63
N VAL D 290 6.42 -20.50 20.29
CA VAL D 290 6.49 -19.09 19.91
C VAL D 290 6.94 -18.25 21.10
N PHE D 291 6.31 -18.45 22.25
CA PHE D 291 6.66 -17.66 23.43
C PHE D 291 8.09 -17.92 23.89
N GLU D 292 8.57 -19.16 23.76
CA GLU D 292 9.96 -19.45 24.11
C GLU D 292 10.92 -18.77 23.14
N GLU D 293 10.59 -18.81 21.85
CA GLU D 293 11.40 -18.16 20.82
C GLU D 293 11.37 -16.63 20.94
N GLN D 294 10.38 -16.05 21.62
CA GLN D 294 10.29 -14.61 21.77
C GLN D 294 10.70 -14.09 23.15
N ASN D 295 11.22 -14.95 24.03
CA ASN D 295 11.50 -14.54 25.41
C ASN D 295 10.27 -13.85 26.00
N ALA D 296 9.16 -14.55 25.95
CA ALA D 296 7.93 -13.96 26.48
C ALA D 296 7.20 -14.96 27.35
N LEU D 297 7.93 -15.92 27.92
CA LEU D 297 7.26 -16.96 28.70
C LEU D 297 6.57 -16.38 29.92
N GLU D 298 7.01 -15.22 30.44
CA GLU D 298 6.15 -14.57 31.43
C GLU D 298 4.78 -14.23 30.95
N ASN D 299 4.59 -13.95 29.68
CA ASN D 299 3.23 -13.58 29.32
C ASN D 299 2.41 -14.78 28.89
N LEU D 300 2.98 -15.99 28.93
CA LEU D 300 2.27 -17.14 28.40
C LEU D 300 1.05 -17.48 29.25
N LYS D 301 1.19 -17.38 30.57
CA LYS D 301 0.14 -17.77 31.49
C LYS D 301 -1.13 -16.95 31.27
N GLY D 302 -0.97 -15.66 31.01
CA GLY D 302 -2.13 -14.83 30.74
C GLY D 302 -2.80 -15.17 29.42
N PHE D 303 -1.99 -15.48 28.42
CA PHE D 303 -2.50 -15.77 27.08
C PHE D 303 -3.29 -17.09 27.05
N VAL D 304 -2.88 -18.10 27.82
CA VAL D 304 -3.51 -19.42 27.71
C VAL D 304 -4.57 -19.66 28.78
N SER D 305 -4.66 -18.80 29.80
CA SER D 305 -5.52 -19.04 30.96
C SER D 305 -6.17 -17.78 31.52
N ASP D 306 -5.37 -16.85 32.04
CA ASP D 306 -5.96 -15.76 32.80
C ASP D 306 -6.94 -14.95 31.96
N PHE D 307 -6.50 -14.49 30.79
CA PHE D 307 -7.30 -13.53 30.01
C PHE D 307 -8.54 -14.16 29.42
N GLY D 308 -8.46 -15.44 29.02
CA GLY D 308 -9.64 -16.10 28.50
C GLY D 308 -10.69 -16.34 29.57
N ILE D 309 -10.27 -16.86 30.74
CA ILE D 309 -11.25 -17.07 31.82
C ILE D 309 -11.82 -15.74 32.28
N SER D 310 -10.96 -14.74 32.46
CA SER D 310 -11.41 -13.44 32.92
C SER D 310 -12.45 -12.88 31.97
N PHE D 311 -12.16 -12.91 30.68
CA PHE D 311 -13.10 -12.34 29.71
C PHE D 311 -14.39 -13.14 29.67
N TYR D 312 -14.31 -14.47 29.61
CA TYR D 312 -15.53 -15.28 29.57
C TYR D 312 -16.17 -15.46 30.95
N GLU D 313 -15.53 -14.98 32.02
CA GLU D 313 -16.05 -15.03 33.39
C GLU D 313 -16.43 -16.44 33.80
N VAL D 314 -15.53 -17.37 33.51
CA VAL D 314 -15.73 -18.77 33.99
C VAL D 314 -15.47 -18.72 35.49
N LYS D 315 -16.31 -19.37 36.28
CA LYS D 315 -16.12 -19.51 37.72
C LYS D 315 -15.80 -20.96 38.07
N ASP D 316 -15.13 -21.13 39.22
CA ASP D 316 -14.67 -22.45 39.71
C ASP D 316 -15.83 -23.44 39.82
N SER D 317 -17.07 -22.96 40.01
CA SER D 317 -18.20 -23.85 40.16
C SER D 317 -18.41 -24.75 38.92
N GLU D 318 -18.11 -24.25 37.73
CA GLU D 318 -18.36 -25.00 36.51
C GLU D 318 -17.19 -25.82 35.99
N VAL D 319 -15.97 -25.58 36.46
CA VAL D 319 -14.84 -26.26 35.87
C VAL D 319 -14.99 -27.75 36.14
N ALA D 320 -14.94 -28.56 35.08
CA ALA D 320 -15.23 -29.99 35.16
C ALA D 320 -14.08 -30.80 35.76
N SER D 321 -12.90 -30.22 35.85
CA SER D 321 -11.79 -30.86 36.55
C SER D 321 -10.79 -29.79 36.88
N SER D 322 -10.35 -29.79 38.12
CA SER D 322 -9.50 -28.74 38.57
C SER D 322 -8.02 -29.07 38.42
N ASP D 323 -7.70 -30.16 37.75
CA ASP D 323 -6.31 -30.49 37.51
C ASP D 323 -5.64 -29.35 36.75
N LYS D 324 -4.39 -29.05 37.13
CA LYS D 324 -3.59 -28.00 36.51
C LYS D 324 -2.73 -28.58 35.40
N ALA D 325 -2.67 -27.88 34.26
CA ALA D 325 -1.81 -28.25 33.14
C ALA D 325 -0.40 -27.71 33.40
N ILE D 326 0.59 -28.60 33.45
CA ILE D 326 1.97 -28.22 33.71
C ILE D 326 2.77 -28.42 32.44
N LEU D 327 3.40 -27.36 31.97
CA LEU D 327 4.26 -27.40 30.80
C LEU D 327 5.70 -27.65 31.24
N PHE D 328 6.36 -28.61 30.59
CA PHE D 328 7.74 -28.96 30.95
C PHE D 328 8.56 -29.19 29.70
N LYS D 329 9.85 -28.89 29.80
CA LYS D 329 10.75 -28.83 28.64
C LYS D 329 11.31 -30.22 28.32
N LYS D 330 10.44 -31.09 27.80
CA LYS D 330 10.87 -32.37 27.22
C LYS D 330 10.62 -32.35 25.71
N GLU D 331 11.66 -32.58 24.93
CA GLU D 331 11.54 -32.53 23.47
C GLU D 331 10.72 -33.70 22.94
N GLN D 332 9.82 -33.41 22.00
CA GLN D 332 8.97 -34.41 21.39
C GLN D 332 8.86 -34.13 19.89
N VAL D 333 8.43 -35.15 19.16
CA VAL D 333 8.26 -35.06 17.72
C VAL D 333 6.77 -35.21 17.42
N ILE D 334 6.27 -34.33 16.56
CA ILE D 334 4.87 -34.43 16.14
C ILE D 334 4.76 -35.55 15.11
N PRO D 335 3.80 -36.46 15.27
CA PRO D 335 3.65 -37.55 14.30
C PRO D 335 3.34 -37.03 12.90
N GLN D 336 3.49 -37.92 11.92
CA GLN D 336 3.08 -37.63 10.55
C GLN D 336 1.57 -37.74 10.39
N VAL D 337 0.91 -38.53 11.24
CA VAL D 337 -0.51 -38.75 11.09
C VAL D 337 -1.13 -38.92 12.48
N ILE D 338 -2.40 -38.55 12.60
CA ILE D 338 -3.23 -38.82 13.77
C ILE D 338 -4.40 -39.65 13.28
N SER D 339 -4.46 -40.92 13.67
CA SER D 339 -5.48 -41.82 13.14
C SER D 339 -6.26 -42.49 14.26
N ASP D 340 -7.51 -42.84 13.99
CA ASP D 340 -8.32 -43.64 14.90
C ASP D 340 -8.26 -45.13 14.58
N GLY D 341 -7.33 -45.57 13.73
CA GLY D 341 -7.22 -46.96 13.36
C GLY D 341 -8.39 -47.50 12.57
N LYS D 342 -9.31 -46.65 12.13
CA LYS D 342 -10.48 -47.06 11.37
C LYS D 342 -10.58 -46.31 10.05
N ASP D 343 -11.38 -45.27 10.01
CA ASP D 343 -11.59 -44.55 8.77
C ASP D 343 -10.97 -43.16 8.74
N ILE D 344 -10.45 -42.66 9.86
CA ILE D 344 -10.10 -41.25 9.98
C ILE D 344 -8.60 -41.10 10.20
N SER D 345 -7.97 -40.30 9.33
CA SER D 345 -6.59 -39.91 9.48
C SER D 345 -6.49 -38.39 9.37
N ILE D 346 -5.72 -37.79 10.27
CA ILE D 346 -5.57 -36.33 10.33
C ILE D 346 -4.10 -36.00 10.26
N ILE D 347 -3.75 -35.04 9.41
CA ILE D 347 -2.40 -34.46 9.40
C ILE D 347 -2.38 -33.36 10.46
N PRO D 348 -1.60 -33.50 11.53
CA PRO D 348 -1.52 -32.44 12.53
C PRO D 348 -0.65 -31.30 12.01
N PHE D 349 -0.89 -30.12 12.56
CA PHE D 349 -0.06 -28.96 12.25
C PHE D 349 1.39 -29.29 12.57
N LYS D 350 2.29 -28.86 11.67
CA LYS D 350 3.73 -29.05 11.83
C LYS D 350 4.07 -30.54 11.96
N ALA D 351 3.41 -31.38 11.17
CA ALA D 351 3.65 -32.82 11.26
C ALA D 351 5.10 -33.16 11.00
N GLY D 352 5.68 -33.99 11.88
CA GLY D 352 7.05 -34.41 11.77
C GLY D 352 8.06 -33.49 12.45
N ASP D 353 7.67 -32.29 12.86
CA ASP D 353 8.59 -31.34 13.48
C ASP D 353 8.86 -31.70 14.93
N LYS D 354 9.86 -31.03 15.50
CA LYS D 354 10.24 -31.21 16.88
C LYS D 354 9.72 -30.05 17.70
N LEU D 355 9.22 -30.37 18.90
CA LEU D 355 8.78 -29.37 19.85
C LEU D 355 9.64 -29.48 21.10
N SER D 356 10.00 -28.35 21.68
CA SER D 356 10.82 -28.31 22.87
C SER D 356 10.03 -28.54 24.15
N TRP D 357 8.70 -28.57 24.09
CA TRP D 357 7.89 -28.61 25.29
C TRP D 357 6.89 -29.75 25.21
N SER D 358 6.47 -30.22 26.38
CA SER D 358 5.39 -31.18 26.54
C SER D 358 4.46 -30.69 27.64
N VAL D 359 3.36 -31.39 27.84
CA VAL D 359 2.37 -30.97 28.81
C VAL D 359 1.93 -32.17 29.65
N ARG D 360 1.74 -31.92 30.96
CA ARG D 360 1.34 -32.91 31.94
C ARG D 360 0.18 -32.32 32.75
N TRP D 361 -0.66 -33.18 33.34
CA TRP D 361 -1.74 -32.74 34.22
C TRP D 361 -1.39 -33.10 35.65
N GLU D 362 -1.69 -32.18 36.58
CA GLU D 362 -1.40 -32.34 38.01
C GLU D 362 -2.55 -31.75 38.82
N PRO D 363 -2.89 -32.38 39.95
CA PRO D 363 -4.05 -31.95 40.74
C PRO D 363 -3.78 -30.71 41.62
N ARG D 364 -4.85 -30.15 42.19
CA ARG D 364 -4.73 -28.91 43.01
C ARG D 364 -4.65 -29.24 44.51
N LEU D 365 -3.98 -28.35 45.27
CA LEU D 365 -3.82 -28.45 46.74
C LEU D 365 -3.44 -29.88 47.13
#